data_6SQ8
#
_entry.id   6SQ8
#
_cell.length_a   119.085
_cell.length_b   131.028
_cell.length_c   196.081
_cell.angle_alpha   90.000
_cell.angle_beta   90.000
_cell.angle_gamma   90.000
#
_symmetry.space_group_name_H-M   'P 21 21 21'
#
loop_
_entity.id
_entity.type
_entity.pdbx_description
1 polymer 'Fatty acid CoA ligase'
2 non-polymer '1-ethanoyl-9~{H}-pyrido[3,4-b]indole-3-carboxylic acid'
3 non-polymer 'ADENOSINE MONOPHOSPHATE'
4 water water
#
_entity_poly.entity_id   1
_entity_poly.type   'polypeptide(L)'
_entity_poly.pdbx_seq_one_letter_code
;GPAMGYARRVMDGIGEVAVTGAGGSVTGARLRHQVRLLAHALTEAGIPPGRGVACLHANTWRAIALRLAVQAIGCHYVGL
RPTAAVTEQARAIAAADSAALVFEPSVEARAADLLERVSVPVVLSLGPTSRGRDILAASVPEGTPLRYREHPEGIAVVAF
TSGTTGTPKGVAHSSTAMSACVDAAVSMYGRGPWRFLIPIPLSDLGGELAQCTLATGGTVVLLEEFQPDAVLEAIERERA
THVFLAPNWLYQLAEHPALPRSDLSSLRRVVYGGAPAVPSRVAAARERMGAVLMQNYGTQEAAFIAALTPDDHARRELLT
AVGRPLPHVEVEIRDDSGGTLPRGAVGEVWVRSPMTMSGYWRDPERTAQVLSGGWLRTGDVGTFDEDGHLHLTDRLQDII
IVEAYNVYSRRVEHVLTEHPDVRAAAVVGVPDPDSGEAVCAAVVVADGADPDPEHLRALVRDHLGDLHVPRRVEFVRSIP
VTPAGKPDKVKVRTWFTD
;
_entity_poly.pdbx_strand_id   A,B,C,D,E
#
# COMPACT_ATOMS: atom_id res chain seq x y z
N PRO A 2 -29.77 2.63 -11.25
CA PRO A 2 -30.69 1.47 -11.31
C PRO A 2 -30.31 0.32 -10.34
N ALA A 3 -31.33 -0.23 -9.67
CA ALA A 3 -31.22 -1.20 -8.57
C ALA A 3 -30.57 -2.54 -8.98
N MET A 4 -30.69 -2.90 -10.26
CA MET A 4 -30.08 -4.13 -10.80
C MET A 4 -28.54 -4.01 -10.83
N GLY A 5 -28.01 -2.83 -10.54
CA GLY A 5 -26.59 -2.57 -10.63
C GLY A 5 -25.78 -3.41 -9.65
N TYR A 6 -26.38 -3.66 -8.47
CA TYR A 6 -25.73 -4.43 -7.40
C TYR A 6 -25.53 -5.90 -7.83
N ALA A 7 -26.62 -6.59 -8.12
CA ALA A 7 -26.56 -7.98 -8.54
C ALA A 7 -25.54 -8.13 -9.68
N ARG A 8 -25.56 -7.20 -10.64
CA ARG A 8 -24.65 -7.23 -11.79
C ARG A 8 -23.21 -7.06 -11.30
N ARG A 9 -23.00 -6.18 -10.31
CA ARG A 9 -21.65 -5.93 -9.77
C ARG A 9 -21.07 -7.23 -9.23
N VAL A 10 -21.91 -8.00 -8.53
CA VAL A 10 -21.48 -9.23 -7.91
C VAL A 10 -21.17 -10.25 -9.02
N MET A 11 -22.14 -10.46 -9.92
CA MET A 11 -21.99 -11.34 -11.07
C MET A 11 -20.69 -11.01 -11.83
N ASP A 12 -20.48 -9.71 -12.06
CA ASP A 12 -19.38 -9.21 -12.88
C ASP A 12 -18.05 -9.62 -12.26
N GLY A 13 -17.99 -9.67 -10.93
CA GLY A 13 -16.75 -9.88 -10.17
C GLY A 13 -16.29 -11.34 -10.19
N ILE A 14 -17.23 -12.28 -10.32
CA ILE A 14 -17.00 -13.72 -10.07
C ILE A 14 -15.79 -14.21 -10.87
N GLY A 15 -14.83 -14.83 -10.16
CA GLY A 15 -13.53 -15.25 -10.74
C GLY A 15 -13.53 -16.71 -11.16
N GLU A 16 -12.32 -17.27 -11.34
CA GLU A 16 -12.11 -18.64 -11.85
C GLU A 16 -12.84 -19.64 -10.96
N VAL A 17 -12.55 -19.59 -9.64
CA VAL A 17 -13.17 -20.49 -8.64
C VAL A 17 -13.99 -19.67 -7.64
N ALA A 18 -15.28 -20.00 -7.53
CA ALA A 18 -16.23 -19.18 -6.79
C ALA A 18 -16.44 -19.71 -5.37
N VAL A 19 -16.63 -21.03 -5.20
CA VAL A 19 -16.92 -21.63 -3.91
C VAL A 19 -16.08 -22.90 -3.72
N THR A 20 -15.68 -23.20 -2.48
CA THR A 20 -15.09 -24.47 -2.06
C THR A 20 -15.77 -24.90 -0.76
N GLY A 21 -15.85 -26.21 -0.54
CA GLY A 21 -16.49 -26.76 0.66
C GLY A 21 -16.02 -28.18 0.95
N ALA A 22 -16.91 -28.94 1.60
CA ALA A 22 -16.73 -30.37 1.87
C ALA A 22 -16.56 -31.11 0.52
N GLY A 23 -17.56 -30.98 -0.36
CA GLY A 23 -17.67 -31.72 -1.62
C GLY A 23 -16.58 -31.37 -2.63
N GLY A 24 -15.90 -30.23 -2.44
CA GLY A 24 -14.91 -29.71 -3.39
C GLY A 24 -15.32 -28.37 -3.98
N SER A 25 -14.80 -28.05 -5.17
CA SER A 25 -14.81 -26.71 -5.78
C SER A 25 -15.99 -26.51 -6.75
N VAL A 26 -16.40 -25.25 -6.90
CA VAL A 26 -17.40 -24.80 -7.85
C VAL A 26 -16.82 -23.63 -8.63
N THR A 27 -16.66 -23.80 -9.94
CA THR A 27 -16.06 -22.77 -10.79
C THR A 27 -17.01 -21.57 -10.90
N GLY A 28 -16.40 -20.42 -11.22
CA GLY A 28 -17.18 -19.22 -11.58
C GLY A 28 -18.22 -19.53 -12.64
N ALA A 29 -17.75 -20.24 -13.68
CA ALA A 29 -18.59 -20.67 -14.78
C ALA A 29 -19.84 -21.35 -14.22
N ARG A 30 -19.62 -22.33 -13.34
CA ARG A 30 -20.69 -23.19 -12.91
C ARG A 30 -21.68 -22.42 -12.02
N LEU A 31 -21.16 -21.48 -11.23
CA LEU A 31 -22.01 -20.68 -10.35
C LEU A 31 -22.85 -19.70 -11.18
N ARG A 32 -22.18 -19.04 -12.14
CA ARG A 32 -22.85 -18.11 -13.06
C ARG A 32 -24.04 -18.83 -13.71
N HIS A 33 -23.76 -20.04 -14.23
CA HIS A 33 -24.76 -20.90 -14.84
C HIS A 33 -25.96 -21.12 -13.90
N GLN A 34 -25.68 -21.39 -12.63
CA GLN A 34 -26.74 -21.69 -11.64
C GLN A 34 -27.61 -20.45 -11.37
N VAL A 35 -27.00 -19.26 -11.42
CA VAL A 35 -27.74 -18.04 -11.18
C VAL A 35 -28.74 -17.87 -12.34
N ARG A 36 -28.25 -18.08 -13.57
CA ARG A 36 -29.05 -17.94 -14.77
C ARG A 36 -30.25 -18.88 -14.70
N LEU A 37 -29.95 -20.14 -14.36
CA LEU A 37 -30.91 -21.21 -14.23
C LEU A 37 -32.01 -20.83 -13.22
N LEU A 38 -31.59 -20.49 -12.00
CA LEU A 38 -32.51 -20.19 -10.92
C LEU A 38 -33.30 -18.92 -11.24
N ALA A 39 -32.63 -17.94 -11.86
CA ALA A 39 -33.25 -16.69 -12.24
C ALA A 39 -34.42 -16.98 -13.20
N HIS A 40 -34.13 -17.72 -14.27
CA HIS A 40 -35.13 -18.10 -15.26
C HIS A 40 -36.30 -18.87 -14.60
N ALA A 41 -35.98 -19.86 -13.77
CA ALA A 41 -36.99 -20.69 -13.13
C ALA A 41 -37.94 -19.85 -12.26
N LEU A 42 -37.39 -18.88 -11.52
CA LEU A 42 -38.18 -18.01 -10.60
C LEU A 42 -39.05 -17.05 -11.41
N THR A 43 -38.48 -16.52 -12.50
CA THR A 43 -39.17 -15.65 -13.44
C THR A 43 -40.39 -16.41 -13.98
N GLU A 44 -40.13 -17.60 -14.55
CA GLU A 44 -41.14 -18.45 -15.20
C GLU A 44 -42.25 -18.85 -14.22
N ALA A 45 -41.93 -18.94 -12.93
CA ALA A 45 -42.90 -19.39 -11.92
C ALA A 45 -43.89 -18.28 -11.56
N GLY A 46 -43.72 -17.08 -12.15
CA GLY A 46 -44.67 -15.96 -12.02
C GLY A 46 -44.47 -15.07 -10.80
N ILE A 47 -43.25 -15.09 -10.24
CA ILE A 47 -42.82 -14.21 -9.18
C ILE A 47 -42.57 -12.83 -9.77
N PRO A 48 -43.37 -11.79 -9.40
CA PRO A 48 -43.19 -10.44 -9.93
C PRO A 48 -42.15 -9.60 -9.18
N PRO A 49 -41.50 -8.63 -9.86
CA PRO A 49 -40.48 -7.77 -9.26
C PRO A 49 -40.66 -7.13 -7.87
N GLY A 50 -41.82 -6.60 -7.54
CA GLY A 50 -41.91 -5.83 -6.29
C GLY A 50 -41.80 -6.65 -5.00
N ARG A 51 -41.86 -7.98 -5.11
CA ARG A 51 -42.22 -8.84 -3.97
C ARG A 51 -40.98 -9.60 -3.45
N GLY A 52 -41.12 -10.20 -2.27
CA GLY A 52 -40.05 -10.93 -1.60
C GLY A 52 -40.02 -12.40 -2.00
N VAL A 53 -38.82 -12.99 -1.97
CA VAL A 53 -38.64 -14.43 -2.08
C VAL A 53 -38.03 -14.94 -0.77
N ALA A 54 -38.84 -15.62 0.04
CA ALA A 54 -38.40 -16.23 1.29
C ALA A 54 -37.54 -17.47 0.98
N CYS A 55 -36.35 -17.56 1.61
CA CYS A 55 -35.42 -18.58 1.31
C CYS A 55 -34.96 -19.27 2.58
N LEU A 56 -35.12 -20.61 2.58
CA LEU A 56 -34.81 -21.49 3.70
C LEU A 56 -33.75 -22.50 3.23
N HIS A 57 -32.53 -22.36 3.75
CA HIS A 57 -31.42 -23.17 3.28
C HIS A 57 -30.34 -23.28 4.35
N ALA A 58 -29.40 -24.20 4.12
CA ALA A 58 -28.20 -24.34 4.91
C ALA A 58 -27.09 -23.51 4.26
N ASN A 59 -25.84 -23.68 4.70
CA ASN A 59 -24.71 -23.01 4.10
C ASN A 59 -24.22 -23.83 2.92
N THR A 60 -24.91 -23.73 1.78
CA THR A 60 -24.59 -24.47 0.54
C THR A 60 -24.27 -23.49 -0.59
N TRP A 61 -23.50 -23.94 -1.59
CA TRP A 61 -23.10 -23.05 -2.65
C TRP A 61 -24.30 -22.64 -3.51
N ARG A 62 -25.31 -23.49 -3.60
CA ARG A 62 -26.49 -23.17 -4.38
C ARG A 62 -27.27 -22.02 -3.71
N ALA A 63 -27.18 -21.91 -2.39
CA ALA A 63 -27.90 -20.88 -1.67
C ALA A 63 -27.30 -19.49 -1.96
N ILE A 64 -26.00 -19.48 -2.30
CA ILE A 64 -25.28 -18.29 -2.72
C ILE A 64 -25.87 -17.79 -4.04
N ALA A 65 -26.04 -18.73 -4.99
CA ALA A 65 -26.65 -18.51 -6.30
C ALA A 65 -28.09 -18.02 -6.14
N LEU A 66 -28.83 -18.61 -5.19
CA LEU A 66 -30.25 -18.32 -5.05
C LEU A 66 -30.43 -16.84 -4.69
N ARG A 67 -29.63 -16.34 -3.75
CA ARG A 67 -29.79 -14.96 -3.26
C ARG A 67 -29.55 -14.00 -4.44
N LEU A 68 -28.49 -14.29 -5.20
CA LEU A 68 -28.06 -13.49 -6.29
C LEU A 68 -29.13 -13.50 -7.38
N ALA A 69 -29.74 -14.67 -7.60
CA ALA A 69 -30.82 -14.82 -8.58
C ALA A 69 -32.05 -14.02 -8.16
N VAL A 70 -32.46 -14.14 -6.89
CA VAL A 70 -33.60 -13.41 -6.37
C VAL A 70 -33.40 -11.90 -6.58
N GLN A 71 -32.16 -11.43 -6.40
CA GLN A 71 -31.84 -10.00 -6.48
C GLN A 71 -31.78 -9.57 -7.96
N ALA A 72 -31.15 -10.41 -8.79
CA ALA A 72 -31.03 -10.18 -10.24
C ALA A 72 -32.41 -9.98 -10.88
N ILE A 73 -33.41 -10.77 -10.46
CA ILE A 73 -34.76 -10.73 -11.06
C ILE A 73 -35.61 -9.65 -10.36
N GLY A 74 -34.95 -8.67 -9.73
CA GLY A 74 -35.64 -7.50 -9.20
C GLY A 74 -36.52 -7.82 -7.99
N CYS A 75 -36.29 -8.93 -7.31
CA CYS A 75 -36.98 -9.24 -6.05
C CYS A 75 -36.07 -8.94 -4.84
N HIS A 76 -36.67 -8.93 -3.64
CA HIS A 76 -35.91 -8.76 -2.42
C HIS A 76 -35.82 -10.09 -1.65
N TYR A 77 -34.57 -10.48 -1.35
CA TYR A 77 -34.25 -11.68 -0.61
C TYR A 77 -34.68 -11.56 0.86
N VAL A 78 -35.36 -12.60 1.34
CA VAL A 78 -35.76 -12.73 2.74
C VAL A 78 -35.19 -14.05 3.27
N GLY A 79 -33.98 -13.99 3.85
CA GLY A 79 -33.30 -15.14 4.39
C GLY A 79 -33.89 -15.58 5.72
N LEU A 80 -34.47 -16.78 5.73
CA LEU A 80 -35.05 -17.36 6.92
C LEU A 80 -33.95 -18.01 7.77
N ARG A 81 -33.73 -17.38 8.93
CA ARG A 81 -32.67 -17.70 9.87
C ARG A 81 -32.85 -19.13 10.39
N PRO A 82 -31.80 -19.99 10.39
CA PRO A 82 -31.92 -21.34 10.93
C PRO A 82 -32.19 -21.44 12.45
N THR A 83 -31.65 -20.49 13.22
CA THR A 83 -31.82 -20.47 14.69
C THR A 83 -33.22 -19.98 15.11
N ALA A 84 -33.96 -19.34 14.19
CA ALA A 84 -35.24 -18.73 14.54
C ALA A 84 -36.31 -19.82 14.70
N ALA A 85 -37.29 -19.53 15.57
CA ALA A 85 -38.43 -20.38 15.82
C ALA A 85 -39.35 -20.36 14.60
N VAL A 86 -40.15 -21.42 14.47
CA VAL A 86 -41.06 -21.59 13.33
C VAL A 86 -42.07 -20.43 13.28
N THR A 87 -42.52 -19.96 14.45
CA THR A 87 -43.57 -18.91 14.50
C THR A 87 -42.98 -17.56 14.04
N GLU A 88 -41.72 -17.26 14.44
CA GLU A 88 -40.98 -16.04 14.01
C GLU A 88 -40.71 -16.09 12.50
N GLN A 89 -40.22 -17.22 11.99
CA GLN A 89 -39.95 -17.42 10.55
C GLN A 89 -41.24 -17.19 9.75
N ALA A 90 -42.35 -17.76 10.25
CA ALA A 90 -43.65 -17.74 9.56
C ALA A 90 -44.19 -16.30 9.48
N ARG A 91 -44.10 -15.55 10.59
CA ARG A 91 -44.51 -14.14 10.64
C ARG A 91 -43.71 -13.34 9.61
N ALA A 92 -42.41 -13.68 9.48
CA ALA A 92 -41.49 -13.00 8.57
C ALA A 92 -41.93 -13.19 7.12
N ILE A 93 -42.37 -14.40 6.78
CA ILE A 93 -42.77 -14.69 5.40
C ILE A 93 -43.94 -13.77 5.03
N ALA A 94 -44.91 -13.64 5.94
CA ALA A 94 -46.15 -12.88 5.71
C ALA A 94 -45.84 -11.39 5.57
N ALA A 95 -45.07 -10.87 6.53
CA ALA A 95 -44.81 -9.44 6.69
C ALA A 95 -43.95 -8.91 5.53
N ALA A 96 -43.17 -9.79 4.90
CA ALA A 96 -42.20 -9.37 3.88
C ALA A 96 -42.83 -9.33 2.49
N ASP A 97 -44.11 -9.70 2.40
CA ASP A 97 -44.87 -9.77 1.13
C ASP A 97 -44.19 -10.78 0.20
N SER A 98 -44.03 -12.01 0.70
CA SER A 98 -43.32 -13.08 -0.01
C SER A 98 -44.23 -13.65 -1.11
N ALA A 99 -43.69 -13.68 -2.33
CA ALA A 99 -44.38 -14.25 -3.48
C ALA A 99 -43.99 -15.73 -3.68
N ALA A 100 -43.06 -16.22 -2.85
CA ALA A 100 -42.52 -17.54 -3.00
C ALA A 100 -41.79 -17.96 -1.72
N LEU A 101 -41.73 -19.27 -1.49
CA LEU A 101 -40.83 -19.89 -0.52
C LEU A 101 -39.96 -20.88 -1.27
N VAL A 102 -38.66 -20.61 -1.38
CA VAL A 102 -37.69 -21.54 -1.93
C VAL A 102 -36.97 -22.19 -0.76
N PHE A 103 -36.88 -23.53 -0.78
CA PHE A 103 -36.24 -24.24 0.32
C PHE A 103 -35.40 -25.40 -0.21
N GLU A 104 -34.51 -25.90 0.64
CA GLU A 104 -33.62 -27.02 0.31
C GLU A 104 -34.22 -28.30 0.89
N PRO A 105 -33.98 -29.49 0.26
CA PRO A 105 -34.47 -30.76 0.79
C PRO A 105 -34.20 -30.97 2.27
N SER A 106 -32.97 -30.66 2.71
CA SER A 106 -32.50 -30.94 4.07
C SER A 106 -33.39 -30.27 5.13
N VAL A 107 -34.23 -29.29 4.75
CA VAL A 107 -35.05 -28.53 5.72
C VAL A 107 -36.53 -28.57 5.31
N GLU A 108 -36.93 -29.60 4.57
CA GLU A 108 -38.32 -29.84 4.13
C GLU A 108 -39.26 -29.92 5.35
N ALA A 109 -38.80 -30.57 6.42
CA ALA A 109 -39.56 -30.67 7.65
C ALA A 109 -40.03 -29.27 8.09
N ARG A 110 -39.08 -28.34 8.17
CA ARG A 110 -39.36 -26.97 8.61
C ARG A 110 -40.23 -26.25 7.56
N ALA A 111 -39.98 -26.52 6.28
CA ALA A 111 -40.74 -25.88 5.21
C ALA A 111 -42.24 -26.24 5.34
N ALA A 112 -42.50 -27.53 5.59
CA ALA A 112 -43.85 -28.04 5.74
C ALA A 112 -44.51 -27.37 6.97
N ASP A 113 -43.81 -27.44 8.10
CA ASP A 113 -44.18 -26.78 9.34
C ASP A 113 -44.63 -25.34 9.06
N LEU A 114 -43.81 -24.60 8.29
CA LEU A 114 -44.05 -23.19 7.96
C LEU A 114 -45.36 -23.05 7.18
N LEU A 115 -45.58 -23.95 6.22
CA LEU A 115 -46.66 -23.83 5.23
C LEU A 115 -48.02 -24.19 5.86
N GLU A 116 -48.00 -24.92 6.97
CA GLU A 116 -49.21 -25.14 7.79
C GLU A 116 -49.64 -23.80 8.39
N ARG A 117 -48.68 -22.92 8.70
CA ARG A 117 -48.92 -21.67 9.48
C ARG A 117 -49.23 -20.48 8.57
N VAL A 118 -48.71 -20.47 7.34
CA VAL A 118 -48.85 -19.30 6.47
C VAL A 118 -48.97 -19.77 5.01
N SER A 119 -49.79 -19.08 4.22
CA SER A 119 -50.05 -19.43 2.83
C SER A 119 -49.11 -18.62 1.93
N VAL A 120 -48.79 -19.14 0.75
CA VAL A 120 -47.80 -18.54 -0.16
C VAL A 120 -48.13 -18.97 -1.58
N PRO A 121 -48.20 -18.04 -2.56
CA PRO A 121 -48.50 -18.38 -3.95
C PRO A 121 -47.71 -19.54 -4.58
N VAL A 122 -46.38 -19.49 -4.45
CA VAL A 122 -45.49 -20.40 -5.16
C VAL A 122 -44.54 -21.04 -4.13
N VAL A 123 -44.34 -22.34 -4.22
CA VAL A 123 -43.48 -23.08 -3.33
C VAL A 123 -42.52 -23.91 -4.18
N LEU A 124 -41.23 -23.55 -4.12
CA LEU A 124 -40.16 -24.13 -4.95
C LEU A 124 -39.06 -24.73 -4.08
N SER A 125 -38.29 -25.67 -4.64
CA SER A 125 -37.27 -26.38 -3.88
C SER A 125 -36.02 -26.56 -4.72
N LEU A 126 -34.87 -26.50 -4.06
CA LEU A 126 -33.58 -26.72 -4.69
C LEU A 126 -33.30 -28.22 -4.70
N GLY A 127 -33.88 -28.91 -5.68
CA GLY A 127 -33.77 -30.35 -5.83
C GLY A 127 -35.11 -31.03 -5.52
N PRO A 128 -35.27 -32.33 -5.84
CA PRO A 128 -36.55 -33.02 -5.76
C PRO A 128 -37.08 -33.05 -4.32
N THR A 129 -38.39 -32.79 -4.16
CA THR A 129 -38.99 -32.74 -2.84
C THR A 129 -40.51 -32.93 -2.95
N SER A 130 -41.12 -33.31 -1.82
CA SER A 130 -42.53 -33.61 -1.71
C SER A 130 -43.37 -32.34 -1.71
N ARG A 131 -43.04 -31.38 -0.81
CA ARG A 131 -43.91 -30.21 -0.52
C ARG A 131 -43.74 -29.09 -1.57
N GLY A 132 -42.81 -29.19 -2.53
CA GLY A 132 -42.53 -28.10 -3.52
C GLY A 132 -42.02 -28.57 -4.89
N ARG A 133 -42.07 -27.66 -5.88
CA ARG A 133 -41.68 -27.87 -7.29
C ARG A 133 -40.17 -27.66 -7.45
N ASP A 134 -39.48 -28.63 -8.05
CA ASP A 134 -38.01 -28.66 -8.12
C ASP A 134 -37.51 -27.72 -9.23
N ILE A 135 -36.98 -26.56 -8.84
CA ILE A 135 -36.40 -25.58 -9.76
C ILE A 135 -35.27 -26.17 -10.62
N LEU A 136 -34.49 -27.12 -10.11
CA LEU A 136 -33.27 -27.62 -10.81
C LEU A 136 -33.56 -28.62 -11.94
N ALA A 137 -34.27 -28.23 -13.02
CA ALA A 137 -34.61 -29.14 -14.17
C ALA A 137 -35.09 -28.37 -15.40
N THR A 144 -29.14 -19.24 -22.75
CA THR A 144 -30.03 -18.22 -22.11
C THR A 144 -29.19 -17.32 -21.20
N PRO A 145 -29.20 -15.98 -21.40
CA PRO A 145 -28.44 -15.06 -20.55
C PRO A 145 -29.26 -14.64 -19.32
N LEU A 146 -28.59 -14.04 -18.31
CA LEU A 146 -29.27 -13.60 -17.13
C LEU A 146 -30.13 -12.37 -17.48
N ARG A 147 -31.43 -12.48 -17.18
CA ARG A 147 -32.40 -11.48 -17.58
C ARG A 147 -32.80 -10.72 -16.30
N TYR A 148 -32.19 -9.54 -16.11
CA TYR A 148 -32.45 -8.71 -14.90
C TYR A 148 -33.79 -7.97 -15.01
N ARG A 149 -34.47 -7.81 -13.90
CA ARG A 149 -35.61 -6.91 -13.75
C ARG A 149 -35.30 -5.97 -12.56
N GLU A 150 -36.01 -4.85 -12.48
CA GLU A 150 -35.80 -3.81 -11.49
C GLU A 150 -36.83 -3.92 -10.37
N HIS A 151 -36.35 -3.94 -9.11
CA HIS A 151 -37.24 -3.78 -7.98
C HIS A 151 -37.83 -2.37 -8.04
N PRO A 152 -39.17 -2.20 -8.06
CA PRO A 152 -39.78 -0.87 -8.09
C PRO A 152 -39.23 0.09 -7.03
N GLU A 153 -38.88 -0.41 -5.83
CA GLU A 153 -38.43 0.47 -4.73
C GLU A 153 -36.96 0.19 -4.36
N GLY A 154 -36.24 -0.52 -5.22
CA GLY A 154 -34.77 -0.64 -5.14
C GLY A 154 -34.26 -1.48 -3.97
N ILE A 155 -35.09 -2.37 -3.44
CA ILE A 155 -34.78 -3.17 -2.26
C ILE A 155 -34.11 -4.48 -2.68
N ALA A 156 -33.00 -4.79 -2.01
CA ALA A 156 -32.20 -5.99 -2.28
C ALA A 156 -32.51 -7.07 -1.24
N VAL A 157 -32.70 -6.64 0.01
CA VAL A 157 -32.84 -7.54 1.16
C VAL A 157 -33.87 -6.96 2.14
N VAL A 158 -34.68 -7.87 2.69
CA VAL A 158 -35.40 -7.59 3.93
C VAL A 158 -35.05 -8.67 4.94
N ALA A 159 -34.60 -8.24 6.12
CA ALA A 159 -34.09 -9.09 7.17
C ALA A 159 -34.77 -8.67 8.47
N PHE A 160 -35.28 -9.66 9.21
CA PHE A 160 -36.14 -9.38 10.35
C PHE A 160 -35.34 -9.36 11.67
N THR A 161 -35.67 -8.35 12.48
CA THR A 161 -35.28 -8.11 13.85
C THR A 161 -35.76 -9.31 14.67
N GLY A 166 -38.92 -7.03 21.62
CA GLY A 166 -40.34 -6.74 21.42
C GLY A 166 -40.97 -7.56 20.28
N THR A 167 -41.09 -6.96 19.08
CA THR A 167 -41.84 -7.54 17.93
C THR A 167 -41.02 -7.36 16.64
N PRO A 168 -40.86 -8.42 15.81
CA PRO A 168 -40.06 -8.37 14.57
C PRO A 168 -40.42 -7.35 13.45
N LYS A 169 -39.55 -6.35 13.29
CA LYS A 169 -39.59 -5.39 12.18
C LYS A 169 -38.73 -5.92 11.03
N GLY A 170 -39.11 -5.63 9.79
CA GLY A 170 -38.33 -6.02 8.61
C GLY A 170 -37.44 -4.88 8.14
N VAL A 171 -36.12 -5.04 8.31
CA VAL A 171 -35.16 -4.05 7.86
C VAL A 171 -35.00 -4.18 6.34
N ALA A 172 -35.33 -3.12 5.61
CA ALA A 172 -35.20 -3.08 4.16
C ALA A 172 -33.90 -2.36 3.79
N HIS A 173 -33.03 -3.07 3.07
CA HIS A 173 -31.77 -2.51 2.58
C HIS A 173 -31.81 -2.35 1.06
N SER A 174 -31.39 -1.17 0.60
CA SER A 174 -31.41 -0.84 -0.80
C SER A 174 -30.28 -1.58 -1.52
N SER A 175 -30.44 -1.72 -2.84
CA SER A 175 -29.38 -2.25 -3.69
C SER A 175 -28.15 -1.34 -3.60
N THR A 176 -28.37 -0.03 -3.41
CA THR A 176 -27.28 0.93 -3.31
C THR A 176 -26.48 0.68 -2.03
N ALA A 177 -27.21 0.49 -0.94
CA ALA A 177 -26.63 0.25 0.35
C ALA A 177 -25.75 -1.02 0.33
N MET A 178 -26.24 -2.08 -0.32
CA MET A 178 -25.49 -3.35 -0.38
C MET A 178 -24.25 -3.19 -1.25
N SER A 179 -24.33 -2.33 -2.28
CA SER A 179 -23.17 -2.01 -3.09
C SER A 179 -22.12 -1.27 -2.24
N ALA A 180 -22.57 -0.34 -1.39
CA ALA A 180 -21.68 0.41 -0.52
C ALA A 180 -20.95 -0.55 0.43
N CYS A 181 -21.65 -1.60 0.88
CA CYS A 181 -21.08 -2.60 1.77
C CYS A 181 -19.88 -3.30 1.13
N VAL A 182 -19.90 -3.46 -0.19
CA VAL A 182 -18.74 -4.07 -0.85
C VAL A 182 -17.52 -3.16 -0.68
N ASP A 183 -17.74 -1.85 -0.84
CA ASP A 183 -16.66 -0.86 -0.76
C ASP A 183 -16.10 -0.80 0.68
N ALA A 184 -17.02 -0.85 1.65
CA ALA A 184 -16.68 -0.95 3.05
C ALA A 184 -15.86 -2.22 3.31
N ALA A 185 -16.36 -3.36 2.83
CA ALA A 185 -15.66 -4.64 3.02
C ALA A 185 -14.23 -4.53 2.48
N VAL A 186 -14.05 -3.93 1.31
CA VAL A 186 -12.71 -3.78 0.70
C VAL A 186 -11.85 -2.91 1.60
N SER A 187 -12.45 -1.87 2.14
CA SER A 187 -11.71 -0.91 2.93
C SER A 187 -11.24 -1.57 4.24
N MET A 188 -12.03 -2.49 4.79
CA MET A 188 -11.69 -3.23 6.02
C MET A 188 -10.71 -4.38 5.74
N TYR A 189 -10.99 -5.16 4.68
CA TYR A 189 -10.47 -6.53 4.55
C TYR A 189 -9.28 -6.63 3.58
N GLY A 190 -8.95 -5.54 2.87
CA GLY A 190 -7.91 -5.54 1.84
C GLY A 190 -8.51 -5.64 0.45
N ARG A 191 -7.70 -5.36 -0.58
CA ARG A 191 -8.07 -5.74 -1.94
C ARG A 191 -8.05 -7.27 -1.98
N GLY A 192 -8.96 -7.82 -2.78
CA GLY A 192 -9.03 -9.24 -3.05
C GLY A 192 -8.12 -9.62 -4.21
N PRO A 193 -8.15 -10.87 -4.63
CA PRO A 193 -9.08 -11.88 -4.12
C PRO A 193 -8.79 -12.38 -2.69
N TRP A 194 -9.88 -12.64 -1.95
CA TRP A 194 -9.94 -13.26 -0.66
C TRP A 194 -10.32 -14.74 -0.84
N ARG A 195 -9.76 -15.61 0.01
CA ARG A 195 -10.32 -16.93 0.27
C ARG A 195 -11.01 -16.84 1.63
N PHE A 196 -12.32 -16.60 1.60
CA PHE A 196 -13.07 -16.14 2.77
C PHE A 196 -13.91 -17.29 3.31
N LEU A 197 -13.56 -17.71 4.55
CA LEU A 197 -14.20 -18.79 5.25
C LEU A 197 -15.45 -18.23 5.94
N ILE A 198 -16.60 -18.82 5.63
CA ILE A 198 -17.84 -18.33 6.16
C ILE A 198 -18.57 -19.47 6.87
N PRO A 199 -18.42 -19.55 8.20
CA PRO A 199 -19.18 -20.50 9.01
C PRO A 199 -20.43 -19.90 9.68
N ILE A 200 -20.72 -18.63 9.44
CA ILE A 200 -21.94 -18.03 9.94
C ILE A 200 -23.02 -18.25 8.88
N PRO A 201 -24.33 -18.25 9.24
CA PRO A 201 -25.38 -18.60 8.31
C PRO A 201 -25.43 -17.66 7.10
N LEU A 202 -25.64 -18.23 5.91
CA LEU A 202 -25.79 -17.49 4.65
C LEU A 202 -27.08 -16.67 4.62
N SER A 203 -27.99 -16.90 5.57
CA SER A 203 -29.26 -16.20 5.61
C SER A 203 -29.11 -14.72 6.01
N ASP A 204 -28.00 -14.35 6.70
CA ASP A 204 -27.79 -12.95 7.17
C ASP A 204 -26.40 -12.45 6.75
N LEU A 205 -25.61 -11.92 7.67
CA LEU A 205 -24.35 -11.27 7.31
C LEU A 205 -23.48 -12.22 6.46
N GLY A 206 -23.50 -13.51 6.79
CA GLY A 206 -22.73 -14.52 6.04
C GLY A 206 -22.95 -14.42 4.53
N GLY A 207 -24.20 -14.26 4.14
CA GLY A 207 -24.59 -14.18 2.75
C GLY A 207 -24.13 -12.91 2.06
N GLU A 208 -24.08 -11.79 2.80
CA GLU A 208 -23.56 -10.54 2.28
C GLU A 208 -22.04 -10.64 2.11
N LEU A 209 -21.36 -11.30 3.06
CA LEU A 209 -19.91 -11.45 2.97
C LEU A 209 -19.56 -12.32 1.77
N ALA A 210 -20.41 -13.32 1.48
CA ALA A 210 -20.19 -14.17 0.32
C ALA A 210 -20.26 -13.31 -0.95
N GLN A 211 -21.24 -12.41 -1.00
CA GLN A 211 -21.42 -11.52 -2.16
C GLN A 211 -20.21 -10.57 -2.29
N CYS A 212 -19.77 -9.98 -1.16
CA CYS A 212 -18.57 -9.15 -1.16
C CYS A 212 -17.38 -9.95 -1.71
N THR A 213 -17.25 -11.20 -1.28
CA THR A 213 -16.15 -12.06 -1.67
C THR A 213 -16.21 -12.32 -3.18
N LEU A 214 -17.40 -12.64 -3.68
CA LEU A 214 -17.55 -12.92 -5.11
C LEU A 214 -17.24 -11.67 -5.92
N ALA A 215 -17.77 -10.53 -5.50
CA ALA A 215 -17.72 -9.29 -6.27
C ALA A 215 -16.29 -8.79 -6.44
N THR A 216 -15.41 -9.18 -5.52
CA THR A 216 -14.02 -8.72 -5.48
C THR A 216 -13.10 -9.77 -6.10
N GLY A 217 -13.69 -10.83 -6.67
CA GLY A 217 -12.96 -11.78 -7.49
C GLY A 217 -12.41 -12.95 -6.70
N GLY A 218 -12.91 -13.12 -5.47
CA GLY A 218 -12.40 -14.13 -4.56
C GLY A 218 -13.20 -15.41 -4.59
N THR A 219 -12.86 -16.28 -3.63
CA THR A 219 -13.48 -17.59 -3.45
C THR A 219 -14.10 -17.66 -2.05
N VAL A 220 -15.39 -18.01 -1.99
CA VAL A 220 -16.06 -18.30 -0.74
C VAL A 220 -15.72 -19.72 -0.34
N VAL A 221 -15.42 -19.93 0.94
CA VAL A 221 -15.17 -21.24 1.52
C VAL A 221 -16.26 -21.47 2.58
N LEU A 222 -17.13 -22.47 2.38
CA LEU A 222 -18.32 -22.66 3.21
C LEU A 222 -18.10 -23.75 4.26
N LEU A 223 -18.57 -23.49 5.47
CA LEU A 223 -18.80 -24.52 6.47
C LEU A 223 -20.25 -24.42 6.93
N GLU A 224 -20.82 -25.58 7.27
CA GLU A 224 -22.19 -25.66 7.75
C GLU A 224 -22.32 -25.05 9.17
N GLU A 225 -21.32 -25.30 10.02
CA GLU A 225 -21.33 -24.78 11.41
C GLU A 225 -19.90 -24.45 11.85
N PHE A 226 -19.78 -23.90 13.06
CA PHE A 226 -18.48 -23.63 13.66
C PHE A 226 -18.08 -24.80 14.57
N GLN A 227 -16.93 -25.41 14.27
CA GLN A 227 -16.16 -26.24 15.19
C GLN A 227 -14.71 -25.78 15.12
N PRO A 228 -14.00 -25.60 16.24
CA PRO A 228 -12.64 -25.04 16.20
C PRO A 228 -11.69 -25.89 15.34
N ASP A 229 -11.77 -27.22 15.49
CA ASP A 229 -10.90 -28.18 14.79
C ASP A 229 -11.09 -27.96 13.28
N ALA A 230 -12.36 -27.91 12.86
CA ALA A 230 -12.76 -27.84 11.44
C ALA A 230 -12.27 -26.54 10.80
N VAL A 231 -12.45 -25.42 11.52
CA VAL A 231 -12.04 -24.10 11.05
C VAL A 231 -10.52 -24.05 10.88
N LEU A 232 -9.82 -24.55 11.88
CA LEU A 232 -8.35 -24.67 11.84
C LEU A 232 -7.93 -25.45 10.59
N GLU A 233 -8.57 -26.62 10.39
CA GLU A 233 -8.24 -27.53 9.30
C GLU A 233 -8.52 -26.79 7.98
N ALA A 234 -9.69 -26.17 7.89
CA ALA A 234 -10.13 -25.47 6.68
C ALA A 234 -9.17 -24.34 6.33
N ILE A 235 -8.73 -23.58 7.33
CA ILE A 235 -7.86 -22.46 7.07
C ILE A 235 -6.57 -22.95 6.42
N GLU A 236 -6.01 -24.05 6.94
CA GLU A 236 -4.73 -24.56 6.47
C GLU A 236 -4.90 -25.21 5.09
N ARG A 237 -5.91 -26.07 4.97
CA ARG A 237 -6.17 -26.88 3.77
C ARG A 237 -6.53 -25.99 2.56
N GLU A 238 -7.40 -24.99 2.75
CA GLU A 238 -7.86 -24.10 1.66
C GLU A 238 -7.02 -22.81 1.62
N ARG A 239 -6.03 -22.69 2.50
CA ARG A 239 -5.20 -21.51 2.62
C ARG A 239 -6.09 -20.25 2.67
N ALA A 240 -7.11 -20.28 3.54
CA ALA A 240 -8.06 -19.19 3.70
C ALA A 240 -7.34 -17.92 4.18
N THR A 241 -7.76 -16.79 3.64
CA THR A 241 -7.18 -15.49 3.94
C THR A 241 -8.05 -14.72 4.94
N HIS A 242 -9.35 -15.00 4.93
CA HIS A 242 -10.29 -14.32 5.75
C HIS A 242 -11.24 -15.33 6.38
N VAL A 243 -11.76 -14.98 7.54
CA VAL A 243 -12.82 -15.73 8.21
C VAL A 243 -13.60 -14.75 9.08
N PHE A 244 -14.89 -15.01 9.24
CA PHE A 244 -15.73 -14.28 10.15
C PHE A 244 -16.27 -15.22 11.23
N LEU A 245 -16.13 -14.78 12.49
CA LEU A 245 -16.49 -15.54 13.67
C LEU A 245 -17.32 -14.68 14.61
N ALA A 246 -18.25 -15.31 15.33
CA ALA A 246 -18.83 -14.73 16.54
C ALA A 246 -17.74 -14.64 17.58
N PRO A 247 -17.77 -13.63 18.48
CA PRO A 247 -16.71 -13.48 19.48
C PRO A 247 -16.40 -14.76 20.27
N ASN A 248 -17.43 -15.50 20.70
CA ASN A 248 -17.20 -16.71 21.49
C ASN A 248 -16.38 -17.72 20.67
N TRP A 249 -16.62 -17.74 19.35
CA TRP A 249 -15.92 -18.65 18.44
C TRP A 249 -14.44 -18.25 18.34
N LEU A 250 -14.18 -16.94 18.32
CA LEU A 250 -12.83 -16.46 18.33
C LEU A 250 -12.12 -17.06 19.52
N TYR A 251 -12.72 -16.91 20.71
CA TYR A 251 -12.06 -17.37 21.93
C TYR A 251 -11.81 -18.88 21.83
N GLN A 252 -12.80 -19.65 21.38
CA GLN A 252 -12.67 -21.11 21.26
C GLN A 252 -11.53 -21.47 20.30
N LEU A 253 -11.41 -20.74 19.19
CA LEU A 253 -10.39 -21.02 18.19
C LEU A 253 -9.01 -20.68 18.77
N ALA A 254 -8.89 -19.50 19.35
CA ALA A 254 -7.61 -18.98 19.85
C ALA A 254 -7.05 -19.85 21.00
N GLU A 255 -7.95 -20.41 21.81
CA GLU A 255 -7.58 -21.15 23.04
C GLU A 255 -7.44 -22.65 22.74
N HIS A 256 -7.78 -23.09 21.53
CA HIS A 256 -7.73 -24.51 21.18
C HIS A 256 -6.30 -25.02 21.19
N PRO A 257 -6.07 -26.25 21.73
CA PRO A 257 -4.73 -26.82 21.84
C PRO A 257 -3.97 -27.03 20.52
N ALA A 258 -4.71 -27.28 19.44
CA ALA A 258 -4.11 -27.55 18.14
C ALA A 258 -3.62 -26.28 17.43
N LEU A 259 -3.93 -25.08 17.98
CA LEU A 259 -3.66 -23.85 17.24
C LEU A 259 -2.19 -23.75 16.86
N PRO A 260 -1.23 -23.83 17.80
CA PRO A 260 0.18 -23.68 17.45
C PRO A 260 0.71 -24.75 16.48
N ARG A 261 0.14 -25.95 16.55
CA ARG A 261 0.39 -27.07 15.60
C ARG A 261 -0.01 -26.66 14.17
N SER A 262 -1.09 -25.89 14.03
CA SER A 262 -1.70 -25.50 12.72
C SER A 262 -0.91 -24.40 12.02
N ASP A 263 -0.97 -24.42 10.67
CA ASP A 263 -0.33 -23.40 9.81
C ASP A 263 -1.41 -22.45 9.31
N LEU A 264 -1.43 -21.24 9.87
CA LEU A 264 -2.40 -20.23 9.56
C LEU A 264 -1.71 -19.04 8.91
N SER A 265 -0.57 -19.28 8.23
CA SER A 265 0.19 -18.20 7.60
C SER A 265 -0.61 -17.54 6.48
N SER A 266 -1.63 -18.23 5.95
CA SER A 266 -2.49 -17.67 4.88
C SER A 266 -3.40 -16.55 5.40
N LEU A 267 -3.71 -16.52 6.71
CA LEU A 267 -4.66 -15.54 7.25
C LEU A 267 -4.12 -14.11 7.07
N ARG A 268 -4.95 -13.25 6.49
CA ARG A 268 -4.72 -11.81 6.51
C ARG A 268 -5.74 -11.16 7.46
N ARG A 269 -6.90 -11.79 7.71
CA ARG A 269 -7.91 -11.21 8.59
C ARG A 269 -8.79 -12.27 9.27
N VAL A 270 -8.76 -12.28 10.60
CA VAL A 270 -9.69 -13.01 11.42
C VAL A 270 -10.70 -12.01 11.96
N VAL A 271 -11.90 -12.02 11.37
CA VAL A 271 -12.89 -11.01 11.62
C VAL A 271 -13.89 -11.56 12.64
N TYR A 272 -14.22 -10.74 13.63
CA TYR A 272 -15.19 -11.14 14.63
C TYR A 272 -16.04 -9.93 15.00
N GLY A 273 -17.27 -10.19 15.44
CA GLY A 273 -18.18 -9.16 15.87
C GLY A 273 -19.59 -9.71 15.96
N GLY A 274 -20.54 -8.82 16.25
CA GLY A 274 -21.93 -9.19 16.32
C GLY A 274 -22.43 -9.24 17.75
N ALA A 275 -21.51 -9.13 18.69
CA ALA A 275 -21.79 -9.21 20.11
C ALA A 275 -20.67 -8.51 20.87
N PRO A 276 -20.89 -8.06 22.12
CA PRO A 276 -19.84 -7.36 22.87
C PRO A 276 -18.70 -8.35 23.15
N ALA A 277 -17.47 -7.85 23.02
CA ALA A 277 -16.29 -8.66 23.17
C ALA A 277 -15.81 -8.57 24.61
N VAL A 278 -15.22 -9.65 25.11
CA VAL A 278 -14.60 -9.67 26.41
C VAL A 278 -13.15 -9.25 26.23
N PRO A 279 -12.77 -8.02 26.65
CA PRO A 279 -11.44 -7.48 26.38
C PRO A 279 -10.27 -8.41 26.69
N SER A 280 -10.33 -9.10 27.82
CA SER A 280 -9.24 -9.97 28.27
C SER A 280 -9.11 -11.17 27.35
N ARG A 281 -10.24 -11.62 26.79
CA ARG A 281 -10.27 -12.82 25.97
C ARG A 281 -9.77 -12.45 24.56
N VAL A 282 -10.04 -11.21 24.15
CA VAL A 282 -9.59 -10.64 22.90
C VAL A 282 -8.08 -10.47 22.98
N ALA A 283 -7.60 -9.88 24.08
CA ALA A 283 -6.16 -9.69 24.28
C ALA A 283 -5.45 -11.05 24.12
N ALA A 284 -6.03 -12.08 24.71
CA ALA A 284 -5.45 -13.42 24.66
C ALA A 284 -5.44 -13.90 23.21
N ALA A 285 -6.55 -13.70 22.51
CA ALA A 285 -6.65 -14.08 21.10
C ALA A 285 -5.63 -13.31 20.25
N ARG A 286 -5.45 -12.02 20.56
CA ARG A 286 -4.54 -11.19 19.79
C ARG A 286 -3.09 -11.71 19.92
N GLU A 287 -2.72 -12.16 21.12
CA GLU A 287 -1.39 -12.75 21.42
C GLU A 287 -1.23 -14.05 20.63
N ARG A 288 -2.24 -14.95 20.73
CA ARG A 288 -2.12 -16.35 20.24
C ARG A 288 -2.21 -16.37 18.71
N MET A 289 -3.03 -15.49 18.12
CA MET A 289 -3.31 -15.49 16.66
C MET A 289 -2.45 -14.53 15.84
N GLY A 290 -1.83 -13.55 16.46
CA GLY A 290 -0.96 -12.68 15.67
C GLY A 290 -1.74 -11.52 15.10
N ALA A 291 -1.12 -10.78 14.19
CA ALA A 291 -1.59 -9.51 13.72
C ALA A 291 -2.58 -9.68 12.57
N VAL A 292 -3.65 -10.45 12.81
CA VAL A 292 -4.69 -10.72 11.84
C VAL A 292 -6.06 -10.41 12.44
N LEU A 293 -6.15 -10.04 13.70
CA LEU A 293 -7.42 -9.85 14.38
C LEU A 293 -8.03 -8.52 13.96
N MET A 294 -9.30 -8.58 13.53
CA MET A 294 -10.09 -7.41 13.24
C MET A 294 -11.51 -7.59 13.80
N GLN A 295 -11.98 -6.57 14.53
CA GLN A 295 -13.33 -6.52 15.01
C GLN A 295 -14.17 -5.69 14.03
N ASN A 296 -15.45 -6.06 13.89
CA ASN A 296 -16.44 -5.36 13.11
C ASN A 296 -17.61 -5.03 14.05
N TYR A 297 -18.14 -3.81 13.91
CA TYR A 297 -19.36 -3.38 14.58
C TYR A 297 -20.35 -2.92 13.52
N GLY A 298 -21.57 -3.45 13.61
CA GLY A 298 -22.70 -2.99 12.84
C GLY A 298 -23.99 -3.32 13.55
N THR A 299 -25.11 -2.91 12.95
CA THR A 299 -26.44 -3.26 13.40
C THR A 299 -27.24 -3.67 12.16
N GLN A 300 -28.41 -4.26 12.39
CA GLN A 300 -29.29 -4.69 11.31
C GLN A 300 -29.72 -3.45 10.53
N GLU A 301 -30.01 -2.36 11.26
CA GLU A 301 -30.47 -1.12 10.65
C GLU A 301 -29.28 -0.39 9.97
N ALA A 302 -28.08 -0.44 10.54
CA ALA A 302 -26.98 0.41 10.12
C ALA A 302 -26.09 -0.25 9.07
N ALA A 303 -26.14 -1.59 8.98
CA ALA A 303 -25.07 -2.38 8.40
C ALA A 303 -23.73 -2.02 9.09
N PHE A 304 -22.62 -2.06 8.32
CA PHE A 304 -21.28 -1.83 8.84
C PHE A 304 -21.13 -0.40 9.38
N ILE A 305 -20.53 -0.26 10.57
CA ILE A 305 -20.26 1.05 11.16
C ILE A 305 -18.76 1.28 11.40
N ALA A 306 -18.11 0.35 12.11
CA ALA A 306 -16.72 0.56 12.51
C ALA A 306 -15.95 -0.76 12.55
N ALA A 307 -14.62 -0.63 12.52
CA ALA A 307 -13.75 -1.78 12.64
C ALA A 307 -12.51 -1.42 13.49
N LEU A 308 -12.00 -2.42 14.18
CA LEU A 308 -10.81 -2.36 15.00
C LEU A 308 -9.75 -3.22 14.31
N THR A 309 -8.64 -2.58 13.90
CA THR A 309 -7.62 -3.22 13.06
C THR A 309 -6.73 -4.12 13.90
N PRO A 310 -5.91 -4.99 13.29
CA PRO A 310 -4.94 -5.79 14.05
C PRO A 310 -3.92 -4.94 14.83
N ASP A 311 -3.56 -3.77 14.30
CA ASP A 311 -2.61 -2.89 14.99
C ASP A 311 -3.33 -2.20 16.16
N ASP A 312 -4.62 -1.88 16.00
CA ASP A 312 -5.43 -1.32 17.08
C ASP A 312 -5.47 -2.30 18.27
N HIS A 313 -5.51 -3.62 17.98
CA HIS A 313 -5.61 -4.69 18.99
C HIS A 313 -4.33 -4.82 19.83
N ALA A 314 -3.26 -4.11 19.44
CA ALA A 314 -1.99 -4.15 20.12
C ALA A 314 -1.87 -2.97 21.11
N ARG A 315 -2.96 -2.26 21.36
CA ARG A 315 -3.04 -1.25 22.42
C ARG A 315 -4.12 -1.69 23.42
N ARG A 316 -3.73 -2.00 24.67
CA ARG A 316 -4.69 -2.47 25.71
C ARG A 316 -5.91 -1.52 25.75
N GLU A 317 -5.63 -0.20 25.63
CA GLU A 317 -6.63 0.86 25.80
C GLU A 317 -7.79 0.71 24.81
N LEU A 318 -7.53 0.10 23.65
CA LEU A 318 -8.53 0.00 22.58
C LEU A 318 -9.28 -1.34 22.61
N LEU A 319 -8.97 -2.23 23.57
CA LEU A 319 -9.65 -3.52 23.63
C LEU A 319 -11.10 -3.35 24.07
N THR A 320 -11.49 -2.16 24.53
CA THR A 320 -12.88 -1.88 24.86
C THR A 320 -13.58 -1.11 23.73
N ALA A 321 -12.90 -0.99 22.58
CA ALA A 321 -13.38 -0.18 21.46
C ALA A 321 -13.87 -1.07 20.32
N VAL A 322 -14.70 -0.45 19.47
CA VAL A 322 -15.20 -1.05 18.22
C VAL A 322 -14.34 -0.57 17.07
N GLY A 323 -13.68 0.57 17.28
CA GLY A 323 -12.67 1.08 16.39
C GLY A 323 -13.06 2.43 15.82
N ARG A 324 -12.34 2.82 14.76
CA ARG A 324 -12.66 4.01 14.00
C ARG A 324 -13.85 3.71 13.10
N PRO A 325 -14.78 4.66 12.88
CA PRO A 325 -15.84 4.48 11.88
C PRO A 325 -15.22 4.22 10.50
N LEU A 326 -15.94 3.44 9.69
CA LEU A 326 -15.51 3.14 8.34
C LEU A 326 -15.60 4.40 7.47
N PRO A 327 -14.93 4.41 6.30
CA PRO A 327 -15.08 5.50 5.33
C PRO A 327 -16.56 5.69 4.95
N HIS A 328 -17.00 6.95 5.00
CA HIS A 328 -18.33 7.42 4.60
C HIS A 328 -19.32 7.21 5.73
N VAL A 329 -18.84 6.75 6.90
CA VAL A 329 -19.69 6.55 8.06
C VAL A 329 -19.49 7.72 9.02
N GLU A 330 -20.54 8.56 9.11
CA GLU A 330 -20.61 9.65 10.03
C GLU A 330 -21.23 9.15 11.34
N VAL A 331 -20.61 9.47 12.47
CA VAL A 331 -21.12 9.10 13.78
C VAL A 331 -21.18 10.35 14.65
N GLU A 332 -22.31 10.51 15.35
CA GLU A 332 -22.44 11.53 16.38
C GLU A 332 -22.83 10.86 17.69
N ILE A 333 -22.44 11.48 18.80
CA ILE A 333 -22.88 11.13 20.13
C ILE A 333 -23.86 12.23 20.58
N ARG A 334 -25.06 11.83 21.04
CA ARG A 334 -26.14 12.78 21.29
C ARG A 334 -26.82 12.49 22.63
N ASP A 335 -27.40 13.55 23.21
CA ASP A 335 -28.16 13.48 24.46
C ASP A 335 -29.61 13.11 24.16
N ASP A 336 -30.38 12.98 25.25
CA ASP A 336 -31.84 12.70 25.23
C ASP A 336 -32.58 13.74 24.38
N SER A 337 -32.12 15.00 24.46
CA SER A 337 -32.64 16.12 23.66
C SER A 337 -32.45 15.84 22.17
N GLY A 338 -31.19 15.65 21.75
CA GLY A 338 -30.83 15.43 20.36
C GLY A 338 -29.60 16.23 19.92
N GLY A 339 -28.99 16.97 20.85
CA GLY A 339 -27.85 17.82 20.54
C GLY A 339 -26.54 17.04 20.59
N THR A 340 -25.59 17.47 19.77
CA THR A 340 -24.28 16.85 19.66
C THR A 340 -23.48 17.14 20.93
N LEU A 341 -22.82 16.10 21.47
CA LEU A 341 -21.98 16.16 22.68
C LEU A 341 -20.50 16.21 22.28
N PRO A 342 -19.62 16.73 23.18
CA PRO A 342 -18.18 16.74 22.92
C PRO A 342 -17.49 15.36 23.05
N ARG A 343 -16.28 15.27 22.49
CA ARG A 343 -15.44 14.07 22.59
C ARG A 343 -15.31 13.72 24.07
N GLY A 344 -15.50 12.45 24.41
CA GLY A 344 -15.31 11.97 25.78
C GLY A 344 -16.64 11.78 26.49
N ALA A 345 -17.67 12.52 26.07
CA ALA A 345 -18.99 12.45 26.70
C ALA A 345 -19.71 11.17 26.26
N VAL A 346 -20.58 10.65 27.12
CA VAL A 346 -21.32 9.43 26.81
C VAL A 346 -22.75 9.80 26.43
N GLY A 347 -23.22 9.23 25.31
CA GLY A 347 -24.57 9.43 24.79
C GLY A 347 -24.91 8.40 23.72
N GLU A 348 -26.05 8.61 23.05
CA GLU A 348 -26.57 7.70 22.03
C GLU A 348 -25.75 7.86 20.75
N VAL A 349 -25.40 6.72 20.15
CA VAL A 349 -24.65 6.64 18.91
C VAL A 349 -25.64 6.76 17.75
N TRP A 350 -25.45 7.80 16.93
CA TRP A 350 -26.23 8.02 15.72
C TRP A 350 -25.29 7.95 14.53
N VAL A 351 -25.83 7.43 13.42
CA VAL A 351 -25.04 7.07 12.26
C VAL A 351 -25.74 7.61 11.00
N ARG A 352 -24.94 8.14 10.07
CA ARG A 352 -25.36 8.51 8.73
C ARG A 352 -24.33 7.91 7.77
N SER A 353 -24.80 7.09 6.83
CA SER A 353 -23.91 6.41 5.87
C SER A 353 -24.69 5.90 4.67
N PRO A 354 -24.01 5.66 3.53
CA PRO A 354 -24.62 5.00 2.38
C PRO A 354 -25.05 3.54 2.60
N MET A 355 -24.76 2.98 3.79
CA MET A 355 -25.05 1.58 4.06
C MET A 355 -26.30 1.43 4.92
N THR A 356 -26.86 2.53 5.43
CA THR A 356 -28.00 2.43 6.34
C THR A 356 -29.26 1.99 5.60
N MET A 357 -30.15 1.36 6.36
CA MET A 357 -31.43 0.86 5.92
C MET A 357 -32.21 1.97 5.20
N SER A 358 -33.13 1.57 4.33
CA SER A 358 -34.13 2.48 3.76
C SER A 358 -35.22 2.74 4.80
N GLY A 359 -35.50 1.73 5.62
CA GLY A 359 -36.52 1.81 6.64
C GLY A 359 -37.06 0.43 6.95
N TYR A 360 -37.93 0.36 7.97
CA TYR A 360 -38.62 -0.86 8.24
C TYR A 360 -39.69 -1.03 7.15
N TRP A 361 -39.69 -2.22 6.53
CA TRP A 361 -40.56 -2.58 5.44
C TRP A 361 -42.04 -2.36 5.84
N ARG A 362 -42.70 -1.48 5.08
CA ARG A 362 -44.13 -1.20 5.20
C ARG A 362 -44.49 -0.82 6.65
N ASP A 363 -43.62 -0.04 7.30
CA ASP A 363 -43.84 0.42 8.69
C ASP A 363 -43.17 1.78 8.89
N PRO A 364 -43.74 2.88 8.36
CA PRO A 364 -43.15 4.21 8.53
C PRO A 364 -43.26 4.78 9.95
N GLU A 365 -44.28 4.34 10.71
CA GLU A 365 -44.49 4.80 12.08
C GLU A 365 -43.25 4.42 12.90
N ARG A 366 -42.84 3.13 12.83
CA ARG A 366 -41.65 2.62 13.59
C ARG A 366 -40.35 3.18 12.98
N THR A 367 -40.31 3.31 11.65
CA THR A 367 -39.11 3.84 10.96
C THR A 367 -38.78 5.24 11.47
N ALA A 368 -39.80 6.07 11.70
CA ALA A 368 -39.62 7.50 12.03
C ALA A 368 -39.14 7.71 13.48
N GLN A 369 -39.27 6.66 14.31
CA GLN A 369 -38.76 6.64 15.69
C GLN A 369 -37.25 6.34 15.74
N VAL A 370 -36.67 5.99 14.59
CA VAL A 370 -35.34 5.42 14.50
C VAL A 370 -34.51 6.22 13.49
N LEU A 371 -35.15 6.88 12.52
CA LEU A 371 -34.50 7.78 11.55
C LEU A 371 -34.93 9.22 11.82
N SER A 372 -34.03 10.14 11.52
CA SER A 372 -34.30 11.56 11.67
C SER A 372 -33.18 12.37 10.98
N GLY A 373 -33.53 13.01 9.87
CA GLY A 373 -32.64 13.86 9.12
C GLY A 373 -31.59 13.05 8.39
N GLY A 374 -31.89 11.78 8.10
CA GLY A 374 -30.94 10.87 7.45
C GLY A 374 -30.03 10.16 8.44
N TRP A 375 -30.18 10.48 9.73
CA TRP A 375 -29.42 9.88 10.83
C TRP A 375 -30.22 8.72 11.42
N LEU A 376 -29.51 7.63 11.70
CA LEU A 376 -30.06 6.43 12.32
C LEU A 376 -29.61 6.33 13.78
N ARG A 377 -30.59 6.10 14.66
CA ARG A 377 -30.42 5.79 16.08
C ARG A 377 -30.06 4.30 16.19
N THR A 378 -28.79 4.00 16.45
CA THR A 378 -28.30 2.64 16.51
C THR A 378 -28.99 1.87 17.64
N GLY A 379 -29.25 2.55 18.76
CA GLY A 379 -29.73 1.89 19.98
C GLY A 379 -28.61 1.61 20.99
N ASP A 380 -27.38 1.98 20.60
CA ASP A 380 -26.21 1.85 21.42
C ASP A 380 -25.87 3.20 22.02
N VAL A 381 -25.13 3.12 23.13
CA VAL A 381 -24.64 4.25 23.88
C VAL A 381 -23.12 4.10 23.98
N GLY A 382 -22.40 5.21 23.86
CA GLY A 382 -20.93 5.16 23.87
C GLY A 382 -20.27 6.53 23.77
N THR A 383 -18.98 6.51 23.45
CA THR A 383 -18.19 7.70 23.40
C THR A 383 -16.90 7.45 22.61
N PHE A 384 -16.30 8.55 22.14
CA PHE A 384 -15.04 8.54 21.42
C PHE A 384 -13.90 8.91 22.38
N ASP A 385 -12.72 8.30 22.12
CA ASP A 385 -11.53 8.58 22.89
C ASP A 385 -10.74 9.69 22.17
N GLU A 386 -9.58 10.06 22.72
CA GLU A 386 -8.70 11.11 22.18
C GLU A 386 -8.28 10.82 20.73
N ASP A 387 -8.16 9.54 20.34
CA ASP A 387 -7.65 9.17 18.99
C ASP A 387 -8.79 8.84 18.02
N GLY A 388 -10.05 9.05 18.42
CA GLY A 388 -11.22 8.92 17.53
C GLY A 388 -11.74 7.51 17.36
N HIS A 389 -11.44 6.61 18.32
CA HIS A 389 -12.01 5.27 18.35
C HIS A 389 -13.31 5.32 19.16
N LEU A 390 -14.35 4.63 18.66
CA LEU A 390 -15.61 4.60 19.34
C LEU A 390 -15.56 3.48 20.38
N HIS A 391 -16.07 3.79 21.58
CA HIS A 391 -16.21 2.85 22.67
C HIS A 391 -17.70 2.74 23.04
N LEU A 392 -18.25 1.52 23.03
CA LEU A 392 -19.62 1.31 23.41
C LEU A 392 -19.68 0.94 24.89
N THR A 393 -20.51 1.68 25.66
CA THR A 393 -20.71 1.42 27.06
C THR A 393 -21.95 0.58 27.32
N ASP A 394 -22.91 0.56 26.39
CA ASP A 394 -24.15 -0.18 26.61
C ASP A 394 -25.10 -0.11 25.40
N ARG A 395 -25.92 -1.15 25.27
CA ARG A 395 -27.23 -1.07 24.64
C ARG A 395 -28.10 -0.14 25.51
N LEU A 396 -28.89 0.71 24.88
CA LEU A 396 -29.70 1.74 25.58
C LEU A 396 -30.67 1.09 26.60
N GLN A 397 -31.23 -0.06 26.25
CA GLN A 397 -32.15 -0.80 27.13
C GLN A 397 -31.44 -1.43 28.34
N ASP A 398 -30.10 -1.48 28.35
CA ASP A 398 -29.32 -2.22 29.36
C ASP A 398 -28.70 -1.29 30.42
N ILE A 399 -28.80 0.02 30.23
CA ILE A 399 -28.27 0.98 31.16
C ILE A 399 -28.97 0.78 32.50
N ILE A 400 -28.21 0.79 33.60
CA ILE A 400 -28.77 0.69 34.91
C ILE A 400 -28.81 2.09 35.52
N ILE A 401 -30.02 2.56 35.85
CA ILE A 401 -30.15 3.90 36.43
C ILE A 401 -30.30 3.78 37.95
N VAL A 402 -29.44 4.48 38.68
CA VAL A 402 -29.54 4.61 40.12
C VAL A 402 -29.55 6.10 40.46
N GLU A 403 -30.71 6.55 40.97
CA GLU A 403 -30.94 7.92 41.44
C GLU A 403 -30.29 8.92 40.49
N ALA A 404 -30.64 8.86 39.19
CA ALA A 404 -30.20 9.89 38.22
C ALA A 404 -28.69 9.80 37.92
N TYR A 405 -28.11 8.62 38.11
CA TYR A 405 -26.75 8.31 37.63
C TYR A 405 -26.85 7.06 36.73
N ASN A 406 -26.05 7.06 35.66
CA ASN A 406 -25.98 5.96 34.70
C ASN A 406 -24.85 4.99 35.09
N VAL A 407 -25.23 3.75 35.35
CA VAL A 407 -24.28 2.66 35.47
C VAL A 407 -24.32 1.86 34.18
N TYR A 408 -23.23 1.87 33.43
CA TYR A 408 -23.20 1.17 32.15
C TYR A 408 -22.77 -0.27 32.41
N SER A 409 -23.66 -1.21 32.10
CA SER A 409 -23.43 -2.60 32.46
C SER A 409 -22.15 -3.15 31.83
N ARG A 410 -21.76 -2.69 30.64
CA ARG A 410 -20.59 -3.25 29.96
C ARG A 410 -19.31 -2.85 30.71
N ARG A 411 -19.28 -1.65 31.29
CA ARG A 411 -18.13 -1.19 32.07
C ARG A 411 -17.95 -2.14 33.27
N VAL A 412 -19.06 -2.58 33.90
CA VAL A 412 -18.99 -3.45 35.06
C VAL A 412 -18.51 -4.85 34.65
N GLU A 413 -18.98 -5.34 33.49
CA GLU A 413 -18.60 -6.64 32.95
C GLU A 413 -17.10 -6.67 32.62
N HIS A 414 -16.59 -5.59 32.01
CA HIS A 414 -15.17 -5.48 31.63
C HIS A 414 -14.29 -5.72 32.87
N VAL A 415 -14.64 -5.06 33.97
CA VAL A 415 -13.88 -5.16 35.23
C VAL A 415 -13.96 -6.58 35.80
N LEU A 416 -15.16 -7.15 35.88
CA LEU A 416 -15.35 -8.52 36.37
C LEU A 416 -14.51 -9.50 35.55
N THR A 417 -14.54 -9.36 34.21
CA THR A 417 -13.91 -10.34 33.32
C THR A 417 -12.38 -10.19 33.29
N GLU A 418 -11.85 -9.02 33.71
CA GLU A 418 -10.42 -8.83 33.87
C GLU A 418 -9.88 -9.78 34.92
N HIS A 419 -10.69 -10.14 35.92
CA HIS A 419 -10.26 -11.12 36.92
C HIS A 419 -9.88 -12.42 36.21
N PRO A 420 -8.74 -13.03 36.57
CA PRO A 420 -8.22 -14.19 35.85
C PRO A 420 -9.09 -15.45 35.95
N ASP A 421 -9.98 -15.50 36.95
CA ASP A 421 -10.79 -16.69 37.24
C ASP A 421 -12.23 -16.51 36.70
N VAL A 422 -12.47 -15.39 35.99
CA VAL A 422 -13.74 -15.09 35.36
C VAL A 422 -13.54 -15.03 33.85
N ARG A 423 -14.43 -15.73 33.11
CA ARG A 423 -14.42 -15.86 31.66
C ARG A 423 -15.49 -14.95 31.03
N ALA A 424 -16.64 -14.74 31.70
CA ALA A 424 -17.77 -13.95 31.12
C ALA A 424 -18.64 -13.37 32.22
N ALA A 425 -19.40 -12.34 31.89
CA ALA A 425 -20.29 -11.71 32.86
C ALA A 425 -21.45 -11.01 32.16
N ALA A 426 -22.63 -11.10 32.76
CA ALA A 426 -23.80 -10.32 32.35
C ALA A 426 -24.31 -9.54 33.56
N VAL A 427 -24.26 -8.21 33.49
CA VAL A 427 -24.70 -7.32 34.56
C VAL A 427 -26.01 -6.65 34.14
N VAL A 428 -26.99 -6.70 35.03
CA VAL A 428 -28.34 -6.20 34.80
C VAL A 428 -28.79 -5.44 36.05
N GLY A 429 -29.79 -4.58 35.87
CA GLY A 429 -30.51 -3.93 36.98
C GLY A 429 -31.88 -4.56 37.20
N VAL A 430 -32.30 -4.63 38.47
CA VAL A 430 -33.70 -4.92 38.83
C VAL A 430 -34.16 -3.80 39.76
N PRO A 431 -35.46 -3.48 39.83
CA PRO A 431 -35.90 -2.26 40.52
C PRO A 431 -35.73 -2.45 42.04
N ASP A 432 -35.43 -1.36 42.73
CA ASP A 432 -35.21 -1.36 44.20
C ASP A 432 -35.50 0.02 44.76
N PRO A 433 -36.40 0.16 45.76
CA PRO A 433 -36.76 1.50 46.26
C PRO A 433 -35.64 2.28 46.98
N ASP A 434 -34.68 1.56 47.57
CA ASP A 434 -33.62 2.14 48.41
C ASP A 434 -32.31 2.39 47.62
N SER A 435 -32.16 1.74 46.45
CA SER A 435 -30.94 1.85 45.62
C SER A 435 -31.26 2.43 44.22
N GLY A 436 -32.55 2.65 43.91
CA GLY A 436 -33.05 3.00 42.54
C GLY A 436 -33.28 1.76 41.69
N GLU A 437 -32.17 1.10 41.34
CA GLU A 437 -32.10 -0.26 40.81
C GLU A 437 -30.95 -0.96 41.52
N ALA A 438 -31.05 -2.28 41.63
CA ALA A 438 -30.02 -3.10 42.25
C ALA A 438 -29.21 -3.77 41.16
N VAL A 439 -27.89 -3.60 41.21
CA VAL A 439 -26.96 -4.14 40.23
C VAL A 439 -26.73 -5.62 40.53
N CYS A 440 -26.92 -6.47 39.52
CA CYS A 440 -26.77 -7.92 39.65
C CYS A 440 -25.81 -8.43 38.58
N ALA A 441 -25.03 -9.46 38.89
CA ALA A 441 -24.05 -9.96 37.96
C ALA A 441 -24.14 -11.48 37.93
N ALA A 442 -24.40 -12.01 36.75
CA ALA A 442 -24.21 -13.40 36.44
C ALA A 442 -22.81 -13.57 35.87
N VAL A 443 -22.04 -14.49 36.42
CA VAL A 443 -20.64 -14.64 36.14
C VAL A 443 -20.36 -16.07 35.74
N VAL A 444 -19.64 -16.24 34.63
CA VAL A 444 -19.10 -17.50 34.23
C VAL A 444 -17.63 -17.57 34.65
N VAL A 445 -17.34 -18.63 35.37
CA VAL A 445 -16.12 -18.85 36.04
C VAL A 445 -15.23 -19.65 35.09
N ALA A 446 -13.91 -19.56 35.28
CA ALA A 446 -12.94 -20.28 34.46
C ALA A 446 -12.95 -21.78 34.78
N ASP A 447 -12.67 -22.62 33.76
CA ASP A 447 -12.13 -24.01 33.88
C ASP A 447 -12.65 -24.72 35.13
N GLY A 448 -11.88 -24.69 36.21
CA GLY A 448 -12.29 -25.34 37.48
C GLY A 448 -12.05 -24.44 38.69
N ALA A 449 -12.29 -23.14 38.51
CA ALA A 449 -11.88 -22.11 39.45
C ALA A 449 -13.06 -21.81 40.38
N ASP A 450 -12.78 -21.11 41.48
CA ASP A 450 -13.78 -20.87 42.49
C ASP A 450 -13.53 -19.53 43.16
N PRO A 451 -13.60 -18.39 42.42
CA PRO A 451 -13.26 -17.10 42.97
C PRO A 451 -14.29 -16.63 44.00
N ASP A 452 -13.86 -15.70 44.84
CA ASP A 452 -14.65 -15.17 45.92
C ASP A 452 -15.52 -14.05 45.37
N PRO A 453 -16.87 -14.17 45.43
CA PRO A 453 -17.75 -13.10 45.00
C PRO A 453 -17.30 -11.73 45.54
N GLU A 454 -16.77 -11.73 46.77
CA GLU A 454 -16.40 -10.53 47.44
C GLU A 454 -15.16 -9.91 46.78
N HIS A 455 -14.25 -10.73 46.23
CA HIS A 455 -13.09 -10.20 45.51
C HIS A 455 -13.57 -9.45 44.26
N LEU A 456 -14.58 -10.01 43.60
CA LEU A 456 -15.15 -9.43 42.39
C LEU A 456 -15.86 -8.12 42.74
N ARG A 457 -16.67 -8.11 43.82
CA ARG A 457 -17.31 -6.89 44.25
C ARG A 457 -16.23 -5.83 44.51
N ALA A 458 -15.13 -6.25 45.15
CA ALA A 458 -14.08 -5.35 45.61
C ALA A 458 -13.32 -4.76 44.42
N LEU A 459 -13.18 -5.58 43.38
CA LEU A 459 -12.54 -5.19 42.15
C LEU A 459 -13.36 -4.11 41.45
N VAL A 460 -14.68 -4.31 41.38
CA VAL A 460 -15.57 -3.33 40.78
C VAL A 460 -15.49 -2.05 41.60
N ARG A 461 -15.48 -2.18 42.94
CA ARG A 461 -15.51 -1.02 43.80
C ARG A 461 -14.25 -0.18 43.61
N ASP A 462 -13.09 -0.81 43.38
CA ASP A 462 -11.81 -0.08 43.27
C ASP A 462 -11.77 0.70 41.94
N HIS A 463 -12.27 0.09 40.86
CA HIS A 463 -12.11 0.60 39.52
C HIS A 463 -13.24 1.58 39.17
N LEU A 464 -14.48 1.25 39.53
CA LEU A 464 -15.66 2.04 39.12
C LEU A 464 -16.27 2.87 40.26
N GLY A 465 -16.32 2.35 41.47
CA GLY A 465 -16.90 3.11 42.59
C GLY A 465 -18.08 2.37 43.18
N ASP A 466 -18.68 2.92 44.24
CA ASP A 466 -19.67 2.20 45.06
C ASP A 466 -20.92 1.84 44.23
N LEU A 467 -21.40 2.75 43.37
CA LEU A 467 -22.68 2.59 42.72
C LEU A 467 -22.67 1.39 41.76
N HIS A 468 -21.50 1.11 41.19
CA HIS A 468 -21.33 0.07 40.17
C HIS A 468 -21.25 -1.33 40.75
N VAL A 469 -21.04 -1.45 42.06
CA VAL A 469 -20.80 -2.73 42.69
C VAL A 469 -22.07 -3.56 42.66
N PRO A 470 -22.01 -4.80 42.12
CA PRO A 470 -23.15 -5.71 42.14
C PRO A 470 -23.45 -6.17 43.57
N ARG A 471 -24.73 -6.05 43.98
CA ARG A 471 -25.20 -6.57 45.24
C ARG A 471 -25.23 -8.10 45.19
N ARG A 472 -25.80 -8.66 44.13
CA ARG A 472 -25.94 -10.10 43.95
C ARG A 472 -24.96 -10.55 42.85
N VAL A 473 -24.24 -11.63 43.13
CA VAL A 473 -23.35 -12.28 42.19
C VAL A 473 -23.73 -13.77 42.12
N GLU A 474 -24.11 -14.24 40.95
CA GLU A 474 -24.52 -15.62 40.71
C GLU A 474 -23.55 -16.27 39.73
N PHE A 475 -23.02 -17.43 40.07
CA PHE A 475 -22.17 -18.18 39.18
C PHE A 475 -23.01 -19.14 38.34
N VAL A 476 -22.82 -19.10 37.02
CA VAL A 476 -23.66 -19.80 36.06
C VAL A 476 -22.75 -20.50 35.04
N ARG A 477 -23.26 -21.54 34.38
CA ARG A 477 -22.41 -22.35 33.49
C ARG A 477 -22.15 -21.57 32.20
N SER A 478 -23.14 -20.79 31.75
CA SER A 478 -22.95 -19.93 30.56
C SER A 478 -23.92 -18.75 30.57
N ILE A 479 -23.64 -17.76 29.73
CA ILE A 479 -24.53 -16.62 29.56
C ILE A 479 -25.51 -17.01 28.46
N PRO A 480 -26.84 -16.93 28.71
CA PRO A 480 -27.82 -17.27 27.69
C PRO A 480 -27.73 -16.26 26.53
N VAL A 481 -27.91 -16.78 25.31
CA VAL A 481 -27.84 -15.98 24.12
C VAL A 481 -29.20 -16.00 23.43
N THR A 482 -29.52 -14.90 22.73
CA THR A 482 -30.67 -14.80 21.83
C THR A 482 -30.41 -15.71 20.63
N PRO A 483 -31.42 -15.99 19.78
CA PRO A 483 -31.16 -16.73 18.54
C PRO A 483 -30.07 -16.08 17.68
N ALA A 484 -29.98 -14.74 17.72
CA ALA A 484 -28.98 -13.98 16.94
C ALA A 484 -27.57 -14.10 17.54
N GLY A 485 -27.46 -14.67 18.75
CA GLY A 485 -26.16 -14.97 19.40
C GLY A 485 -25.67 -13.84 20.29
N LYS A 486 -26.58 -12.95 20.70
CA LYS A 486 -26.27 -11.86 21.60
C LYS A 486 -26.63 -12.26 23.03
N PRO A 487 -26.03 -11.63 24.05
CA PRO A 487 -26.39 -11.89 25.44
C PRO A 487 -27.87 -11.58 25.72
N ASP A 488 -28.58 -12.60 26.19
CA ASP A 488 -29.98 -12.47 26.48
C ASP A 488 -30.13 -11.86 27.87
N LYS A 489 -30.05 -10.54 27.93
CA LYS A 489 -30.07 -9.88 29.20
C LYS A 489 -31.49 -9.74 29.76
N VAL A 490 -32.53 -10.06 28.97
CA VAL A 490 -33.87 -10.09 29.57
C VAL A 490 -33.99 -11.38 30.38
N LYS A 491 -33.39 -12.48 29.88
CA LYS A 491 -33.40 -13.74 30.61
C LYS A 491 -32.64 -13.57 31.93
N VAL A 492 -31.43 -13.00 31.87
CA VAL A 492 -30.59 -12.80 33.06
C VAL A 492 -31.37 -11.97 34.08
N ARG A 493 -32.08 -10.95 33.60
CA ARG A 493 -32.85 -10.07 34.46
C ARG A 493 -33.90 -10.87 35.26
N THR A 494 -34.48 -11.91 34.66
CA THR A 494 -35.53 -12.72 35.31
C THR A 494 -34.97 -13.55 36.47
N TRP A 495 -33.69 -13.90 36.38
CA TRP A 495 -33.01 -14.70 37.39
C TRP A 495 -32.94 -13.97 38.74
N PHE A 496 -33.07 -12.63 38.72
CA PHE A 496 -32.80 -11.79 39.88
C PHE A 496 -34.07 -11.04 40.34
N THR A 497 -35.26 -11.44 39.87
CA THR A 497 -36.50 -10.69 40.28
C THR A 497 -37.25 -11.36 41.45
N PRO B 2 10.33 14.68 30.74
CA PRO B 2 11.45 15.65 30.94
C PRO B 2 11.90 16.36 29.64
N ALA B 3 12.03 17.69 29.71
CA ALA B 3 12.03 18.63 28.55
C ALA B 3 13.25 18.47 27.63
N MET B 4 14.37 17.98 28.17
CA MET B 4 15.59 17.74 27.38
C MET B 4 15.40 16.56 26.41
N GLY B 5 14.27 15.84 26.55
CA GLY B 5 14.02 14.65 25.76
C GLY B 5 13.95 14.93 24.26
N TYR B 6 13.44 16.12 23.91
CA TYR B 6 13.24 16.51 22.50
C TYR B 6 14.59 16.68 21.81
N ALA B 7 15.40 17.63 22.33
CA ALA B 7 16.72 17.89 21.76
C ALA B 7 17.48 16.56 21.60
N ARG B 8 17.41 15.69 22.61
CA ARG B 8 18.09 14.41 22.59
C ARG B 8 17.54 13.53 21.47
N ARG B 9 16.21 13.56 21.28
CA ARG B 9 15.58 12.75 20.23
C ARG B 9 16.14 13.14 18.86
N VAL B 10 16.32 14.44 18.65
CA VAL B 10 16.81 14.95 17.38
C VAL B 10 18.27 14.52 17.22
N MET B 11 19.10 14.82 18.22
CA MET B 11 20.49 14.44 18.24
C MET B 11 20.65 12.94 17.95
N ASP B 12 19.82 12.13 18.62
CA ASP B 12 19.88 10.68 18.58
C ASP B 12 19.69 10.20 17.13
N GLY B 13 18.83 10.91 16.37
CA GLY B 13 18.41 10.49 15.04
C GLY B 13 19.44 10.74 13.95
N ILE B 14 20.30 11.74 14.16
CA ILE B 14 21.18 12.29 13.11
C ILE B 14 21.97 11.17 12.43
N GLY B 15 21.90 11.10 11.10
CA GLY B 15 22.50 10.00 10.30
C GLY B 15 23.86 10.39 9.72
N GLU B 16 24.28 9.66 8.68
CA GLU B 16 25.64 9.79 8.11
C GLU B 16 25.86 11.22 7.59
N VAL B 17 24.94 11.70 6.74
CA VAL B 17 25.03 13.06 6.14
C VAL B 17 23.81 13.89 6.58
N ALA B 18 24.08 15.04 7.21
CA ALA B 18 23.06 15.81 7.89
C ALA B 18 22.53 16.95 7.00
N VAL B 19 23.44 17.71 6.36
CA VAL B 19 23.05 18.87 5.56
C VAL B 19 23.82 18.86 4.23
N THR B 20 23.17 19.31 3.16
CA THR B 20 23.84 19.69 1.89
C THR B 20 23.33 21.06 1.44
N GLY B 21 24.21 21.81 0.77
CA GLY B 21 23.88 23.16 0.30
C GLY B 21 24.82 23.60 -0.82
N ALA B 22 25.00 24.92 -0.92
CA ALA B 22 25.99 25.55 -1.83
C ALA B 22 27.39 25.01 -1.50
N GLY B 23 27.82 25.22 -0.25
CA GLY B 23 29.17 24.94 0.25
C GLY B 23 29.56 23.47 0.24
N GLY B 24 28.58 22.57 0.06
CA GLY B 24 28.83 21.11 0.03
C GLY B 24 28.07 20.40 1.15
N SER B 25 28.59 19.23 1.56
CA SER B 25 28.01 18.35 2.58
C SER B 25 28.56 18.63 3.98
N VAL B 26 27.70 18.35 4.97
CA VAL B 26 28.04 18.38 6.38
C VAL B 26 27.63 17.05 7.00
N THR B 27 28.61 16.27 7.46
CA THR B 27 28.34 14.93 8.02
C THR B 27 27.60 15.08 9.34
N GLY B 28 26.88 14.01 9.70
CA GLY B 28 26.28 13.90 11.03
C GLY B 28 27.31 14.18 12.11
N ALA B 29 28.49 13.54 11.96
CA ALA B 29 29.61 13.71 12.88
C ALA B 29 29.86 15.21 13.09
N ARG B 30 29.99 15.93 11.97
CA ARG B 30 30.44 17.30 12.04
C ARG B 30 29.35 18.19 12.66
N LEU B 31 28.08 17.87 12.40
CA LEU B 31 26.97 18.66 12.93
C LEU B 31 26.85 18.40 14.44
N ARG B 32 26.94 17.12 14.84
CA ARG B 32 26.90 16.73 16.24
C ARG B 32 27.96 17.53 17.02
N HIS B 33 29.17 17.53 16.45
CA HIS B 33 30.30 18.25 17.00
C HIS B 33 29.94 19.74 17.20
N GLN B 34 29.28 20.35 16.21
CA GLN B 34 28.96 21.78 16.26
C GLN B 34 27.93 22.07 17.35
N VAL B 35 27.01 21.13 17.59
CA VAL B 35 26.02 21.33 18.62
C VAL B 35 26.73 21.36 19.97
N ARG B 36 27.66 20.41 20.18
CA ARG B 36 28.42 20.30 21.42
C ARG B 36 29.18 21.60 21.66
N LEU B 37 29.88 22.04 20.63
CA LEU B 37 30.68 23.26 20.64
C LEU B 37 29.81 24.46 21.05
N LEU B 38 28.71 24.69 20.33
CA LEU B 38 27.86 25.84 20.54
C LEU B 38 27.18 25.74 21.90
N ALA B 39 26.80 24.52 22.30
CA ALA B 39 26.17 24.27 23.58
C ALA B 39 27.11 24.72 24.70
N HIS B 40 28.34 24.21 24.67
CA HIS B 40 29.36 24.57 25.64
C HIS B 40 29.59 26.09 25.67
N ALA B 41 29.77 26.71 24.50
CA ALA B 41 30.04 28.15 24.40
C ALA B 41 28.92 28.98 25.04
N LEU B 42 27.66 28.58 24.84
CA LEU B 42 26.48 29.31 25.36
C LEU B 42 26.39 29.13 26.89
N THR B 43 26.66 27.90 27.33
CA THR B 43 26.73 27.56 28.76
C THR B 43 27.78 28.47 29.42
N GLU B 44 29.01 28.43 28.88
CA GLU B 44 30.17 29.16 29.42
C GLU B 44 29.91 30.67 29.44
N ALA B 45 29.08 31.19 28.54
CA ALA B 45 28.84 32.61 28.45
C ALA B 45 27.87 33.10 29.53
N GLY B 46 27.38 32.18 30.37
CA GLY B 46 26.47 32.50 31.46
C GLY B 46 25.14 31.84 31.22
N ILE B 47 24.48 32.29 30.16
CA ILE B 47 23.08 31.99 29.78
C ILE B 47 22.42 30.92 30.65
N PRO B 48 21.45 31.30 31.52
CA PRO B 48 20.76 30.33 32.38
C PRO B 48 19.57 29.65 31.73
N PRO B 49 19.23 28.40 32.16
CA PRO B 49 18.12 27.63 31.60
C PRO B 49 16.74 28.26 31.33
N GLY B 50 16.22 29.09 32.22
CA GLY B 50 14.82 29.54 32.03
C GLY B 50 14.61 30.48 30.85
N ARG B 51 15.68 30.97 30.21
CA ARG B 51 15.60 32.24 29.45
C ARG B 51 15.73 31.92 27.95
N GLY B 52 15.42 32.94 27.12
CA GLY B 52 15.43 32.79 25.67
C GLY B 52 16.80 33.13 25.08
N VAL B 53 17.12 32.51 23.95
CA VAL B 53 18.27 32.88 23.13
C VAL B 53 17.74 33.35 21.78
N ALA B 54 17.81 34.67 21.54
CA ALA B 54 17.41 35.27 20.28
C ALA B 54 18.47 34.95 19.21
N CYS B 55 18.02 34.47 18.05
CA CYS B 55 18.91 34.00 17.04
C CYS B 55 18.56 34.66 15.72
N LEU B 56 19.58 35.29 15.12
CA LEU B 56 19.51 36.02 13.88
C LEU B 56 20.47 35.39 12.86
N HIS B 57 19.91 34.73 11.85
CA HIS B 57 20.70 33.97 10.90
C HIS B 57 19.96 33.84 9.57
N ALA B 58 20.71 33.38 8.56
CA ALA B 58 20.18 32.99 7.29
C ALA B 58 19.86 31.50 7.30
N ASN B 59 19.57 30.90 6.13
CA ASN B 59 19.38 29.47 6.02
C ASN B 59 20.75 28.80 5.85
N THR B 60 21.46 28.63 6.97
CA THR B 60 22.81 28.01 7.00
C THR B 60 22.78 26.76 7.89
N TRP B 61 23.72 25.84 7.65
CA TRP B 61 23.73 24.60 8.41
C TRP B 61 24.07 24.84 9.88
N ARG B 62 24.83 25.90 10.16
CA ARG B 62 25.21 26.22 11.52
C ARG B 62 23.98 26.68 12.30
N ALA B 63 23.01 27.29 11.62
CA ALA B 63 21.82 27.78 12.29
C ALA B 63 20.96 26.62 12.79
N ILE B 64 21.06 25.48 12.09
CA ILE B 64 20.39 24.24 12.46
C ILE B 64 20.95 23.75 13.80
N ALA B 65 22.30 23.74 13.89
CA ALA B 65 23.06 23.38 15.09
C ALA B 65 22.72 24.35 16.24
N LEU B 66 22.59 25.64 15.93
CA LEU B 66 22.40 26.65 16.96
C LEU B 66 21.09 26.38 17.70
N ARG B 67 20.03 26.09 16.95
CA ARG B 67 18.68 25.92 17.53
C ARG B 67 18.74 24.73 18.48
N LEU B 68 19.36 23.65 18.00
CA LEU B 68 19.46 22.39 18.70
C LEU B 68 20.28 22.61 19.99
N ALA B 69 21.35 23.39 19.89
CA ALA B 69 22.19 23.73 21.05
C ALA B 69 21.39 24.55 22.08
N VAL B 70 20.69 25.59 21.63
CA VAL B 70 19.88 26.41 22.52
C VAL B 70 18.87 25.54 23.28
N GLN B 71 18.31 24.54 22.60
CA GLN B 71 17.27 23.69 23.19
C GLN B 71 17.93 22.67 24.13
N ALA B 72 19.04 22.09 23.70
CA ALA B 72 19.82 21.12 24.50
C ALA B 72 20.19 21.71 25.87
N ILE B 73 20.58 22.99 25.89
CA ILE B 73 21.04 23.75 27.06
C ILE B 73 19.86 24.22 27.92
N GLY B 74 18.64 23.69 27.66
CA GLY B 74 17.48 24.00 28.46
C GLY B 74 16.99 25.43 28.26
N CYS B 75 17.37 26.09 27.16
CA CYS B 75 16.82 27.41 26.81
C CYS B 75 15.73 27.30 25.72
N HIS B 76 14.99 28.40 25.50
CA HIS B 76 14.00 28.43 24.45
C HIS B 76 14.48 29.31 23.30
N TYR B 77 14.45 28.72 22.10
CA TYR B 77 14.85 29.36 20.86
C TYR B 77 13.85 30.43 20.47
N VAL B 78 14.37 31.61 20.11
CA VAL B 78 13.59 32.71 19.59
C VAL B 78 14.19 33.10 18.23
N GLY B 79 13.66 32.50 17.16
CA GLY B 79 14.11 32.76 15.81
C GLY B 79 13.62 34.10 15.29
N LEU B 80 14.57 35.02 15.05
CA LEU B 80 14.26 36.33 14.54
C LEU B 80 14.08 36.25 13.01
N ARG B 81 12.84 36.50 12.61
CA ARG B 81 12.34 36.34 11.25
C ARG B 81 13.08 37.29 10.32
N PRO B 82 13.58 36.85 9.15
CA PRO B 82 14.22 37.74 8.18
C PRO B 82 13.30 38.82 7.57
N THR B 83 12.01 38.49 7.36
CA THR B 83 11.04 39.41 6.73
C THR B 83 10.58 40.50 7.71
N ALA B 84 10.83 40.31 9.01
CA ALA B 84 10.29 41.21 10.02
C ALA B 84 11.11 42.52 10.04
N ALA B 85 10.41 43.59 10.41
CA ALA B 85 10.98 44.91 10.56
C ALA B 85 11.86 44.92 11.82
N VAL B 86 12.81 45.85 11.87
CA VAL B 86 13.76 45.96 12.98
C VAL B 86 13.01 46.23 14.29
N THR B 87 11.94 47.02 14.23
CA THR B 87 11.13 47.41 15.38
C THR B 87 10.44 46.17 16.00
N GLU B 88 9.84 45.36 15.14
CA GLU B 88 9.13 44.11 15.51
C GLU B 88 10.14 43.09 16.09
N GLN B 89 11.28 42.89 15.42
CA GLN B 89 12.34 41.98 15.89
C GLN B 89 12.80 42.40 17.29
N ALA B 90 13.01 43.71 17.48
CA ALA B 90 13.56 44.26 18.72
C ALA B 90 12.58 44.07 19.88
N ARG B 91 11.28 44.33 19.63
CA ARG B 91 10.23 44.11 20.64
C ARG B 91 10.22 42.64 21.06
N ALA B 92 10.44 41.75 20.07
CA ALA B 92 10.42 40.29 20.28
C ALA B 92 11.56 39.89 21.23
N ILE B 93 12.73 40.50 21.06
CA ILE B 93 13.89 40.15 21.87
C ILE B 93 13.55 40.43 23.34
N ALA B 94 12.95 41.60 23.61
CA ALA B 94 12.63 42.08 24.96
C ALA B 94 11.57 41.18 25.60
N ALA B 95 10.49 40.95 24.86
CA ALA B 95 9.28 40.27 25.34
C ALA B 95 9.57 38.79 25.64
N ALA B 96 10.59 38.21 24.98
CA ALA B 96 10.85 36.77 25.07
C ALA B 96 11.78 36.45 26.23
N ASP B 97 12.24 37.49 26.95
CA ASP B 97 13.18 37.38 28.07
C ASP B 97 14.49 36.77 27.56
N SER B 98 15.07 37.41 26.54
CA SER B 98 16.27 36.92 25.87
C SER B 98 17.51 37.22 26.71
N ALA B 99 18.29 36.18 26.99
CA ALA B 99 19.53 36.29 27.76
C ALA B 99 20.74 36.40 26.85
N ALA B 100 20.51 36.40 25.53
CA ALA B 100 21.57 36.45 24.55
C ALA B 100 20.97 36.80 23.19
N LEU B 101 21.80 37.41 22.33
CA LEU B 101 21.56 37.49 20.91
C LEU B 101 22.75 36.84 20.19
N VAL B 102 22.49 35.72 19.52
CA VAL B 102 23.47 35.07 18.69
C VAL B 102 23.14 35.43 17.25
N PHE B 103 24.14 35.88 16.48
CA PHE B 103 23.91 36.30 15.10
C PHE B 103 25.07 35.85 14.21
N GLU B 104 24.82 35.84 12.90
CA GLU B 104 25.79 35.44 11.89
C GLU B 104 26.41 36.70 11.28
N PRO B 105 27.67 36.63 10.78
CA PRO B 105 28.34 37.78 10.18
C PRO B 105 27.49 38.50 9.14
N SER B 106 26.88 37.72 8.24
CA SER B 106 26.14 38.26 7.09
C SER B 106 25.02 39.23 7.51
N VAL B 107 24.62 39.23 8.79
CA VAL B 107 23.50 40.07 9.24
C VAL B 107 23.91 40.97 10.42
N GLU B 108 25.22 41.26 10.52
CA GLU B 108 25.80 42.15 11.54
C GLU B 108 25.13 43.53 11.52
N ALA B 109 24.86 44.04 10.31
CA ALA B 109 24.22 45.33 10.17
C ALA B 109 22.91 45.35 10.96
N ARG B 110 22.08 44.33 10.77
CA ARG B 110 20.78 44.24 11.44
C ARG B 110 20.99 44.01 12.95
N ALA B 111 22.02 43.23 13.31
CA ALA B 111 22.30 42.94 14.72
C ALA B 111 22.61 44.24 15.46
N ALA B 112 23.43 45.08 14.84
CA ALA B 112 23.83 46.38 15.41
C ALA B 112 22.59 47.25 15.58
N ASP B 113 21.84 47.39 14.49
CA ASP B 113 20.55 48.09 14.45
C ASP B 113 19.70 47.68 15.65
N LEU B 114 19.57 46.37 15.88
CA LEU B 114 18.75 45.79 16.95
C LEU B 114 19.26 46.24 18.32
N LEU B 115 20.59 46.23 18.48
CA LEU B 115 21.24 46.42 19.78
C LEU B 115 21.22 47.90 20.20
N GLU B 116 21.04 48.81 19.24
CA GLU B 116 20.77 50.22 19.55
C GLU B 116 19.41 50.33 20.24
N ARG B 117 18.45 49.47 19.87
CA ARG B 117 17.04 49.57 20.30
C ARG B 117 16.76 48.80 21.58
N VAL B 118 17.50 47.72 21.86
CA VAL B 118 17.22 46.86 23.01
C VAL B 118 18.55 46.33 23.57
N SER B 119 18.64 46.25 24.89
CA SER B 119 19.87 45.80 25.56
C SER B 119 19.70 44.32 25.89
N VAL B 120 20.84 43.61 26.04
CA VAL B 120 20.88 42.17 26.17
C VAL B 120 22.16 41.79 26.91
N PRO B 121 22.10 40.90 27.93
CA PRO B 121 23.28 40.49 28.69
C PRO B 121 24.51 40.07 27.87
N VAL B 122 24.30 39.17 26.89
CA VAL B 122 25.40 38.53 26.17
C VAL B 122 25.15 38.70 24.67
N VAL B 123 26.20 39.03 23.90
CA VAL B 123 26.08 39.18 22.47
C VAL B 123 27.17 38.35 21.81
N LEU B 124 26.75 37.30 21.09
CA LEU B 124 27.64 36.29 20.50
C LEU B 124 27.42 36.21 18.99
N SER B 125 28.44 35.75 18.27
CA SER B 125 28.39 35.68 16.82
C SER B 125 28.98 34.36 16.32
N LEU B 126 28.40 33.84 15.23
CA LEU B 126 28.85 32.63 14.59
C LEU B 126 29.97 32.97 13.61
N GLY B 127 31.18 33.13 14.15
CA GLY B 127 32.34 33.57 13.38
C GLY B 127 32.74 35.00 13.75
N PRO B 128 33.94 35.47 13.33
CA PRO B 128 34.48 36.75 13.78
C PRO B 128 33.59 37.93 13.37
N THR B 129 33.43 38.89 14.27
CA THR B 129 32.59 40.05 14.04
C THR B 129 32.98 41.17 15.02
N SER B 130 32.58 42.39 14.65
CA SER B 130 32.92 43.61 15.39
C SER B 130 32.03 43.73 16.64
N ARG B 131 30.71 43.64 16.45
CA ARG B 131 29.72 43.95 17.51
C ARG B 131 29.52 42.79 18.49
N GLY B 132 30.12 41.61 18.28
CA GLY B 132 29.90 40.41 19.17
C GLY B 132 31.10 39.47 19.31
N ARG B 133 31.06 38.61 20.34
CA ARG B 133 32.13 37.65 20.70
C ARG B 133 31.94 36.35 19.91
N ASP B 134 33.00 35.89 19.24
CA ASP B 134 32.94 34.78 18.28
C ASP B 134 32.93 33.43 19.02
N ILE B 135 31.76 32.79 19.08
CA ILE B 135 31.59 31.46 19.68
C ILE B 135 32.47 30.39 19.00
N LEU B 136 32.73 30.51 17.69
CA LEU B 136 33.14 29.36 16.87
C LEU B 136 34.58 28.93 17.17
N ALA B 137 35.38 29.78 17.83
CA ALA B 137 36.85 29.55 17.92
C ALA B 137 37.20 28.62 19.11
N ALA B 138 37.04 27.30 18.95
CA ALA B 138 37.31 26.33 20.04
C ALA B 138 37.38 24.86 19.56
N SER B 139 38.09 24.03 20.34
CA SER B 139 38.11 22.56 20.21
C SER B 139 37.04 21.97 21.14
N VAL B 140 36.62 20.73 20.86
CA VAL B 140 35.98 19.89 21.88
C VAL B 140 36.65 18.51 21.87
N PRO B 141 37.00 17.98 23.07
CA PRO B 141 37.52 16.62 23.19
C PRO B 141 36.64 15.54 22.55
N GLU B 142 37.29 14.48 22.04
CA GLU B 142 36.69 13.43 21.24
C GLU B 142 35.52 12.74 21.95
N GLY B 143 35.62 12.50 23.27
CA GLY B 143 34.53 11.82 24.00
C GLY B 143 33.60 12.76 24.76
N THR B 144 33.96 14.07 24.86
CA THR B 144 33.17 15.09 25.59
C THR B 144 31.70 14.99 25.19
N PRO B 145 30.77 14.79 26.15
CA PRO B 145 29.36 14.64 25.82
C PRO B 145 28.66 16.00 25.74
N LEU B 146 27.50 16.01 25.07
CA LEU B 146 26.62 17.18 25.10
C LEU B 146 25.99 17.23 26.50
N ARG B 147 26.10 18.39 27.14
CA ARG B 147 25.66 18.59 28.51
C ARG B 147 24.28 19.29 28.49
N TYR B 148 23.22 18.49 28.66
CA TYR B 148 21.84 19.00 28.65
C TYR B 148 21.50 19.63 30.00
N ARG B 149 20.70 20.70 29.96
CA ARG B 149 20.03 21.28 31.11
C ARG B 149 18.53 21.34 30.79
N GLU B 150 17.70 21.50 31.81
CA GLU B 150 16.24 21.42 31.72
C GLU B 150 15.63 22.82 31.77
N HIS B 151 14.80 23.16 30.78
CA HIS B 151 14.00 24.39 30.87
C HIS B 151 13.02 24.24 32.04
N PRO B 152 13.02 25.14 33.04
CA PRO B 152 12.07 25.07 34.16
C PRO B 152 10.61 24.89 33.75
N GLU B 153 10.19 25.48 32.63
CA GLU B 153 8.79 25.44 32.18
C GLU B 153 8.63 24.62 30.88
N GLY B 154 9.67 23.88 30.47
CA GLY B 154 9.59 22.88 29.40
C GLY B 154 9.41 23.47 28.00
N ILE B 155 9.79 24.75 27.81
CA ILE B 155 9.60 25.45 26.56
C ILE B 155 10.82 25.26 25.65
N ALA B 156 10.54 24.91 24.38
CA ALA B 156 11.55 24.66 23.37
C ALA B 156 11.70 25.88 22.45
N VAL B 157 10.56 26.53 22.15
CA VAL B 157 10.50 27.61 21.16
C VAL B 157 9.51 28.67 21.64
N VAL B 158 9.87 29.94 21.40
CA VAL B 158 8.91 31.02 21.40
C VAL B 158 9.02 31.73 20.04
N ALA B 159 7.87 31.90 19.38
CA ALA B 159 7.76 32.49 18.08
C ALA B 159 6.64 33.53 18.11
N PHE B 160 6.91 34.72 17.58
CA PHE B 160 5.98 35.84 17.69
C PHE B 160 5.09 35.94 16.44
N THR B 161 3.81 36.21 16.68
CA THR B 161 2.74 36.34 15.67
C THR B 161 3.08 37.43 14.63
N SER B 162 2.43 37.38 13.44
CA SER B 162 2.56 38.39 12.38
C SER B 162 1.54 39.51 12.63
N GLY B 166 -3.15 42.81 15.92
CA GLY B 166 -2.81 42.88 17.35
C GLY B 166 -1.43 43.49 17.60
N THR B 167 -0.74 42.95 18.62
CA THR B 167 0.63 43.27 19.03
C THR B 167 1.39 41.96 19.25
N PRO B 168 2.65 41.82 18.77
CA PRO B 168 3.44 40.57 18.81
C PRO B 168 2.78 39.28 19.31
N LYS B 169 2.65 39.03 20.62
CA LYS B 169 2.14 37.73 21.17
C LYS B 169 3.18 36.62 20.90
N GLY B 170 3.82 36.11 21.95
CA GLY B 170 4.85 35.08 21.82
C GLY B 170 4.27 33.70 22.05
N VAL B 171 4.14 32.90 20.98
CA VAL B 171 3.64 31.54 21.08
C VAL B 171 4.73 30.66 21.68
N ALA B 172 4.46 30.09 22.86
CA ALA B 172 5.38 29.21 23.55
C ALA B 172 5.00 27.75 23.29
N HIS B 173 5.93 26.98 22.71
CA HIS B 173 5.72 25.57 22.42
C HIS B 173 6.62 24.71 23.32
N SER B 174 6.03 23.67 23.89
CA SER B 174 6.71 22.78 24.79
C SER B 174 7.65 21.86 24.01
N SER B 175 8.64 21.33 24.71
CA SER B 175 9.51 20.30 24.17
C SER B 175 8.70 19.06 23.80
N THR B 176 7.61 18.80 24.53
CA THR B 176 6.74 17.65 24.25
C THR B 176 6.01 17.85 22.91
N ALA B 177 5.50 19.06 22.73
CA ALA B 177 4.77 19.44 21.55
C ALA B 177 5.65 19.28 20.31
N MET B 178 6.91 19.72 20.39
CA MET B 178 7.83 19.65 19.24
C MET B 178 8.16 18.19 18.94
N SER B 179 8.21 17.35 19.98
CA SER B 179 8.43 15.92 19.79
C SER B 179 7.24 15.31 19.03
N ALA B 180 6.01 15.74 19.40
CA ALA B 180 4.82 15.23 18.75
C ALA B 180 4.84 15.59 17.25
N CYS B 181 5.39 16.78 16.93
CA CYS B 181 5.49 17.24 15.55
C CYS B 181 6.34 16.29 14.71
N VAL B 182 7.34 15.64 15.32
CA VAL B 182 8.15 14.67 14.57
C VAL B 182 7.25 13.50 14.16
N ASP B 183 6.39 13.05 15.07
CA ASP B 183 5.52 11.89 14.82
C ASP B 183 4.49 12.24 13.74
N ALA B 184 3.95 13.46 13.82
CA ALA B 184 3.08 14.01 12.81
C ALA B 184 3.79 14.04 11.45
N ALA B 185 5.00 14.60 11.43
CA ALA B 185 5.78 14.70 10.19
C ALA B 185 5.95 13.31 9.57
N VAL B 186 6.26 12.30 10.39
CA VAL B 186 6.45 10.92 9.90
C VAL B 186 5.13 10.44 9.29
N SER B 187 4.03 10.76 9.96
CA SER B 187 2.75 10.26 9.57
C SER B 187 2.36 10.86 8.20
N MET B 188 2.73 12.12 7.96
CA MET B 188 2.44 12.83 6.71
C MET B 188 3.42 12.44 5.59
N TYR B 189 4.73 12.39 5.90
CA TYR B 189 5.80 12.50 4.91
C TYR B 189 6.40 11.14 4.53
N GLY B 190 6.08 10.08 5.27
CA GLY B 190 6.71 8.76 5.07
C GLY B 190 7.77 8.49 6.13
N ARG B 191 8.39 7.30 6.07
CA ARG B 191 9.18 6.73 7.18
C ARG B 191 10.54 7.44 7.31
N GLY B 192 11.18 7.71 6.17
CA GLY B 192 12.50 8.31 6.17
C GLY B 192 13.55 7.21 6.05
N PRO B 193 14.78 7.59 5.70
CA PRO B 193 15.24 8.96 5.60
C PRO B 193 14.71 9.76 4.39
N TRP B 194 14.54 11.07 4.60
CA TRP B 194 14.16 12.07 3.63
C TRP B 194 15.40 12.85 3.18
N ARG B 195 15.43 13.28 1.92
CA ARG B 195 16.29 14.36 1.47
C ARG B 195 15.36 15.56 1.29
N PHE B 196 15.30 16.42 2.30
CA PHE B 196 14.27 17.44 2.44
C PHE B 196 14.82 18.82 2.07
N LEU B 197 14.27 19.39 1.01
CA LEU B 197 14.64 20.71 0.50
C LEU B 197 13.87 21.76 1.29
N ILE B 198 14.60 22.68 1.93
CA ILE B 198 13.96 23.66 2.76
C ILE B 198 14.35 25.06 2.30
N PRO B 199 13.48 25.71 1.48
CA PRO B 199 13.70 27.08 1.06
C PRO B 199 12.90 28.12 1.87
N ILE B 200 12.15 27.67 2.88
CA ILE B 200 11.51 28.61 3.80
C ILE B 200 12.51 28.92 4.94
N PRO B 201 12.39 30.06 5.63
CA PRO B 201 13.38 30.45 6.63
C PRO B 201 13.47 29.44 7.79
N LEU B 202 14.70 29.18 8.24
CA LEU B 202 15.00 28.32 9.37
C LEU B 202 14.51 28.92 10.70
N SER B 203 14.15 30.20 10.69
CA SER B 203 13.69 30.88 11.91
C SER B 203 12.32 30.37 12.39
N ASP B 204 11.50 29.78 11.51
CA ASP B 204 10.12 29.30 11.86
C ASP B 204 9.93 27.85 11.38
N LEU B 205 8.85 27.56 10.63
CA LEU B 205 8.50 26.18 10.34
C LEU B 205 9.70 25.46 9.70
N GLY B 206 10.43 26.18 8.84
CA GLY B 206 11.62 25.63 8.17
C GLY B 206 12.57 24.93 9.13
N GLY B 207 12.81 25.58 10.27
CA GLY B 207 13.71 25.07 11.30
C GLY B 207 13.19 23.82 12.01
N GLU B 208 11.87 23.73 12.19
CA GLU B 208 11.23 22.56 12.76
C GLU B 208 11.30 21.40 11.75
N LEU B 209 11.11 21.69 10.48
CA LEU B 209 11.17 20.64 9.45
C LEU B 209 12.58 20.08 9.36
N ALA B 210 13.59 20.95 9.56
CA ALA B 210 14.97 20.50 9.55
C ALA B 210 15.17 19.51 10.71
N GLN B 211 14.61 19.84 11.87
CA GLN B 211 14.75 18.99 13.06
C GLN B 211 14.03 17.64 12.84
N CYS B 212 12.81 17.68 12.27
CA CYS B 212 12.11 16.46 11.90
C CYS B 212 12.96 15.61 10.96
N THR B 213 13.59 16.27 9.97
CA THR B 213 14.40 15.60 8.97
C THR B 213 15.59 14.93 9.66
N LEU B 214 16.27 15.66 10.54
CA LEU B 214 17.44 15.12 11.23
C LEU B 214 17.03 13.92 12.11
N ALA B 215 15.95 14.08 12.87
CA ALA B 215 15.55 13.12 13.90
C ALA B 215 15.18 11.76 13.27
N THR B 216 14.78 11.78 12.00
CA THR B 216 14.32 10.60 11.29
C THR B 216 15.44 10.02 10.42
N GLY B 217 16.64 10.59 10.54
CA GLY B 217 17.84 10.02 9.99
C GLY B 217 18.15 10.53 8.60
N GLY B 218 17.47 11.60 8.19
CA GLY B 218 17.57 12.13 6.84
C GLY B 218 18.58 13.25 6.71
N THR B 219 18.58 13.87 5.51
CA THR B 219 19.46 14.96 5.15
C THR B 219 18.65 16.20 4.81
N VAL B 220 18.96 17.33 5.44
CA VAL B 220 18.40 18.63 5.10
C VAL B 220 19.18 19.18 3.91
N VAL B 221 18.46 19.72 2.93
CA VAL B 221 19.03 20.43 1.77
C VAL B 221 18.58 21.89 1.84
N LEU B 222 19.52 22.83 1.97
CA LEU B 222 19.18 24.25 2.27
C LEU B 222 19.24 25.12 1.03
N LEU B 223 18.26 26.00 0.88
CA LEU B 223 18.37 27.16 -0.03
C LEU B 223 18.04 28.43 0.77
N GLU B 224 18.64 29.55 0.35
CA GLU B 224 18.46 30.84 1.00
C GLU B 224 17.07 31.41 0.74
N GLU B 225 16.56 31.24 -0.49
CA GLU B 225 15.24 31.77 -0.90
C GLU B 225 14.65 30.82 -1.95
N PHE B 226 13.43 31.12 -2.38
CA PHE B 226 12.79 30.38 -3.45
C PHE B 226 13.01 31.09 -4.79
N GLN B 227 13.64 30.36 -5.73
CA GLN B 227 13.61 30.66 -7.15
C GLN B 227 13.25 29.36 -7.88
N PRO B 228 12.30 29.38 -8.85
CA PRO B 228 11.85 28.14 -9.46
C PRO B 228 12.99 27.31 -10.09
N ASP B 229 13.89 28.01 -10.80
CA ASP B 229 15.02 27.40 -11.50
C ASP B 229 15.87 26.65 -10.47
N ALA B 230 16.18 27.33 -9.35
CA ALA B 230 17.09 26.84 -8.32
C ALA B 230 16.52 25.59 -7.64
N VAL B 231 15.23 25.62 -7.31
CA VAL B 231 14.53 24.52 -6.64
C VAL B 231 14.53 23.30 -7.57
N LEU B 232 14.19 23.53 -8.85
CA LEU B 232 14.22 22.48 -9.86
C LEU B 232 15.61 21.84 -9.89
N GLU B 233 16.65 22.68 -9.97
CA GLU B 233 18.03 22.25 -10.09
C GLU B 233 18.40 21.44 -8.83
N ALA B 234 18.04 21.97 -7.66
CA ALA B 234 18.36 21.34 -6.37
C ALA B 234 17.70 19.97 -6.26
N ILE B 235 16.45 19.87 -6.70
CA ILE B 235 15.73 18.62 -6.59
C ILE B 235 16.47 17.55 -7.40
N GLU B 236 16.91 17.90 -8.61
CA GLU B 236 17.53 16.95 -9.52
C GLU B 236 18.94 16.60 -9.04
N ARG B 237 19.72 17.64 -8.70
CA ARG B 237 21.13 17.49 -8.33
C ARG B 237 21.27 16.69 -7.02
N GLU B 238 20.45 16.97 -6.00
CA GLU B 238 20.55 16.31 -4.68
C GLU B 238 19.58 15.12 -4.58
N ARG B 239 18.82 14.88 -5.64
CA ARG B 239 17.80 13.84 -5.67
C ARG B 239 16.90 13.98 -4.43
N ALA B 240 16.42 15.21 -4.18
CA ALA B 240 15.58 15.52 -3.03
C ALA B 240 14.27 14.72 -3.10
N THR B 241 13.79 14.27 -1.94
CA THR B 241 12.58 13.47 -1.83
C THR B 241 11.41 14.33 -1.35
N HIS B 242 11.72 15.40 -0.61
CA HIS B 242 10.73 16.24 -0.02
C HIS B 242 11.12 17.70 -0.26
N VAL B 243 10.11 18.56 -0.32
CA VAL B 243 10.30 19.99 -0.33
C VAL B 243 9.04 20.63 0.28
N PHE B 244 9.22 21.78 0.91
CA PHE B 244 8.11 22.57 1.39
C PHE B 244 8.11 23.93 0.70
N LEU B 245 6.94 24.31 0.17
CA LEU B 245 6.70 25.54 -0.60
C LEU B 245 5.50 26.28 -0.03
N ALA B 246 5.53 27.61 -0.10
CA ALA B 246 4.33 28.43 -0.03
C ALA B 246 3.48 28.13 -1.29
N PRO B 247 2.15 28.21 -1.20
CA PRO B 247 1.29 27.92 -2.34
C PRO B 247 1.69 28.63 -3.65
N ASN B 248 1.99 29.93 -3.56
CA ASN B 248 2.35 30.67 -4.76
C ASN B 248 3.59 30.07 -5.41
N TRP B 249 4.51 29.55 -4.59
CA TRP B 249 5.74 28.93 -5.06
C TRP B 249 5.42 27.62 -5.80
N LEU B 250 4.45 26.87 -5.28
CA LEU B 250 3.99 25.68 -5.93
C LEU B 250 3.58 26.05 -7.37
N TYR B 251 2.72 27.07 -7.49
CA TYR B 251 2.19 27.43 -8.79
C TYR B 251 3.36 27.84 -9.71
N GLN B 252 4.30 28.65 -9.21
CA GLN B 252 5.43 29.10 -10.01
C GLN B 252 6.28 27.90 -10.47
N LEU B 253 6.46 26.92 -9.59
CA LEU B 253 7.27 25.75 -9.91
C LEU B 253 6.56 24.90 -10.97
N ALA B 254 5.28 24.62 -10.74
CA ALA B 254 4.46 23.74 -11.59
C ALA B 254 4.33 24.30 -13.02
N GLU B 255 4.26 25.63 -13.13
CA GLU B 255 3.97 26.31 -14.40
C GLU B 255 5.28 26.66 -15.12
N HIS B 256 6.44 26.47 -14.49
CA HIS B 256 7.72 26.91 -15.06
C HIS B 256 8.05 26.11 -16.31
N PRO B 257 8.57 26.76 -17.37
CA PRO B 257 8.91 26.09 -18.63
C PRO B 257 9.95 24.95 -18.56
N ALA B 258 10.88 25.05 -17.61
CA ALA B 258 11.94 24.05 -17.45
C ALA B 258 11.44 22.78 -16.73
N LEU B 259 10.20 22.74 -16.24
CA LEU B 259 9.76 21.61 -15.40
C LEU B 259 9.88 20.30 -16.17
N PRO B 260 9.30 20.15 -17.38
CA PRO B 260 9.38 18.89 -18.10
C PRO B 260 10.82 18.49 -18.50
N ARG B 261 11.68 19.49 -18.73
CA ARG B 261 13.14 19.30 -18.95
C ARG B 261 13.79 18.60 -17.73
N SER B 262 13.34 18.95 -16.52
CA SER B 262 13.94 18.50 -15.23
C SER B 262 13.53 17.07 -14.87
N ASP B 263 14.43 16.40 -14.14
CA ASP B 263 14.21 15.05 -13.59
C ASP B 263 13.86 15.18 -12.11
N LEU B 264 12.59 14.96 -11.80
CA LEU B 264 12.10 15.07 -10.44
C LEU B 264 11.61 13.70 -9.96
N SER B 265 12.19 12.61 -10.51
CA SER B 265 11.76 11.25 -10.17
C SER B 265 11.99 10.94 -8.69
N SER B 266 12.91 11.67 -8.05
CA SER B 266 13.25 11.47 -6.64
C SER B 266 12.11 11.95 -5.70
N LEU B 267 11.25 12.88 -6.16
CA LEU B 267 10.23 13.48 -5.27
C LEU B 267 9.23 12.42 -4.82
N ARG B 268 9.03 12.33 -3.50
CA ARG B 268 7.94 11.57 -2.93
C ARG B 268 6.89 12.52 -2.36
N ARG B 269 7.27 13.76 -2.02
CA ARG B 269 6.34 14.73 -1.44
C ARG B 269 6.73 16.18 -1.73
N VAL B 270 5.82 16.87 -2.44
CA VAL B 270 5.90 18.28 -2.64
C VAL B 270 4.86 18.90 -1.71
N VAL B 271 5.35 19.47 -0.61
CA VAL B 271 4.51 19.90 0.47
C VAL B 271 4.31 21.40 0.33
N TYR B 272 3.05 21.84 0.47
CA TYR B 272 2.74 23.24 0.41
C TYR B 272 1.66 23.54 1.45
N GLY B 273 1.67 24.78 1.93
CA GLY B 273 0.72 25.21 2.92
C GLY B 273 1.12 26.56 3.47
N GLY B 274 0.35 27.05 4.44
CA GLY B 274 0.67 28.28 5.13
C GLY B 274 -0.15 29.45 4.65
N ALA B 275 -0.99 29.20 3.65
CA ALA B 275 -1.86 30.20 3.04
C ALA B 275 -2.96 29.47 2.30
N PRO B 276 -4.15 30.08 2.11
CA PRO B 276 -5.24 29.40 1.40
C PRO B 276 -4.83 29.17 -0.05
N ALA B 277 -5.17 27.98 -0.56
CA ALA B 277 -4.75 27.56 -1.89
C ALA B 277 -5.83 27.93 -2.90
N VAL B 278 -5.42 28.22 -4.13
CA VAL B 278 -6.33 28.44 -5.23
C VAL B 278 -6.63 27.09 -5.87
N PRO B 279 -7.85 26.53 -5.67
CA PRO B 279 -8.18 25.17 -6.13
C PRO B 279 -7.79 24.85 -7.58
N SER B 280 -8.05 25.81 -8.49
CA SER B 280 -7.82 25.60 -9.90
C SER B 280 -6.32 25.51 -10.19
N ARG B 281 -5.52 26.22 -9.40
CA ARG B 281 -4.07 26.29 -9.61
C ARG B 281 -3.41 25.05 -9.02
N VAL B 282 -4.03 24.52 -7.97
CA VAL B 282 -3.64 23.28 -7.34
C VAL B 282 -3.93 22.14 -8.29
N ALA B 283 -5.15 22.11 -8.84
CA ALA B 283 -5.55 21.09 -9.82
C ALA B 283 -4.51 21.04 -10.95
N ALA B 284 -4.10 22.22 -11.42
CA ALA B 284 -3.15 22.33 -12.51
C ALA B 284 -1.82 21.75 -12.06
N ALA B 285 -1.39 22.11 -10.85
CA ALA B 285 -0.12 21.61 -10.30
C ALA B 285 -0.21 20.08 -10.12
N ARG B 286 -1.36 19.57 -9.68
CA ARG B 286 -1.53 18.15 -9.47
C ARG B 286 -1.34 17.36 -10.77
N GLU B 287 -1.84 17.91 -11.89
CA GLU B 287 -1.69 17.32 -13.22
C GLU B 287 -0.22 17.35 -13.64
N ARG B 288 0.41 18.54 -13.54
CA ARG B 288 1.74 18.83 -14.14
C ARG B 288 2.83 18.11 -13.33
N MET B 289 2.68 18.05 -11.99
CA MET B 289 3.54 17.29 -11.06
C MET B 289 2.81 15.97 -10.85
N GLY B 290 3.40 14.98 -10.22
CA GLY B 290 2.68 13.69 -10.22
C GLY B 290 1.68 13.57 -9.09
N ALA B 291 1.58 12.33 -8.60
CA ALA B 291 1.01 12.01 -7.30
C ALA B 291 2.06 12.24 -6.20
N VAL B 292 2.53 13.48 -6.07
CA VAL B 292 3.49 13.87 -5.03
C VAL B 292 2.98 15.07 -4.22
N LEU B 293 1.83 15.62 -4.59
CA LEU B 293 1.37 16.85 -3.98
C LEU B 293 0.73 16.54 -2.63
N MET B 294 1.15 17.28 -1.60
CA MET B 294 0.55 17.22 -0.29
C MET B 294 0.42 18.64 0.29
N GLN B 295 -0.80 18.93 0.78
CA GLN B 295 -1.07 20.16 1.47
C GLN B 295 -0.97 19.90 2.97
N ASN B 296 -0.52 20.94 3.71
CA ASN B 296 -0.42 20.95 5.15
C ASN B 296 -1.21 22.17 5.64
N TYR B 297 -1.97 21.99 6.73
CA TYR B 297 -2.64 23.06 7.44
C TYR B 297 -2.17 23.04 8.90
N GLY B 298 -1.76 24.21 9.38
CA GLY B 298 -1.45 24.45 10.78
C GLY B 298 -1.63 25.92 11.10
N THR B 299 -1.43 26.27 12.38
CA THR B 299 -1.37 27.65 12.84
C THR B 299 -0.17 27.77 13.77
N GLN B 300 0.22 29.01 14.10
CA GLN B 300 1.32 29.26 15.03
C GLN B 300 0.97 28.64 16.38
N GLU B 301 -0.29 28.79 16.79
CA GLU B 301 -0.77 28.31 18.07
C GLU B 301 -0.93 26.77 18.03
N ALA B 302 -1.36 26.21 16.92
CA ALA B 302 -1.80 24.81 16.90
C ALA B 302 -0.67 23.87 16.47
N ALA B 303 0.36 24.40 15.82
CA ALA B 303 1.26 23.64 14.97
C ALA B 303 0.43 22.85 13.92
N PHE B 304 0.89 21.66 13.52
CA PHE B 304 0.27 20.84 12.48
C PHE B 304 -1.16 20.42 12.89
N ILE B 305 -2.11 20.52 11.96
CA ILE B 305 -3.50 20.10 12.20
C ILE B 305 -3.93 19.02 11.19
N ALA B 306 -3.77 19.29 9.89
CA ALA B 306 -4.32 18.39 8.86
C ALA B 306 -3.44 18.37 7.61
N ALA B 307 -3.61 17.32 6.81
CA ALA B 307 -2.92 17.23 5.52
C ALA B 307 -3.85 16.62 4.46
N LEU B 308 -3.64 17.05 3.21
CA LEU B 308 -4.32 16.58 2.03
C LEU B 308 -3.30 15.80 1.20
N THR B 309 -3.57 14.50 0.99
CA THR B 309 -2.60 13.58 0.41
C THR B 309 -2.56 13.75 -1.10
N PRO B 310 -1.57 13.17 -1.80
CA PRO B 310 -1.56 13.18 -3.26
C PRO B 310 -2.78 12.49 -3.88
N ASP B 311 -3.31 11.46 -3.23
CA ASP B 311 -4.49 10.78 -3.74
C ASP B 311 -5.73 11.63 -3.50
N ASP B 312 -5.77 12.37 -2.38
CA ASP B 312 -6.86 13.32 -2.10
C ASP B 312 -6.94 14.37 -3.22
N HIS B 313 -5.78 14.79 -3.76
CA HIS B 313 -5.65 15.83 -4.79
C HIS B 313 -6.23 15.39 -6.14
N ALA B 314 -6.60 14.11 -6.25
CA ALA B 314 -7.15 13.56 -7.49
C ALA B 314 -8.67 13.57 -7.45
N ARG B 315 -9.28 14.19 -6.43
CA ARG B 315 -10.74 14.37 -6.36
C ARG B 315 -11.03 15.87 -6.36
N ARG B 316 -11.69 16.39 -7.40
CA ARG B 316 -11.96 17.85 -7.52
C ARG B 316 -12.58 18.37 -6.22
N GLU B 317 -13.48 17.56 -5.63
CA GLU B 317 -14.28 17.93 -4.44
C GLU B 317 -13.39 18.31 -3.25
N LEU B 318 -12.18 17.74 -3.19
CA LEU B 318 -11.28 17.92 -2.07
C LEU B 318 -10.27 19.05 -2.30
N LEU B 319 -10.29 19.71 -3.46
CA LEU B 319 -9.35 20.77 -3.74
C LEU B 319 -9.66 22.01 -2.89
N THR B 320 -10.82 22.04 -2.22
CA THR B 320 -11.15 23.13 -1.32
C THR B 320 -10.90 22.72 0.13
N ALA B 321 -10.26 21.57 0.34
CA ALA B 321 -10.08 20.99 1.67
C ALA B 321 -8.63 21.08 2.11
N VAL B 322 -8.44 21.00 3.42
CA VAL B 322 -7.13 20.95 4.08
C VAL B 322 -6.78 19.49 4.36
N GLY B 323 -7.81 18.65 4.40
CA GLY B 323 -7.66 17.22 4.45
C GLY B 323 -8.21 16.66 5.75
N ARG B 324 -7.83 15.41 6.04
CA ARG B 324 -8.18 14.77 7.30
C ARG B 324 -7.24 15.28 8.37
N PRO B 325 -7.71 15.47 9.63
CA PRO B 325 -6.83 15.81 10.74
C PRO B 325 -5.75 14.73 10.89
N LEU B 326 -4.58 15.15 11.36
CA LEU B 326 -3.48 14.23 11.61
C LEU B 326 -3.81 13.35 12.81
N PRO B 327 -3.08 12.23 13.00
CA PRO B 327 -3.23 11.40 14.19
C PRO B 327 -3.00 12.23 15.46
N HIS B 328 -3.93 12.07 16.41
CA HIS B 328 -3.92 12.65 17.75
C HIS B 328 -4.40 14.09 17.71
N VAL B 329 -4.89 14.54 16.54
CA VAL B 329 -5.49 15.84 16.40
C VAL B 329 -7.01 15.70 16.42
N GLU B 330 -7.61 16.16 17.52
CA GLU B 330 -9.02 16.22 17.69
C GLU B 330 -9.50 17.58 17.17
N VAL B 331 -10.57 17.57 16.35
CA VAL B 331 -11.15 18.79 15.83
C VAL B 331 -12.63 18.79 16.12
N GLU B 332 -13.13 19.94 16.60
CA GLU B 332 -14.56 20.17 16.71
C GLU B 332 -14.92 21.42 15.93
N ILE B 333 -16.15 21.44 15.40
CA ILE B 333 -16.75 22.62 14.84
C ILE B 333 -17.80 23.13 15.84
N ARG B 334 -17.72 24.42 16.21
CA ARG B 334 -18.50 24.96 17.31
C ARG B 334 -19.15 26.29 16.93
N ASP B 335 -20.27 26.60 17.61
CA ASP B 335 -21.00 27.85 17.46
C ASP B 335 -20.38 28.91 18.38
N ASP B 336 -20.95 30.13 18.31
CA ASP B 336 -20.62 31.30 19.13
C ASP B 336 -20.73 30.95 20.62
N SER B 337 -21.73 30.12 20.98
CA SER B 337 -21.93 29.61 22.34
C SER B 337 -20.71 28.78 22.77
N GLY B 338 -20.43 27.71 22.03
CA GLY B 338 -19.38 26.75 22.34
C GLY B 338 -19.84 25.31 22.22
N GLY B 339 -21.06 25.08 21.72
CA GLY B 339 -21.59 23.74 21.54
C GLY B 339 -21.16 23.13 20.22
N THR B 340 -21.02 21.80 20.22
CA THR B 340 -20.59 21.05 19.05
C THR B 340 -21.73 21.04 18.01
N LEU B 341 -21.37 21.28 16.75
CA LEU B 341 -22.27 21.29 15.58
C LEU B 341 -22.12 19.99 14.80
N PRO B 342 -23.16 19.59 14.02
CA PRO B 342 -23.10 18.37 13.20
C PRO B 342 -22.23 18.47 11.93
N ARG B 343 -21.89 17.31 11.36
CA ARG B 343 -21.16 17.20 10.09
C ARG B 343 -21.92 18.04 9.06
N GLY B 344 -21.19 18.87 8.31
CA GLY B 344 -21.77 19.68 7.23
C GLY B 344 -22.01 21.12 7.67
N ALA B 345 -22.22 21.36 8.97
CA ALA B 345 -22.47 22.70 9.51
C ALA B 345 -21.16 23.50 9.55
N VAL B 346 -21.26 24.82 9.43
CA VAL B 346 -20.10 25.69 9.45
C VAL B 346 -20.03 26.39 10.80
N GLY B 347 -18.83 26.35 11.40
CA GLY B 347 -18.53 26.99 12.66
C GLY B 347 -17.03 27.13 12.88
N GLU B 348 -16.65 27.56 14.10
CA GLU B 348 -15.25 27.77 14.47
C GLU B 348 -14.56 26.44 14.67
N VAL B 349 -13.34 26.34 14.13
CA VAL B 349 -12.49 25.16 14.24
C VAL B 349 -11.74 25.24 15.57
N TRP B 350 -11.97 24.24 16.42
CA TRP B 350 -11.25 24.08 17.67
C TRP B 350 -10.47 22.78 17.61
N VAL B 351 -9.31 22.80 18.23
CA VAL B 351 -8.34 21.77 18.10
C VAL B 351 -7.81 21.40 19.50
N ARG B 352 -7.65 20.10 19.75
CA ARG B 352 -6.97 19.56 20.92
C ARG B 352 -5.96 18.52 20.40
N SER B 353 -4.69 18.72 20.71
CA SER B 353 -3.63 17.85 20.24
C SER B 353 -2.39 18.01 21.11
N PRO B 354 -1.49 17.00 21.08
CA PRO B 354 -0.21 17.12 21.75
C PRO B 354 0.74 18.15 21.14
N MET B 355 0.35 18.79 20.04
CA MET B 355 1.22 19.72 19.32
C MET B 355 0.87 21.16 19.65
N THR B 356 -0.25 21.40 20.36
CA THR B 356 -0.70 22.77 20.58
C THR B 356 0.22 23.48 21.57
N MET B 357 0.25 24.82 21.42
CA MET B 357 1.04 25.74 22.22
C MET B 357 0.71 25.50 23.69
N SER B 358 1.65 25.87 24.58
CA SER B 358 1.42 25.92 26.02
C SER B 358 0.66 27.20 26.35
N GLY B 359 0.91 28.25 25.57
CA GLY B 359 0.27 29.53 25.79
C GLY B 359 1.11 30.66 25.25
N TYR B 360 0.54 31.87 25.27
CA TYR B 360 1.30 33.04 24.93
C TYR B 360 2.23 33.34 26.11
N TRP B 361 3.50 33.52 25.78
CA TRP B 361 4.58 33.75 26.72
C TRP B 361 4.25 34.95 27.62
N ARG B 362 4.17 34.69 28.94
CA ARG B 362 4.01 35.72 29.98
C ARG B 362 2.74 36.56 29.67
N ASP B 363 1.67 35.90 29.20
CA ASP B 363 0.42 36.62 28.88
C ASP B 363 -0.76 35.66 29.06
N PRO B 364 -1.19 35.35 30.30
CA PRO B 364 -2.31 34.44 30.54
C PRO B 364 -3.68 35.05 30.18
N GLU B 365 -3.80 36.38 30.24
CA GLU B 365 -5.04 37.08 29.90
C GLU B 365 -5.41 36.73 28.45
N ARG B 366 -4.45 36.91 27.52
CA ARG B 366 -4.65 36.64 26.07
C ARG B 366 -4.77 35.11 25.83
N THR B 367 -3.96 34.32 26.56
CA THR B 367 -3.96 32.87 26.41
C THR B 367 -5.36 32.31 26.68
N ALA B 368 -6.05 32.84 27.70
CA ALA B 368 -7.32 32.27 28.19
C ALA B 368 -8.49 32.58 27.24
N GLN B 369 -8.30 33.54 26.34
CA GLN B 369 -9.27 33.90 25.30
C GLN B 369 -9.22 32.93 24.10
N VAL B 370 -8.21 32.06 24.08
CA VAL B 370 -7.85 31.28 22.92
C VAL B 370 -7.79 29.79 23.31
N LEU B 371 -7.54 29.48 24.58
CA LEU B 371 -7.60 28.12 25.13
C LEU B 371 -8.78 28.00 26.09
N SER B 372 -9.36 26.80 26.12
CA SER B 372 -10.50 26.52 26.98
C SER B 372 -10.73 25.00 27.04
N GLY B 373 -10.42 24.42 28.20
CA GLY B 373 -10.60 23.02 28.45
C GLY B 373 -9.60 22.19 27.70
N GLY B 374 -8.44 22.78 27.36
CA GLY B 374 -7.40 22.11 26.58
C GLY B 374 -7.61 22.22 25.07
N TRP B 375 -8.71 22.88 24.67
CA TRP B 375 -9.07 23.12 23.28
C TRP B 375 -8.56 24.50 22.87
N LEU B 376 -8.00 24.56 21.66
CA LEU B 376 -7.49 25.79 21.07
C LEU B 376 -8.47 26.27 19.98
N ARG B 377 -8.82 27.55 20.06
CA ARG B 377 -9.56 28.31 19.05
C ARG B 377 -8.56 28.72 17.98
N THR B 378 -8.60 28.02 16.84
CA THR B 378 -7.65 28.22 15.76
C THR B 378 -7.76 29.65 15.21
N GLY B 379 -8.99 30.17 15.16
CA GLY B 379 -9.28 31.43 14.51
C GLY B 379 -9.84 31.24 13.10
N ASP B 380 -9.96 29.98 12.68
CA ASP B 380 -10.51 29.59 11.42
C ASP B 380 -11.94 29.12 11.62
N VAL B 381 -12.69 29.17 10.53
CA VAL B 381 -14.06 28.73 10.42
C VAL B 381 -14.14 27.71 9.27
N GLY B 382 -14.93 26.66 9.45
CA GLY B 382 -14.97 25.59 8.45
C GLY B 382 -16.00 24.51 8.75
N THR B 383 -15.88 23.41 8.02
CA THR B 383 -16.78 22.30 8.15
C THR B 383 -16.17 21.04 7.56
N PHE B 384 -16.70 19.89 7.99
CA PHE B 384 -16.31 18.58 7.51
C PHE B 384 -17.31 18.10 6.47
N ASP B 385 -16.80 17.35 5.48
CA ASP B 385 -17.61 16.76 4.44
C ASP B 385 -18.01 15.35 4.88
N GLU B 386 -18.72 14.63 4.01
CA GLU B 386 -19.21 13.25 4.24
C GLU B 386 -18.06 12.30 4.58
N ASP B 387 -16.85 12.53 4.04
CA ASP B 387 -15.73 11.59 4.17
C ASP B 387 -14.73 12.04 5.26
N GLY B 388 -15.07 13.09 6.01
CA GLY B 388 -14.29 13.55 7.18
C GLY B 388 -13.08 14.42 6.83
N HIS B 389 -13.07 15.05 5.66
CA HIS B 389 -12.06 16.05 5.30
C HIS B 389 -12.56 17.43 5.77
N LEU B 390 -11.65 18.22 6.35
CA LEU B 390 -11.99 19.53 6.84
C LEU B 390 -11.88 20.51 5.66
N HIS B 391 -12.86 21.40 5.56
CA HIS B 391 -12.89 22.47 4.59
C HIS B 391 -12.93 23.81 5.33
N LEU B 392 -11.96 24.69 5.07
CA LEU B 392 -11.96 25.98 5.70
C LEU B 392 -12.68 26.98 4.79
N THR B 393 -13.67 27.69 5.37
CA THR B 393 -14.43 28.67 4.64
C THR B 393 -13.89 30.09 4.89
N ASP B 394 -13.15 30.31 5.98
CA ASP B 394 -12.67 31.64 6.29
C ASP B 394 -11.84 31.68 7.59
N ARG B 395 -10.95 32.66 7.64
CA ARG B 395 -10.46 33.26 8.89
C ARG B 395 -11.68 33.97 9.53
N LEU B 396 -11.84 33.84 10.85
CA LEU B 396 -12.97 34.40 11.58
C LEU B 396 -13.12 35.91 11.36
N GLN B 397 -11.99 36.63 11.28
CA GLN B 397 -12.00 38.09 11.05
C GLN B 397 -12.42 38.45 9.60
N ASP B 398 -12.50 37.49 8.69
CA ASP B 398 -12.71 37.74 7.25
C ASP B 398 -14.14 37.46 6.80
N ILE B 399 -14.96 36.88 7.69
CA ILE B 399 -16.33 36.57 7.39
C ILE B 399 -17.05 37.88 7.08
N ILE B 400 -17.87 37.87 6.03
CA ILE B 400 -18.65 39.03 5.68
C ILE B 400 -20.08 38.81 6.17
N ILE B 401 -20.53 39.67 7.09
CA ILE B 401 -21.84 39.48 7.72
C ILE B 401 -22.82 40.46 7.09
N VAL B 402 -23.94 39.91 6.59
CA VAL B 402 -25.07 40.73 6.21
C VAL B 402 -26.30 40.21 6.95
N GLU B 403 -26.81 41.04 7.87
CA GLU B 403 -28.06 40.79 8.60
C GLU B 403 -28.17 39.31 8.98
N ALA B 404 -27.17 38.83 9.75
CA ALA B 404 -27.24 37.51 10.38
C ALA B 404 -27.12 36.37 9.35
N TYR B 405 -26.52 36.68 8.20
CA TYR B 405 -26.09 35.68 7.23
C TYR B 405 -24.59 35.85 7.02
N ASN B 406 -23.90 34.71 6.99
CA ASN B 406 -22.46 34.65 6.84
C ASN B 406 -22.12 34.44 5.37
N VAL B 407 -21.40 35.39 4.79
CA VAL B 407 -20.79 35.22 3.49
C VAL B 407 -19.30 34.91 3.69
N TYR B 408 -18.89 33.70 3.30
CA TYR B 408 -17.51 33.28 3.55
C TYR B 408 -16.68 33.71 2.36
N SER B 409 -15.71 34.59 2.63
CA SER B 409 -14.95 35.21 1.54
C SER B 409 -14.20 34.17 0.70
N ARG B 410 -13.75 33.06 1.30
CA ARG B 410 -12.96 32.08 0.55
C ARG B 410 -13.84 31.35 -0.46
N ARG B 411 -15.11 31.12 -0.11
CA ARG B 411 -16.05 30.50 -1.05
C ARG B 411 -16.22 31.40 -2.28
N VAL B 412 -16.23 32.73 -2.09
CA VAL B 412 -16.41 33.68 -3.19
C VAL B 412 -15.16 33.70 -4.06
N GLU B 413 -13.98 33.63 -3.44
CA GLU B 413 -12.69 33.61 -4.14
C GLU B 413 -12.55 32.35 -4.99
N HIS B 414 -12.96 31.21 -4.44
CA HIS B 414 -12.89 29.91 -5.14
C HIS B 414 -13.65 30.03 -6.48
N VAL B 415 -14.86 30.60 -6.43
CA VAL B 415 -15.71 30.74 -7.62
C VAL B 415 -15.06 31.70 -8.63
N LEU B 416 -14.60 32.86 -8.17
CA LEU B 416 -13.93 33.84 -9.04
C LEU B 416 -12.72 33.19 -9.71
N THR B 417 -11.90 32.44 -8.96
CA THR B 417 -10.62 31.91 -9.47
C THR B 417 -10.84 30.71 -10.39
N GLU B 418 -12.02 30.07 -10.32
CA GLU B 418 -12.41 29.01 -11.27
C GLU B 418 -12.45 29.58 -12.69
N HIS B 419 -12.80 30.86 -12.83
CA HIS B 419 -12.82 31.51 -14.14
C HIS B 419 -11.43 31.38 -14.75
N PRO B 420 -11.34 31.01 -16.04
CA PRO B 420 -10.04 30.74 -16.66
C PRO B 420 -9.15 31.97 -16.81
N ASP B 421 -9.73 33.17 -16.75
CA ASP B 421 -9.00 34.43 -16.98
C ASP B 421 -8.66 35.10 -15.65
N VAL B 422 -8.99 34.45 -14.53
CA VAL B 422 -8.66 34.91 -13.18
C VAL B 422 -7.68 33.93 -12.53
N ARG B 423 -6.60 34.48 -11.97
CA ARG B 423 -5.51 33.72 -11.35
C ARG B 423 -5.62 33.79 -9.80
N ALA B 424 -6.10 34.91 -9.25
CA ALA B 424 -6.19 35.09 -7.79
C ALA B 424 -7.30 36.08 -7.42
N ALA B 425 -7.76 36.03 -6.17
CA ALA B 425 -8.79 36.96 -5.73
C ALA B 425 -8.74 37.13 -4.21
N ALA B 426 -9.00 38.35 -3.75
CA ALA B 426 -9.19 38.66 -2.34
C ALA B 426 -10.56 39.34 -2.19
N VAL B 427 -11.47 38.71 -1.45
CA VAL B 427 -12.81 39.21 -1.23
C VAL B 427 -12.92 39.67 0.22
N VAL B 428 -13.43 40.89 0.40
CA VAL B 428 -13.56 41.52 1.70
C VAL B 428 -14.96 42.16 1.78
N GLY B 429 -15.38 42.43 3.02
CA GLY B 429 -16.56 43.26 3.30
C GLY B 429 -16.13 44.63 3.82
N VAL B 430 -16.87 45.67 3.44
CA VAL B 430 -16.78 46.97 4.08
C VAL B 430 -18.19 47.34 4.54
N PRO B 431 -18.31 48.12 5.63
CA PRO B 431 -19.62 48.34 6.25
C PRO B 431 -20.48 49.22 5.32
N ASP B 432 -21.79 48.96 5.30
CA ASP B 432 -22.74 49.66 4.43
C ASP B 432 -24.12 49.59 5.07
N PRO B 433 -24.79 50.75 5.30
CA PRO B 433 -26.08 50.76 6.00
C PRO B 433 -27.25 50.05 5.26
N ASP B 434 -27.17 49.99 3.93
CA ASP B 434 -28.26 49.49 3.08
C ASP B 434 -28.07 48.00 2.71
N SER B 435 -26.84 47.50 2.79
CA SER B 435 -26.49 46.11 2.40
C SER B 435 -25.97 45.27 3.59
N GLY B 436 -25.81 45.91 4.76
CA GLY B 436 -25.14 45.34 5.96
C GLY B 436 -23.62 45.52 5.88
N GLU B 437 -23.02 44.77 4.95
CA GLU B 437 -21.68 44.99 4.46
C GLU B 437 -21.72 44.82 2.93
N ALA B 438 -20.83 45.54 2.25
CA ALA B 438 -20.74 45.50 0.82
C ALA B 438 -19.55 44.62 0.42
N VAL B 439 -19.83 43.63 -0.44
CA VAL B 439 -18.84 42.66 -0.84
C VAL B 439 -17.96 43.27 -1.94
N CYS B 440 -16.63 43.21 -1.75
CA CYS B 440 -15.68 43.76 -2.69
C CYS B 440 -14.67 42.67 -3.09
N ALA B 441 -14.17 42.73 -4.32
CA ALA B 441 -13.25 41.74 -4.79
C ALA B 441 -12.10 42.44 -5.52
N ALA B 442 -10.88 42.20 -5.03
CA ALA B 442 -9.67 42.47 -5.77
C ALA B 442 -9.28 41.19 -6.51
N VAL B 443 -9.03 41.32 -7.81
CA VAL B 443 -8.86 40.19 -8.70
C VAL B 443 -7.56 40.36 -9.46
N VAL B 444 -6.76 39.31 -9.52
CA VAL B 444 -5.61 39.21 -10.39
C VAL B 444 -5.98 38.41 -11.63
N VAL B 445 -5.72 39.03 -12.77
CA VAL B 445 -6.11 38.59 -14.05
C VAL B 445 -4.98 37.74 -14.62
N ALA B 446 -5.31 36.82 -15.52
CA ALA B 446 -4.31 35.96 -16.19
C ALA B 446 -3.49 36.74 -17.23
N ASP B 447 -2.22 36.34 -17.39
CA ASP B 447 -1.34 36.59 -18.58
C ASP B 447 -1.65 37.93 -19.24
N GLY B 448 -2.49 37.93 -20.27
CA GLY B 448 -2.86 39.15 -21.00
C GLY B 448 -4.36 39.20 -21.25
N ALA B 449 -5.14 38.83 -20.24
CA ALA B 449 -6.58 38.69 -20.35
C ALA B 449 -7.26 40.00 -19.93
N ASP B 450 -8.54 40.14 -20.27
CA ASP B 450 -9.35 41.25 -19.86
C ASP B 450 -10.78 40.76 -19.69
N PRO B 451 -11.06 39.95 -18.66
CA PRO B 451 -12.42 39.48 -18.41
C PRO B 451 -13.35 40.61 -17.97
N ASP B 452 -14.64 40.39 -18.13
CA ASP B 452 -15.66 41.36 -17.85
C ASP B 452 -16.03 41.23 -16.38
N PRO B 453 -15.84 42.30 -15.56
CA PRO B 453 -16.24 42.27 -14.17
C PRO B 453 -17.65 41.69 -13.97
N GLU B 454 -18.52 41.99 -14.93
CA GLU B 454 -19.91 41.59 -14.84
C GLU B 454 -20.05 40.08 -15.05
N HIS B 455 -19.18 39.45 -15.85
CA HIS B 455 -19.18 37.99 -16.01
C HIS B 455 -18.84 37.33 -14.67
N LEU B 456 -17.87 37.94 -13.96
CA LEU B 456 -17.43 37.45 -12.67
C LEU B 456 -18.56 37.60 -11.64
N ARG B 457 -19.20 38.77 -11.61
CA ARG B 457 -20.33 38.96 -10.71
C ARG B 457 -21.39 37.88 -11.01
N ALA B 458 -21.61 37.61 -12.29
CA ALA B 458 -22.68 36.70 -12.75
C ALA B 458 -22.37 35.26 -12.34
N LEU B 459 -21.07 34.94 -12.39
CA LEU B 459 -20.56 33.63 -12.03
C LEU B 459 -20.79 33.38 -10.53
N VAL B 460 -20.49 34.39 -9.71
CA VAL B 460 -20.69 34.29 -8.28
C VAL B 460 -22.19 34.12 -8.04
N ARG B 461 -23.01 34.90 -8.75
CA ARG B 461 -24.44 34.88 -8.52
C ARG B 461 -25.01 33.50 -8.82
N ASP B 462 -24.49 32.80 -9.84
CA ASP B 462 -25.03 31.49 -10.27
C ASP B 462 -24.69 30.42 -9.22
N HIS B 463 -23.46 30.47 -8.68
CA HIS B 463 -22.91 29.41 -7.85
C HIS B 463 -23.30 29.60 -6.38
N LEU B 464 -23.18 30.84 -5.90
CA LEU B 464 -23.45 31.23 -4.51
C LEU B 464 -24.62 32.19 -4.65
N GLY B 465 -25.31 32.59 -3.59
CA GLY B 465 -26.49 33.45 -3.84
C GLY B 465 -26.20 34.86 -4.38
N ASP B 466 -27.27 35.67 -4.28
CA ASP B 466 -27.23 37.12 -4.42
C ASP B 466 -26.30 37.78 -3.40
N LEU B 467 -26.29 37.30 -2.16
CA LEU B 467 -25.59 38.03 -1.08
C LEU B 467 -24.07 38.01 -1.29
N HIS B 468 -23.59 36.95 -1.96
CA HIS B 468 -22.15 36.71 -2.17
C HIS B 468 -21.58 37.55 -3.32
N VAL B 469 -22.44 38.13 -4.16
CA VAL B 469 -21.99 38.84 -5.35
C VAL B 469 -21.25 40.12 -4.96
N PRO B 470 -20.00 40.30 -5.44
CA PRO B 470 -19.27 41.52 -5.18
C PRO B 470 -19.86 42.72 -5.95
N ARG B 471 -20.13 43.81 -5.24
CA ARG B 471 -20.57 45.06 -5.83
C ARG B 471 -19.41 45.70 -6.61
N ARG B 472 -18.23 45.78 -5.99
CA ARG B 472 -17.04 46.39 -6.60
C ARG B 472 -16.05 45.27 -6.95
N VAL B 473 -15.52 45.34 -8.17
CA VAL B 473 -14.49 44.44 -8.66
C VAL B 473 -13.33 45.29 -9.17
N GLU B 474 -12.15 45.15 -8.55
CA GLU B 474 -10.95 45.88 -8.89
C GLU B 474 -9.87 44.92 -9.38
N PHE B 475 -9.31 45.20 -10.56
CA PHE B 475 -8.22 44.40 -11.10
C PHE B 475 -6.90 44.98 -10.63
N VAL B 476 -6.03 44.12 -10.10
CA VAL B 476 -4.79 44.51 -9.44
C VAL B 476 -3.67 43.58 -9.96
N ARG B 477 -2.42 44.05 -9.86
CA ARG B 477 -1.26 43.36 -10.39
C ARG B 477 -0.99 42.10 -9.55
N SER B 478 -1.19 42.22 -8.23
CA SER B 478 -1.04 41.09 -7.31
C SER B 478 -1.80 41.36 -6.02
N ILE B 479 -2.02 40.30 -5.24
CA ILE B 479 -2.66 40.40 -3.94
C ILE B 479 -1.58 40.71 -2.92
N PRO B 480 -1.69 41.78 -2.12
CA PRO B 480 -0.69 42.11 -1.12
C PRO B 480 -0.61 41.01 -0.07
N VAL B 481 0.62 40.75 0.39
CA VAL B 481 0.88 39.71 1.35
C VAL B 481 1.45 40.34 2.61
N THR B 482 1.20 39.69 3.76
CA THR B 482 1.83 39.95 5.05
C THR B 482 3.32 39.63 4.93
N PRO B 483 4.19 40.06 5.86
CA PRO B 483 5.56 39.56 5.90
C PRO B 483 5.62 38.02 5.96
N ALA B 484 4.64 37.41 6.63
CA ALA B 484 4.47 35.97 6.78
C ALA B 484 4.07 35.28 5.47
N GLY B 485 3.67 36.06 4.45
CA GLY B 485 3.37 35.56 3.10
C GLY B 485 1.91 35.18 2.90
N LYS B 486 1.02 35.65 3.79
CA LYS B 486 -0.39 35.41 3.71
C LYS B 486 -1.09 36.58 3.04
N PRO B 487 -2.31 36.38 2.51
CA PRO B 487 -3.06 37.46 1.89
C PRO B 487 -3.41 38.56 2.91
N ASP B 488 -2.97 39.79 2.62
CA ASP B 488 -3.14 40.88 3.54
C ASP B 488 -4.54 41.47 3.34
N LYS B 489 -5.53 40.85 3.97
CA LYS B 489 -6.89 41.25 3.73
C LYS B 489 -7.27 42.50 4.52
N VAL B 490 -6.43 42.95 5.45
CA VAL B 490 -6.72 44.25 6.10
C VAL B 490 -6.33 45.35 5.11
N LYS B 491 -5.24 45.15 4.37
CA LYS B 491 -4.82 46.12 3.35
C LYS B 491 -5.90 46.22 2.26
N VAL B 492 -6.36 45.07 1.75
CA VAL B 492 -7.35 45.02 0.67
C VAL B 492 -8.61 45.76 1.15
N ARG B 493 -8.98 45.55 2.43
CA ARG B 493 -10.16 46.17 3.01
C ARG B 493 -10.07 47.70 2.91
N THR B 494 -8.86 48.26 3.10
CA THR B 494 -8.67 49.73 3.12
C THR B 494 -8.86 50.33 1.73
N TRP B 495 -8.60 49.53 0.68
CA TRP B 495 -8.74 49.97 -0.70
C TRP B 495 -10.20 50.32 -1.04
N PHE B 496 -11.16 49.78 -0.27
CA PHE B 496 -12.57 49.86 -0.61
C PHE B 496 -13.36 50.68 0.43
N THR B 497 -12.67 51.34 1.38
CA THR B 497 -13.26 51.99 2.57
C THR B 497 -12.84 53.47 2.64
N ASP B 498 -13.73 54.33 3.15
CA ASP B 498 -13.54 55.81 3.18
C ASP B 498 -12.69 56.22 4.40
N PRO C 2 23.79 -22.37 68.54
CA PRO C 2 24.79 -23.44 68.11
C PRO C 2 24.50 -23.98 66.71
N ALA C 3 25.53 -23.99 65.85
CA ALA C 3 25.41 -24.11 64.38
C ALA C 3 24.87 -25.48 63.92
N MET C 4 25.05 -26.53 64.73
CA MET C 4 24.55 -27.87 64.41
C MET C 4 23.01 -27.91 64.50
N GLY C 5 22.40 -26.83 65.01
CA GLY C 5 20.97 -26.76 65.22
C GLY C 5 20.16 -26.92 63.94
N TYR C 6 20.70 -26.38 62.84
CA TYR C 6 20.00 -26.38 61.55
C TYR C 6 19.92 -27.82 61.00
N ALA C 7 21.08 -28.44 60.77
CA ALA C 7 21.12 -29.79 60.25
C ALA C 7 20.19 -30.69 61.08
N ARG C 8 20.22 -30.54 62.42
CA ARG C 8 19.41 -31.34 63.32
C ARG C 8 17.93 -31.05 63.07
N ARG C 9 17.59 -29.77 62.85
CA ARG C 9 16.19 -29.37 62.60
C ARG C 9 15.65 -30.11 61.38
N VAL C 10 16.48 -30.22 60.34
CA VAL C 10 16.08 -30.84 59.11
C VAL C 10 15.92 -32.35 59.35
N MET C 11 16.97 -32.97 59.91
CA MET C 11 16.95 -34.38 60.27
C MET C 11 15.70 -34.71 61.10
N ASP C 12 15.41 -33.85 62.09
CA ASP C 12 14.33 -34.06 63.06
C ASP C 12 12.99 -34.13 62.33
N GLY C 13 12.84 -33.36 61.25
CA GLY C 13 11.58 -33.19 60.55
C GLY C 13 11.21 -34.36 59.67
N ILE C 14 12.21 -35.10 59.18
CA ILE C 14 12.05 -36.10 58.11
C ILE C 14 10.95 -37.11 58.50
N GLY C 15 9.97 -37.29 57.62
CA GLY C 15 8.77 -38.13 57.87
C GLY C 15 8.92 -39.51 57.25
N GLU C 16 7.77 -40.19 57.05
CA GLU C 16 7.72 -41.58 56.57
C GLU C 16 8.42 -41.68 55.22
N VAL C 17 8.02 -40.85 54.24
CA VAL C 17 8.58 -40.90 52.86
C VAL C 17 9.27 -39.57 52.53
N ALA C 18 10.55 -39.64 52.16
CA ALA C 18 11.39 -38.46 52.05
C ALA C 18 11.49 -38.01 50.60
N VAL C 19 11.77 -38.94 49.67
CA VAL C 19 12.00 -38.60 48.27
C VAL C 19 11.21 -39.56 47.35
N THR C 20 10.72 -39.06 46.21
CA THR C 20 10.20 -39.86 45.09
C THR C 20 10.77 -39.33 43.78
N GLY C 21 10.97 -40.19 42.80
CA GLY C 21 11.76 -39.83 41.62
C GLY C 21 11.67 -40.86 40.52
N ALA C 22 12.72 -40.91 39.68
CA ALA C 22 12.87 -41.91 38.61
C ALA C 22 12.89 -43.31 39.22
N GLY C 23 13.85 -43.54 40.12
CA GLY C 23 14.15 -44.84 40.74
C GLY C 23 13.03 -45.37 41.64
N GLY C 24 12.08 -44.51 42.02
CA GLY C 24 10.98 -44.85 42.94
C GLY C 24 11.07 -44.04 44.23
N SER C 25 10.58 -44.63 45.34
CA SER C 25 10.49 -43.98 46.67
C SER C 25 11.72 -44.25 47.54
N VAL C 26 12.01 -43.30 48.42
CA VAL C 26 13.05 -43.40 49.45
C VAL C 26 12.43 -43.00 50.79
N THR C 27 12.38 -43.94 51.73
CA THR C 27 11.79 -43.71 53.04
C THR C 27 12.66 -42.74 53.84
N GLY C 28 12.03 -42.08 54.81
CA GLY C 28 12.74 -41.28 55.79
C GLY C 28 13.87 -42.08 56.41
N ALA C 29 13.54 -43.32 56.82
CA ALA C 29 14.48 -44.25 57.40
C ALA C 29 15.73 -44.32 56.52
N ARG C 30 15.51 -44.57 55.23
CA ARG C 30 16.60 -44.86 54.35
C ARG C 30 17.45 -43.62 54.09
N LEU C 31 16.82 -42.45 54.07
CA LEU C 31 17.56 -41.20 53.85
C LEU C 31 18.39 -40.86 55.09
N ARG C 32 17.76 -40.98 56.26
CA ARG C 32 18.44 -40.75 57.54
C ARG C 32 19.70 -41.62 57.61
N HIS C 33 19.54 -42.90 57.27
CA HIS C 33 20.62 -43.87 57.20
C HIS C 33 21.76 -43.34 56.30
N GLN C 34 21.41 -42.78 55.13
CA GLN C 34 22.41 -42.31 54.17
C GLN C 34 23.18 -41.10 54.71
N VAL C 35 22.50 -40.26 55.48
CA VAL C 35 23.14 -39.09 56.04
C VAL C 35 24.21 -39.58 57.03
N ARG C 36 23.82 -40.55 57.88
CA ARG C 36 24.71 -41.10 58.90
C ARG C 36 25.95 -41.70 58.24
N LEU C 37 25.70 -42.52 57.20
CA LEU C 37 26.73 -43.17 56.42
C LEU C 37 27.72 -42.14 55.87
N LEU C 38 27.20 -41.17 55.13
CA LEU C 38 28.03 -40.18 54.45
C LEU C 38 28.75 -39.31 55.47
N ALA C 39 28.06 -38.98 56.58
CA ALA C 39 28.63 -38.18 57.64
C ALA C 39 29.86 -38.89 58.20
N HIS C 40 29.69 -40.16 58.59
CA HIS C 40 30.79 -40.98 59.12
C HIS C 40 31.96 -41.03 58.11
N ALA C 41 31.65 -41.34 56.85
CA ALA C 41 32.66 -41.52 55.82
C ALA C 41 33.50 -40.23 55.63
N LEU C 42 32.83 -39.06 55.66
CA LEU C 42 33.48 -37.75 55.45
C LEU C 42 34.37 -37.42 56.66
N THR C 43 33.84 -37.71 57.87
CA THR C 43 34.55 -37.54 59.13
C THR C 43 35.86 -38.36 59.05
N GLU C 44 35.71 -39.67 58.78
CA GLU C 44 36.81 -40.64 58.75
C GLU C 44 37.87 -40.24 57.70
N ALA C 45 37.46 -39.57 56.63
CA ALA C 45 38.37 -39.23 55.54
C ALA C 45 39.27 -38.05 55.90
N GLY C 46 39.08 -37.46 57.08
CA GLY C 46 39.96 -36.41 57.63
C GLY C 46 39.61 -34.99 57.21
N ILE C 47 38.37 -34.78 56.77
CA ILE C 47 37.82 -33.46 56.48
C ILE C 47 37.52 -32.76 57.81
N PRO C 48 38.22 -31.65 58.12
CA PRO C 48 38.02 -30.93 59.37
C PRO C 48 36.87 -29.92 59.35
N PRO C 49 36.24 -29.64 60.51
CA PRO C 49 35.12 -28.70 60.62
C PRO C 49 35.13 -27.34 59.91
N GLY C 50 36.24 -26.60 59.96
CA GLY C 50 36.17 -25.22 59.46
C GLY C 50 36.01 -25.09 57.94
N ARG C 51 36.16 -26.19 57.19
CA ARG C 51 36.48 -26.13 55.77
C ARG C 51 35.24 -26.54 54.92
N GLY C 52 35.34 -26.28 53.62
CA GLY C 52 34.26 -26.54 52.68
C GLY C 52 34.34 -27.94 52.08
N VAL C 53 33.19 -28.50 51.69
CA VAL C 53 33.10 -29.72 50.90
C VAL C 53 32.43 -29.37 49.57
N ALA C 54 33.22 -29.34 48.49
CA ALA C 54 32.72 -29.09 47.14
C ALA C 54 31.98 -30.32 46.63
N CYS C 55 30.78 -30.11 46.10
CA CYS C 55 29.92 -31.20 45.73
C CYS C 55 29.43 -31.01 44.29
N LEU C 56 29.67 -32.04 43.47
CA LEU C 56 29.33 -32.08 42.06
C LEU C 56 28.39 -33.25 41.80
N HIS C 57 27.12 -32.95 41.51
CA HIS C 57 26.10 -33.98 41.41
C HIS C 57 24.95 -33.52 40.51
N ALA C 58 24.11 -34.48 40.15
CA ALA C 58 22.86 -34.22 39.47
C ALA C 58 21.75 -34.09 40.52
N ASN C 59 20.48 -34.07 40.08
CA ASN C 59 19.36 -34.01 41.01
C ASN C 59 18.99 -35.43 41.45
N THR C 60 19.75 -35.97 42.41
CA THR C 60 19.57 -37.33 42.94
C THR C 60 19.27 -37.27 44.44
N TRP C 61 18.60 -38.29 44.97
CA TRP C 61 18.22 -38.28 46.37
C TRP C 61 19.44 -38.36 47.28
N ARG C 62 20.53 -38.99 46.80
CA ARG C 62 21.73 -39.10 47.59
C ARG C 62 22.39 -37.72 47.75
N ALA C 63 22.19 -36.84 46.77
CA ALA C 63 22.80 -35.51 46.83
C ALA C 63 22.13 -34.67 47.93
N ILE C 64 20.85 -34.99 48.22
CA ILE C 64 20.10 -34.36 49.31
C ILE C 64 20.76 -34.73 50.65
N ALA C 65 21.06 -36.03 50.80
CA ALA C 65 21.75 -36.61 51.96
C ALA C 65 23.14 -36.01 52.12
N LEU C 66 23.84 -35.82 50.98
CA LEU C 66 25.23 -35.37 51.02
C LEU C 66 25.29 -33.97 51.66
N ARG C 67 24.39 -33.08 51.24
CA ARG C 67 24.42 -31.69 51.71
C ARG C 67 24.19 -31.68 53.23
N LEU C 68 23.21 -32.46 53.66
CA LEU C 68 22.81 -32.56 55.04
C LEU C 68 23.96 -33.13 55.87
N ALA C 69 24.66 -34.12 55.31
CA ALA C 69 25.82 -34.74 55.96
C ALA C 69 26.96 -33.72 56.09
N VAL C 70 27.28 -33.01 55.00
CA VAL C 70 28.32 -32.00 55.03
C VAL C 70 28.05 -30.97 56.13
N GLN C 71 26.77 -30.60 56.30
CA GLN C 71 26.39 -29.56 57.26
C GLN C 71 26.41 -30.13 58.68
N ALA C 72 25.89 -31.35 58.84
CA ALA C 72 25.87 -32.07 60.13
C ALA C 72 27.28 -32.17 60.72
N ILE C 73 28.28 -32.46 59.88
CA ILE C 73 29.68 -32.67 60.24
C ILE C 73 30.42 -31.34 60.43
N GLY C 74 29.67 -30.24 60.55
CA GLY C 74 30.27 -28.95 60.85
C GLY C 74 31.07 -28.38 59.69
N CYS C 75 30.85 -28.85 58.45
CA CYS C 75 31.45 -28.26 57.27
C CYS C 75 30.44 -27.36 56.52
N HIS C 76 30.94 -26.56 55.57
CA HIS C 76 30.08 -25.74 54.73
C HIS C 76 30.01 -26.32 53.32
N TYR C 77 28.76 -26.54 52.86
CA TYR C 77 28.45 -27.07 51.55
C TYR C 77 28.77 -26.05 50.46
N VAL C 78 29.47 -26.49 49.42
CA VAL C 78 29.76 -25.69 48.22
C VAL C 78 29.25 -26.46 47.01
N GLY C 79 28.00 -26.20 46.62
CA GLY C 79 27.35 -26.83 45.49
C GLY C 79 27.87 -26.30 44.16
N LEU C 80 28.52 -27.18 43.40
CA LEU C 80 29.05 -26.84 42.10
C LEU C 80 27.93 -26.94 41.06
N ARG C 81 27.59 -25.76 40.52
CA ARG C 81 26.48 -25.53 39.59
C ARG C 81 26.72 -26.34 38.32
N PRO C 82 25.75 -27.13 37.83
CA PRO C 82 25.96 -27.96 36.63
C PRO C 82 26.15 -27.16 35.33
N THR C 83 25.45 -26.03 35.20
CA THR C 83 25.48 -25.15 34.01
C THR C 83 26.79 -24.35 33.93
N ALA C 84 27.55 -24.26 35.03
CA ALA C 84 28.71 -23.39 35.10
C ALA C 84 29.88 -24.00 34.31
N ALA C 85 30.74 -23.12 33.81
CA ALA C 85 31.96 -23.51 33.10
C ALA C 85 32.96 -24.13 34.09
N VAL C 86 33.85 -24.96 33.56
CA VAL C 86 34.84 -25.69 34.34
C VAL C 86 35.76 -24.70 35.07
N THR C 87 36.08 -23.57 34.44
CA THR C 87 37.03 -22.59 35.01
C THR C 87 36.38 -21.88 36.21
N GLU C 88 35.08 -21.52 36.10
CA GLU C 88 34.30 -20.89 37.18
C GLU C 88 34.13 -21.88 38.36
N GLN C 89 33.75 -23.15 38.06
CA GLN C 89 33.61 -24.19 39.08
C GLN C 89 34.93 -24.37 39.84
N ALA C 90 36.04 -24.40 39.11
CA ALA C 90 37.37 -24.67 39.66
C ALA C 90 37.82 -23.52 40.57
N ARG C 91 37.59 -22.28 40.16
CA ARG C 91 37.90 -21.08 40.97
C ARG C 91 37.11 -21.16 42.29
N ALA C 92 35.86 -21.64 42.20
CA ALA C 92 34.96 -21.75 43.34
C ALA C 92 35.54 -22.73 44.37
N ILE C 93 36.07 -23.85 43.89
CA ILE C 93 36.61 -24.88 44.78
C ILE C 93 37.75 -24.27 45.61
N ALA C 94 38.64 -23.51 44.95
CA ALA C 94 39.83 -22.93 45.57
C ALA C 94 39.42 -21.87 46.61
N ALA C 95 38.55 -20.95 46.19
CA ALA C 95 38.20 -19.76 46.97
C ALA C 95 37.39 -20.15 48.22
N ALA C 96 36.72 -21.31 48.18
CA ALA C 96 35.81 -21.71 49.27
C ALA C 96 36.57 -22.49 50.36
N ASP C 97 37.87 -22.70 50.17
CA ASP C 97 38.73 -23.48 51.09
C ASP C 97 38.18 -24.90 51.22
N SER C 98 38.04 -25.56 50.07
CA SER C 98 37.46 -26.89 49.98
C SER C 98 38.49 -27.93 50.43
N ALA C 99 38.09 -28.76 51.40
CA ALA C 99 38.94 -29.83 51.92
C ALA C 99 38.65 -31.15 51.20
N ALA C 100 37.67 -31.14 50.29
CA ALA C 100 37.22 -32.35 49.62
C ALA C 100 36.41 -31.97 48.39
N LEU C 101 36.41 -32.88 47.42
CA LEU C 101 35.49 -32.85 46.30
C LEU C 101 34.75 -34.19 46.28
N VAL C 102 33.45 -34.15 46.53
CA VAL C 102 32.59 -35.30 46.40
C VAL C 102 31.84 -35.17 45.09
N PHE C 103 31.83 -36.24 44.27
CA PHE C 103 31.16 -36.19 42.97
C PHE C 103 30.44 -37.50 42.69
N GLU C 104 29.51 -37.47 41.73
CA GLU C 104 28.74 -38.62 41.32
C GLU C 104 29.37 -39.22 40.06
N PRO C 105 29.23 -40.56 39.84
CA PRO C 105 29.79 -41.21 38.66
C PRO C 105 29.45 -40.50 37.34
N SER C 106 28.17 -40.12 37.19
CA SER C 106 27.64 -39.55 35.97
C SER C 106 28.42 -38.29 35.52
N VAL C 107 29.23 -37.67 36.41
CA VAL C 107 29.92 -36.42 36.08
C VAL C 107 31.43 -36.54 36.36
N GLU C 108 31.94 -37.78 36.31
CA GLU C 108 33.37 -38.09 36.51
C GLU C 108 34.22 -37.31 35.50
N ALA C 109 33.74 -37.21 34.26
CA ALA C 109 34.45 -36.46 33.23
C ALA C 109 34.79 -35.06 33.73
N ARG C 110 33.78 -34.36 34.25
CA ARG C 110 33.95 -32.98 34.73
C ARG C 110 34.81 -32.97 35.99
N ALA C 111 34.66 -34.00 36.84
CA ALA C 111 35.43 -34.07 38.08
C ALA C 111 36.93 -34.14 37.75
N ALA C 112 37.27 -34.97 36.77
CA ALA C 112 38.66 -35.17 36.34
C ALA C 112 39.19 -33.83 35.80
N ASP C 113 38.44 -33.25 34.87
CA ASP C 113 38.70 -31.94 34.29
C ASP C 113 39.06 -30.95 35.41
N LEU C 114 38.22 -30.90 36.46
CA LEU C 114 38.36 -29.97 37.59
C LEU C 114 39.71 -30.21 38.30
N LEU C 115 40.04 -31.50 38.50
CA LEU C 115 41.15 -31.90 39.37
C LEU C 115 42.50 -31.67 38.68
N GLU C 116 42.49 -31.58 37.34
CA GLU C 116 43.68 -31.15 36.60
C GLU C 116 43.98 -29.67 36.94
N ARG C 117 42.93 -28.87 37.20
CA ARG C 117 43.03 -27.41 37.32
C ARG C 117 43.25 -26.96 38.77
N VAL C 118 42.78 -27.73 39.75
CA VAL C 118 42.86 -27.31 41.15
C VAL C 118 43.11 -28.56 42.01
N SER C 119 43.98 -28.40 43.02
CA SER C 119 44.38 -29.52 43.87
C SER C 119 43.48 -29.54 45.11
N VAL C 120 43.21 -30.75 45.62
CA VAL C 120 42.27 -30.93 46.72
C VAL C 120 42.70 -32.13 47.56
N PRO C 121 42.81 -31.97 48.89
CA PRO C 121 43.24 -33.06 49.77
C PRO C 121 42.55 -34.42 49.57
N VAL C 122 41.22 -34.42 49.54
CA VAL C 122 40.43 -35.64 49.56
C VAL C 122 39.47 -35.63 48.36
N VAL C 123 39.39 -36.76 47.66
CA VAL C 123 38.58 -36.87 46.45
C VAL C 123 37.73 -38.13 46.60
N LEU C 124 36.42 -37.93 46.74
CA LEU C 124 35.46 -39.00 47.05
C LEU C 124 34.34 -39.02 46.01
N SER C 125 33.71 -40.18 45.84
CA SER C 125 32.68 -40.36 44.85
C SER C 125 31.49 -41.14 45.43
N LEU C 126 30.29 -40.81 44.96
CA LEU C 126 29.06 -41.48 45.37
C LEU C 126 28.86 -42.70 44.47
N GLY C 127 29.56 -43.78 44.81
CA GLY C 127 29.55 -45.01 44.03
C GLY C 127 30.91 -45.23 43.36
N PRO C 128 31.16 -46.47 42.84
CA PRO C 128 32.49 -46.82 42.35
C PRO C 128 32.94 -45.94 41.16
N THR C 129 34.20 -45.51 41.16
CA THR C 129 34.71 -44.63 40.13
C THR C 129 36.25 -44.70 40.07
N SER C 130 36.80 -44.25 38.94
CA SER C 130 38.22 -44.32 38.63
C SER C 130 39.01 -43.26 39.41
N ARG C 131 38.58 -41.98 39.32
CA ARG C 131 39.40 -40.82 39.79
C ARG C 131 39.27 -40.62 41.32
N GLY C 132 38.38 -41.36 42.02
CA GLY C 132 38.09 -41.10 43.47
C GLY C 132 37.65 -42.32 44.28
N ARG C 133 37.71 -42.17 45.61
CA ARG C 133 37.40 -43.24 46.60
C ARG C 133 35.88 -43.28 46.86
N ASP C 134 35.29 -44.48 46.76
CA ASP C 134 33.84 -44.67 46.82
C ASP C 134 33.35 -44.62 48.29
N ILE C 135 32.73 -43.50 48.66
CA ILE C 135 32.18 -43.26 50.00
C ILE C 135 31.10 -44.30 50.33
N LEU C 136 30.34 -44.77 49.33
CA LEU C 136 29.10 -45.53 49.56
C LEU C 136 29.42 -46.94 50.07
N ALA C 137 30.69 -47.35 50.01
CA ALA C 137 31.21 -48.62 50.56
C ALA C 137 31.29 -48.58 52.09
N ALA C 138 31.63 -47.42 52.67
CA ALA C 138 31.95 -47.28 54.11
C ALA C 138 30.69 -47.37 55.01
N SER C 139 30.13 -48.58 55.20
CA SER C 139 29.11 -48.83 56.28
C SER C 139 29.75 -48.64 57.67
N THR C 144 24.08 -46.95 65.60
CA THR C 144 25.20 -46.00 65.41
C THR C 144 24.68 -44.63 64.95
N PRO C 145 24.87 -43.55 65.73
CA PRO C 145 24.09 -42.31 65.57
C PRO C 145 24.80 -41.31 64.65
N LEU C 146 24.10 -40.26 64.23
CA LEU C 146 24.74 -39.16 63.53
C LEU C 146 25.59 -38.37 64.53
N ARG C 147 26.88 -38.21 64.20
CA ARG C 147 27.83 -37.52 65.05
C ARG C 147 28.06 -36.12 64.47
N TYR C 148 27.41 -35.12 65.07
CA TYR C 148 27.54 -33.70 64.64
C TYR C 148 28.87 -33.09 65.14
N ARG C 149 29.46 -32.22 64.34
CA ARG C 149 30.52 -31.29 64.78
C ARG C 149 30.06 -29.86 64.44
N GLU C 150 30.68 -28.86 65.07
CA GLU C 150 30.33 -27.45 64.93
C GLU C 150 31.31 -26.76 63.97
N HIS C 151 30.76 -26.06 62.96
CA HIS C 151 31.55 -25.15 62.16
C HIS C 151 32.04 -24.01 63.07
N PRO C 152 33.36 -23.75 63.15
CA PRO C 152 33.87 -22.67 63.99
C PRO C 152 33.18 -21.31 63.77
N GLU C 153 32.77 -21.01 62.52
CA GLU C 153 32.17 -19.70 62.20
C GLU C 153 30.69 -19.86 61.81
N GLY C 154 30.08 -21.02 62.05
CA GLY C 154 28.62 -21.22 61.97
C GLY C 154 28.06 -21.22 60.54
N ILE C 155 28.92 -21.49 59.55
CA ILE C 155 28.56 -21.42 58.14
C ILE C 155 28.03 -22.78 57.68
N ALA C 156 26.87 -22.73 56.99
CA ALA C 156 26.19 -23.90 56.46
C ALA C 156 26.48 -24.07 54.97
N VAL C 157 26.55 -22.93 54.26
CA VAL C 157 26.66 -22.91 52.79
C VAL C 157 27.58 -21.77 52.37
N VAL C 158 28.40 -22.04 51.35
CA VAL C 158 29.00 -20.99 50.54
C VAL C 158 28.62 -21.22 49.09
N ALA C 159 28.06 -20.18 48.49
CA ALA C 159 27.55 -20.22 47.12
C ALA C 159 28.08 -19.00 46.38
N PHE C 160 28.56 -19.22 45.15
CA PHE C 160 29.27 -18.17 44.41
C PHE C 160 28.31 -17.47 43.44
N THR C 161 28.42 -16.14 43.39
CA THR C 161 27.96 -15.21 42.35
C THR C 161 28.30 -15.70 40.93
N SER C 162 27.67 -15.09 39.90
CA SER C 162 27.93 -15.41 38.46
C SER C 162 29.18 -14.68 37.91
N THR C 167 34.55 -10.61 39.46
CA THR C 167 34.96 -12.00 39.74
C THR C 167 34.07 -12.56 40.87
N PRO C 168 33.53 -13.81 40.71
CA PRO C 168 32.69 -14.44 41.73
C PRO C 168 33.12 -14.34 43.21
N LYS C 169 32.26 -13.72 44.02
CA LYS C 169 32.37 -13.68 45.48
C LYS C 169 31.62 -14.89 46.06
N GLY C 170 32.10 -15.43 47.17
CA GLY C 170 31.47 -16.54 47.85
C GLY C 170 30.57 -16.06 48.98
N VAL C 171 29.26 -16.19 48.79
CA VAL C 171 28.30 -15.79 49.80
C VAL C 171 28.27 -16.87 50.89
N ALA C 172 28.59 -16.47 52.13
CA ALA C 172 28.54 -17.37 53.27
C ALA C 172 27.24 -17.18 54.04
N HIS C 173 26.46 -18.27 54.15
CA HIS C 173 25.22 -18.27 54.88
C HIS C 173 25.33 -19.07 56.17
N SER C 174 24.83 -18.48 57.26
CA SER C 174 24.91 -19.08 58.56
C SER C 174 23.90 -20.21 58.66
N SER C 175 24.17 -21.12 59.61
CA SER C 175 23.21 -22.16 59.96
C SER C 175 21.92 -21.51 60.50
N THR C 176 22.04 -20.36 61.16
CA THR C 176 20.90 -19.64 61.70
C THR C 176 20.01 -19.12 60.59
N ALA C 177 20.67 -18.52 59.58
CA ALA C 177 20.00 -17.95 58.45
C ALA C 177 19.20 -19.02 57.71
N MET C 178 19.80 -20.21 57.52
CA MET C 178 19.15 -21.29 56.78
C MET C 178 17.96 -21.82 57.58
N SER C 179 18.06 -21.80 58.91
CA SER C 179 16.93 -22.17 59.76
C SER C 179 15.78 -21.16 59.58
N ALA C 180 16.11 -19.88 59.50
CA ALA C 180 15.09 -18.83 59.31
C ALA C 180 14.36 -19.05 57.96
N CYS C 181 15.09 -19.53 56.95
CA CYS C 181 14.54 -19.79 55.64
C CYS C 181 13.45 -20.86 55.70
N VAL C 182 13.56 -21.81 56.62
CA VAL C 182 12.51 -22.82 56.75
C VAL C 182 11.22 -22.12 57.22
N ASP C 183 11.36 -21.16 58.15
CA ASP C 183 10.20 -20.44 58.71
C ASP C 183 9.55 -19.58 57.61
N ALA C 184 10.39 -18.92 56.82
CA ALA C 184 9.96 -18.17 55.65
C ALA C 184 9.20 -19.10 54.68
N ALA C 185 9.81 -20.24 54.36
CA ALA C 185 9.19 -21.21 53.44
C ALA C 185 7.79 -21.58 53.94
N VAL C 186 7.66 -21.85 55.25
CA VAL C 186 6.36 -22.22 55.85
C VAL C 186 5.38 -21.07 55.65
N SER C 187 5.87 -19.84 55.86
CA SER C 187 5.04 -18.68 55.83
C SER C 187 4.49 -18.47 54.40
N MET C 188 5.31 -18.78 53.38
CA MET C 188 4.92 -18.62 51.97
C MET C 188 4.07 -19.80 51.48
N TYR C 189 4.46 -21.03 51.84
CA TYR C 189 4.04 -22.23 51.12
C TYR C 189 2.90 -22.99 51.80
N GLY C 190 2.62 -22.67 53.07
CA GLY C 190 1.61 -23.44 53.80
C GLY C 190 2.25 -24.28 54.88
N ARG C 191 1.44 -24.84 55.77
CA ARG C 191 1.86 -25.64 56.96
C ARG C 191 2.83 -26.79 56.64
N GLY C 192 2.34 -27.82 55.95
CA GLY C 192 3.18 -28.99 55.65
C GLY C 192 2.58 -30.22 56.28
N PRO C 193 2.65 -31.42 55.67
CA PRO C 193 3.63 -31.75 54.66
C PRO C 193 3.29 -31.36 53.22
N TRP C 194 4.34 -31.06 52.49
CA TRP C 194 4.32 -30.70 51.03
C TRP C 194 4.81 -31.89 50.21
N ARG C 195 4.21 -32.14 49.05
CA ARG C 195 4.83 -32.97 48.04
C ARG C 195 5.42 -32.01 46.99
N PHE C 196 6.71 -31.72 47.15
CA PHE C 196 7.36 -30.60 46.49
C PHE C 196 8.22 -31.09 45.32
N LEU C 197 7.83 -30.69 44.11
CA LEU C 197 8.51 -31.03 42.87
C LEU C 197 9.67 -30.05 42.67
N ILE C 198 10.88 -30.59 42.55
CA ILE C 198 12.05 -29.75 42.42
C ILE C 198 12.81 -30.15 41.17
N PRO C 199 12.57 -29.42 40.06
CA PRO C 199 13.34 -29.60 38.83
C PRO C 199 14.50 -28.61 38.66
N ILE C 200 14.70 -27.70 39.62
CA ILE C 200 15.85 -26.81 39.59
C ILE C 200 17.02 -27.52 40.26
N PRO C 201 18.28 -27.15 39.96
CA PRO C 201 19.42 -27.92 40.46
C PRO C 201 19.49 -27.91 42.00
N LEU C 202 19.82 -29.08 42.58
CA LEU C 202 20.02 -29.25 44.02
C LEU C 202 21.25 -28.49 44.52
N SER C 203 22.10 -28.00 43.61
CA SER C 203 23.32 -27.29 43.98
C SER C 203 23.03 -25.89 44.57
N ASP C 204 21.86 -25.30 44.29
CA ASP C 204 21.50 -23.94 44.75
C ASP C 204 20.12 -23.97 45.43
N LEU C 205 19.21 -23.07 45.01
CA LEU C 205 17.97 -22.89 45.75
C LEU C 205 17.24 -24.23 45.89
N GLY C 206 17.29 -25.04 44.84
CA GLY C 206 16.66 -26.38 44.83
C GLY C 206 16.99 -27.20 46.05
N GLY C 207 18.26 -27.20 46.43
CA GLY C 207 18.77 -27.95 47.57
C GLY C 207 18.26 -27.43 48.91
N GLU C 208 18.08 -26.10 49.03
CA GLU C 208 17.53 -25.49 50.23
C GLU C 208 16.03 -25.82 50.31
N LEU C 209 15.33 -25.81 49.17
CA LEU C 209 13.90 -26.11 49.17
C LEU C 209 13.69 -27.57 49.56
N ALA C 210 14.60 -28.45 49.17
CA ALA C 210 14.53 -29.85 49.55
C ALA C 210 14.60 -29.94 51.07
N GLN C 211 15.53 -29.18 51.66
CA GLN C 211 15.74 -29.18 53.11
C GLN C 211 14.49 -28.62 53.81
N CYS C 212 13.94 -27.51 53.31
CA CYS C 212 12.70 -26.95 53.82
C CYS C 212 11.59 -28.01 53.78
N THR C 213 11.50 -28.75 52.67
CA THR C 213 10.48 -29.76 52.47
C THR C 213 10.67 -30.88 53.50
N LEU C 214 11.91 -31.34 53.68
CA LEU C 214 12.19 -32.44 54.61
C LEU C 214 11.86 -32.00 56.03
N ALA C 215 12.30 -30.79 56.40
CA ALA C 215 12.23 -30.31 57.78
C ALA C 215 10.77 -30.17 58.25
N THR C 216 9.86 -29.95 57.30
CA THR C 216 8.41 -29.73 57.55
C THR C 216 7.63 -31.04 57.46
N GLY C 217 8.33 -32.12 57.19
CA GLY C 217 7.73 -33.45 57.25
C GLY C 217 7.20 -33.92 55.92
N GLY C 218 7.60 -33.23 54.85
CA GLY C 218 7.10 -33.50 53.52
C GLY C 218 8.00 -34.45 52.73
N THR C 219 7.61 -34.61 51.45
CA THR C 219 8.29 -35.45 50.49
C THR C 219 8.80 -34.60 49.33
N VAL C 220 10.10 -34.70 49.03
CA VAL C 220 10.70 -34.10 47.86
C VAL C 220 10.42 -35.03 46.68
N VAL C 221 10.04 -34.45 45.55
CA VAL C 221 9.87 -35.14 44.26
C VAL C 221 10.89 -34.56 43.29
N LEU C 222 11.84 -35.39 42.82
CA LEU C 222 12.99 -34.92 42.04
C LEU C 222 12.77 -35.14 40.56
N LEU C 223 13.14 -34.13 39.76
CA LEU C 223 13.38 -34.30 38.35
C LEU C 223 14.79 -33.81 38.02
N GLU C 224 15.40 -34.45 37.02
CA GLU C 224 16.75 -34.12 36.58
C GLU C 224 16.76 -32.77 35.84
N GLU C 225 15.74 -32.51 35.02
CA GLU C 225 15.66 -31.31 34.19
C GLU C 225 14.19 -30.91 34.06
N PHE C 226 13.97 -29.75 33.43
CA PHE C 226 12.61 -29.29 33.18
C PHE C 226 12.20 -29.66 31.75
N GLN C 227 11.13 -30.44 31.63
CA GLN C 227 10.36 -30.60 30.40
C GLN C 227 8.89 -30.44 30.78
N PRO C 228 8.09 -29.67 30.02
CA PRO C 228 6.71 -29.41 30.43
C PRO C 228 5.87 -30.69 30.60
N ASP C 229 6.02 -31.61 29.66
CA ASP C 229 5.28 -32.88 29.66
C ASP C 229 5.60 -33.63 30.95
N ALA C 230 6.90 -33.71 31.28
CA ALA C 230 7.39 -34.51 32.44
C ALA C 230 6.86 -33.94 33.77
N VAL C 231 6.90 -32.61 33.91
CA VAL C 231 6.44 -31.90 35.10
C VAL C 231 4.93 -32.13 35.26
N LEU C 232 4.19 -31.97 34.17
CA LEU C 232 2.75 -32.22 34.16
C LEU C 232 2.48 -33.64 34.65
N GLU C 233 3.21 -34.61 34.09
CA GLU C 233 3.01 -36.03 34.41
C GLU C 233 3.33 -36.25 35.88
N ALA C 234 4.45 -35.69 36.34
CA ALA C 234 4.92 -35.83 37.72
C ALA C 234 3.89 -35.25 38.70
N ILE C 235 3.33 -34.10 38.37
CA ILE C 235 2.39 -33.46 39.25
C ILE C 235 1.19 -34.39 39.47
N GLU C 236 0.69 -34.99 38.39
CA GLU C 236 -0.50 -35.82 38.43
C GLU C 236 -0.21 -37.16 39.11
N ARG C 237 0.90 -37.80 38.70
CA ARG C 237 1.31 -39.12 39.16
C ARG C 237 1.61 -39.11 40.67
N GLU C 238 2.36 -38.10 41.16
CA GLU C 238 2.79 -38.04 42.57
C GLU C 238 1.85 -37.15 43.38
N ARG C 239 0.81 -36.60 42.74
CA ARG C 239 -0.11 -35.66 43.37
C ARG C 239 0.68 -34.56 44.10
N ALA C 240 1.64 -33.95 43.39
CA ALA C 240 2.50 -32.89 43.93
C ALA C 240 1.66 -31.69 44.36
N THR C 241 2.04 -31.06 45.48
CA THR C 241 1.35 -29.90 46.03
C THR C 241 2.10 -28.62 45.69
N HIS C 242 3.41 -28.72 45.52
CA HIS C 242 4.27 -27.59 45.31
C HIS C 242 5.23 -27.93 44.18
N VAL C 243 5.67 -26.88 43.49
CA VAL C 243 6.70 -26.97 42.49
C VAL C 243 7.35 -25.60 42.41
N PHE C 244 8.65 -25.59 42.11
CA PHE C 244 9.38 -24.38 41.86
C PHE C 244 9.92 -24.41 40.44
N LEU C 245 9.68 -23.32 39.71
CA LEU C 245 10.04 -23.15 38.31
C LEU C 245 10.79 -21.83 38.13
N ALA C 246 11.74 -21.85 37.17
CA ALA C 246 12.25 -20.61 36.61
C ALA C 246 11.12 -19.97 35.81
N PRO C 247 11.03 -18.63 35.74
CA PRO C 247 9.91 -17.98 35.07
C PRO C 247 9.61 -18.54 33.67
N ASN C 248 10.64 -18.75 32.85
CA ASN C 248 10.43 -19.22 31.48
C ASN C 248 9.73 -20.58 31.50
N TRP C 249 10.03 -21.39 32.52
CA TRP C 249 9.44 -22.72 32.66
C TRP C 249 7.96 -22.59 33.03
N LEU C 250 7.63 -21.61 33.86
CA LEU C 250 6.26 -21.32 34.18
C LEU C 250 5.50 -21.12 32.87
N TYR C 251 6.03 -20.22 32.01
CA TYR C 251 5.34 -19.87 30.81
C TYR C 251 5.17 -21.13 29.94
N GLN C 252 6.22 -21.93 29.79
CA GLN C 252 6.17 -23.15 28.98
C GLN C 252 5.15 -24.13 29.53
N LEU C 253 5.04 -24.25 30.85
CA LEU C 253 4.11 -25.18 31.47
C LEU C 253 2.68 -24.69 31.23
N ALA C 254 2.44 -23.41 31.51
CA ALA C 254 1.11 -22.82 31.46
C ALA C 254 0.55 -22.83 30.02
N GLU C 255 1.44 -22.69 29.02
CA GLU C 255 1.04 -22.55 27.62
C GLU C 255 0.99 -23.93 26.93
N HIS C 256 1.44 -24.99 27.60
CA HIS C 256 1.51 -26.32 26.98
C HIS C 256 0.11 -26.85 26.66
N PRO C 257 -0.08 -27.47 25.48
CA PRO C 257 -1.40 -27.96 25.06
C PRO C 257 -2.04 -29.03 25.94
N ALA C 258 -1.22 -29.85 26.59
CA ALA C 258 -1.71 -30.94 27.44
C ALA C 258 -2.17 -30.42 28.82
N LEU C 259 -2.00 -29.14 29.14
CA LEU C 259 -2.32 -28.66 30.49
C LEU C 259 -3.76 -28.96 30.87
N PRO C 260 -4.77 -28.54 30.07
CA PRO C 260 -6.18 -28.78 30.44
C PRO C 260 -6.55 -30.28 30.52
N ARG C 261 -5.87 -31.11 29.71
CA ARG C 261 -5.97 -32.59 29.74
C ARG C 261 -5.54 -33.12 31.12
N SER C 262 -4.51 -32.49 31.74
CA SER C 262 -3.87 -32.97 32.98
C SER C 262 -4.70 -32.63 34.21
N ASP C 263 -4.58 -33.49 35.24
CA ASP C 263 -5.20 -33.30 36.56
C ASP C 263 -4.13 -32.74 37.51
N LEU C 264 -4.28 -31.45 37.83
CA LEU C 264 -3.35 -30.75 38.69
C LEU C 264 -4.06 -30.32 39.98
N SER C 265 -5.11 -31.05 40.37
CA SER C 265 -5.97 -30.64 41.49
C SER C 265 -5.18 -30.61 42.81
N SER C 266 -4.08 -31.38 42.87
CA SER C 266 -3.21 -31.47 44.05
C SER C 266 -2.43 -30.17 44.29
N LEU C 267 -2.19 -29.35 43.25
CA LEU C 267 -1.32 -28.16 43.39
C LEU C 267 -1.96 -27.15 44.36
N ARG C 268 -1.18 -26.74 45.36
CA ARG C 268 -1.52 -25.64 46.21
C ARG C 268 -0.61 -24.44 45.90
N ARG C 269 0.57 -24.68 45.31
CA ARG C 269 1.50 -23.59 45.01
C ARG C 269 2.41 -23.93 43.82
N VAL C 270 2.30 -23.09 42.78
CA VAL C 270 3.20 -23.11 41.68
C VAL C 270 4.13 -21.89 41.87
N VAL C 271 5.35 -22.18 42.31
CA VAL C 271 6.25 -21.16 42.74
C VAL C 271 7.25 -20.89 41.60
N TYR C 272 7.50 -19.61 41.33
CA TYR C 272 8.43 -19.23 40.30
C TYR C 272 9.19 -17.99 40.77
N GLY C 273 10.39 -17.80 40.24
CA GLY C 273 11.24 -16.70 40.63
C GLY C 273 12.66 -16.94 40.20
N GLY C 274 13.55 -16.01 40.53
CA GLY C 274 14.96 -16.19 40.27
C GLY C 274 15.44 -15.41 39.06
N ALA C 275 14.50 -14.70 38.43
CA ALA C 275 14.73 -13.87 37.24
C ALA C 275 13.51 -12.96 37.09
N PRO C 276 13.66 -11.78 36.44
CA PRO C 276 12.55 -10.85 36.29
C PRO C 276 11.48 -11.50 35.41
N ALA C 277 10.21 -11.31 35.82
CA ALA C 277 9.07 -11.96 35.22
C ALA C 277 8.49 -11.02 34.18
N VAL C 278 7.94 -11.61 33.13
CA VAL C 278 7.26 -10.87 32.08
C VAL C 278 5.80 -10.75 32.46
N PRO C 279 5.34 -9.56 32.89
CA PRO C 279 3.97 -9.37 33.39
C PRO C 279 2.86 -10.01 32.56
N SER C 280 2.94 -9.86 31.23
CA SER C 280 1.89 -10.34 30.33
C SER C 280 1.86 -11.88 30.32
N ARG C 281 3.03 -12.49 30.50
CA ARG C 281 3.16 -13.93 30.43
C ARG C 281 2.69 -14.55 31.76
N VAL C 282 2.91 -13.80 32.83
CA VAL C 282 2.47 -14.16 34.17
C VAL C 282 0.94 -14.09 34.19
N ALA C 283 0.38 -12.98 33.69
CA ALA C 283 -1.07 -12.81 33.62
C ALA C 283 -1.70 -14.03 32.91
N ALA C 284 -1.07 -14.44 31.81
CA ALA C 284 -1.55 -15.55 31.02
C ALA C 284 -1.50 -16.83 31.86
N ALA C 285 -0.37 -17.03 32.56
CA ALA C 285 -0.20 -18.19 33.41
C ALA C 285 -1.22 -18.17 34.55
N ARG C 286 -1.48 -16.99 35.11
CA ARG C 286 -2.43 -16.87 36.22
C ARG C 286 -3.83 -17.32 35.79
N GLU C 287 -4.24 -16.96 34.56
CA GLU C 287 -5.51 -17.37 33.98
C GLU C 287 -5.54 -18.88 33.79
N ARG C 288 -4.50 -19.43 33.12
CA ARG C 288 -4.51 -20.81 32.60
C ARG C 288 -4.33 -21.80 33.75
N MET C 289 -3.50 -21.45 34.74
CA MET C 289 -3.32 -22.20 36.02
C MET C 289 -4.27 -21.52 37.01
N GLY C 290 -4.53 -22.06 38.18
CA GLY C 290 -5.61 -21.43 38.95
C GLY C 290 -5.13 -20.26 39.81
N ALA C 291 -5.77 -20.16 40.98
CA ALA C 291 -5.23 -19.44 42.10
C ALA C 291 -4.16 -20.26 42.85
N VAL C 292 -3.09 -20.65 42.16
CA VAL C 292 -1.97 -21.38 42.77
C VAL C 292 -0.63 -20.68 42.51
N LEU C 293 -0.64 -19.59 41.74
CA LEU C 293 0.58 -18.95 41.32
C LEU C 293 1.16 -18.12 42.47
N MET C 294 2.45 -18.33 42.75
CA MET C 294 3.19 -17.54 43.69
C MET C 294 4.58 -17.23 43.15
N GLN C 295 4.95 -15.95 43.20
CA GLN C 295 6.29 -15.51 42.86
C GLN C 295 7.11 -15.37 44.14
N ASN C 296 8.41 -15.62 44.01
CA ASN C 296 9.40 -15.48 45.09
C ASN C 296 10.51 -14.56 44.61
N TYR C 297 10.96 -13.65 45.46
CA TYR C 297 12.10 -12.78 45.21
C TYR C 297 13.12 -12.99 46.32
N GLY C 298 14.37 -13.26 45.90
CA GLY C 298 15.49 -13.31 46.78
C GLY C 298 16.76 -12.94 46.02
N THR C 299 17.87 -12.81 46.77
CA THR C 299 19.19 -12.68 46.18
C THR C 299 20.11 -13.67 46.87
N GLN C 300 21.30 -13.87 46.29
CA GLN C 300 22.28 -14.76 46.87
C GLN C 300 22.68 -14.23 48.25
N GLU C 301 22.83 -12.91 48.36
CA GLU C 301 23.22 -12.27 49.59
C GLU C 301 22.04 -12.26 50.60
N ALA C 302 20.81 -12.07 50.14
CA ALA C 302 19.69 -11.79 51.02
C ALA C 302 18.92 -13.05 51.42
N ALA C 303 19.08 -14.13 50.67
CA ALA C 303 18.11 -15.21 50.64
C ALA C 303 16.70 -14.67 50.33
N PHE C 304 15.65 -15.30 50.88
CA PHE C 304 14.25 -14.92 50.63
C PHE C 304 13.96 -13.49 51.10
N ILE C 305 13.27 -12.70 50.26
CA ILE C 305 12.88 -11.33 50.62
C ILE C 305 11.35 -11.15 50.57
N ALA C 306 10.72 -11.51 49.45
CA ALA C 306 9.31 -11.19 49.26
C ALA C 306 8.63 -12.26 48.39
N ALA C 307 7.28 -12.26 48.44
CA ALA C 307 6.50 -13.16 47.64
C ALA C 307 5.21 -12.47 47.18
N LEU C 308 4.73 -12.89 46.01
CA LEU C 308 3.51 -12.42 45.41
C LEU C 308 2.53 -13.59 45.41
N THR C 309 1.40 -13.43 46.12
CA THR C 309 0.47 -14.52 46.40
C THR C 309 -0.41 -14.77 45.18
N PRO C 310 -1.14 -15.90 45.13
CA PRO C 310 -2.10 -16.15 44.05
C PRO C 310 -3.18 -15.07 43.97
N ASP C 311 -3.61 -14.52 45.11
CA ASP C 311 -4.62 -13.46 45.09
C ASP C 311 -4.02 -12.14 44.60
N ASP C 312 -2.75 -11.89 44.91
CA ASP C 312 -2.01 -10.73 44.40
C ASP C 312 -1.97 -10.77 42.86
N HIS C 313 -1.85 -11.98 42.29
CA HIS C 313 -1.74 -12.19 40.82
C HIS C 313 -3.06 -11.87 40.09
N ALA C 314 -4.13 -11.61 40.84
CA ALA C 314 -5.43 -11.29 40.28
C ALA C 314 -5.64 -9.78 40.24
N ARG C 315 -4.60 -8.98 40.49
CA ARG C 315 -4.65 -7.53 40.28
C ARG C 315 -3.60 -7.18 39.21
N ARG C 316 -4.01 -6.67 38.04
CA ARG C 316 -3.05 -6.38 36.93
C ARG C 316 -1.91 -5.51 37.47
N GLU C 317 -2.25 -4.57 38.37
CA GLU C 317 -1.30 -3.55 38.90
C GLU C 317 -0.11 -4.21 39.60
N LEU C 318 -0.30 -5.42 40.15
CA LEU C 318 0.72 -6.10 40.93
C LEU C 318 1.56 -7.08 40.08
N LEU C 319 1.26 -7.22 38.80
CA LEU C 319 2.03 -8.12 37.96
C LEU C 319 3.46 -7.57 37.72
N THR C 320 3.72 -6.32 38.10
CA THR C 320 5.07 -5.78 38.01
C THR C 320 5.77 -5.81 39.38
N ALA C 321 5.16 -6.49 40.36
CA ALA C 321 5.63 -6.51 41.72
C ALA C 321 6.22 -7.88 42.07
N VAL C 322 7.06 -7.85 43.12
CA VAL C 322 7.64 -9.04 43.72
C VAL C 322 6.79 -9.44 44.93
N GLY C 323 6.05 -8.47 45.45
CA GLY C 323 5.04 -8.69 46.47
C GLY C 323 5.38 -8.00 47.78
N ARG C 324 4.71 -8.40 48.85
CA ARG C 324 4.98 -7.90 50.19
C ARG C 324 6.22 -8.60 50.73
N PRO C 325 7.10 -7.91 51.48
CA PRO C 325 8.21 -8.58 52.16
C PRO C 325 7.70 -9.67 53.08
N LEU C 326 8.50 -10.72 53.25
CA LEU C 326 8.16 -11.82 54.12
C LEU C 326 8.22 -11.34 55.57
N PRO C 327 7.62 -12.11 56.51
CA PRO C 327 7.58 -11.75 57.93
C PRO C 327 8.72 -11.01 58.64
N HIS C 328 9.95 -11.53 58.69
CA HIS C 328 10.92 -10.81 59.53
C HIS C 328 11.84 -9.96 58.66
N VAL C 329 11.33 -9.61 57.47
CA VAL C 329 12.13 -8.96 56.44
C VAL C 329 11.81 -7.47 56.43
N GLU C 330 12.78 -6.68 56.87
CA GLU C 330 12.70 -5.25 56.85
C GLU C 330 13.29 -4.78 55.51
N VAL C 331 12.59 -3.87 54.83
CA VAL C 331 13.06 -3.30 53.57
C VAL C 331 12.98 -1.78 53.67
N GLU C 332 14.05 -1.11 53.23
CA GLU C 332 14.05 0.33 53.05
C GLU C 332 14.43 0.64 51.60
N ILE C 333 13.94 1.77 51.10
CA ILE C 333 14.36 2.35 49.84
C ILE C 333 15.22 3.57 50.17
N ARG C 334 16.41 3.66 49.59
CA ARG C 334 17.40 4.67 49.95
C ARG C 334 18.01 5.33 48.72
N ASP C 335 18.47 6.59 48.90
CA ASP C 335 19.14 7.36 47.85
C ASP C 335 20.64 7.04 47.85
N ASP C 336 21.36 7.67 46.91
CA ASP C 336 22.82 7.58 46.73
C ASP C 336 23.53 7.98 48.04
N SER C 337 22.97 8.96 48.76
CA SER C 337 23.47 9.41 50.07
C SER C 337 23.41 8.25 51.07
N GLY C 338 22.20 7.72 51.29
CA GLY C 338 21.94 6.66 52.27
C GLY C 338 20.70 6.90 53.10
N GLY C 339 19.96 7.98 52.82
CA GLY C 339 18.79 8.34 53.60
C GLY C 339 17.54 7.65 53.09
N THR C 340 16.60 7.39 54.00
CA THR C 340 15.35 6.73 53.69
C THR C 340 14.46 7.67 52.85
N LEU C 341 13.86 7.11 51.78
CA LEU C 341 12.95 7.79 50.85
C LEU C 341 11.50 7.42 51.19
N PRO C 342 10.52 8.26 50.79
CA PRO C 342 9.10 7.96 51.01
C PRO C 342 8.51 6.89 50.05
N ARG C 343 7.35 6.36 50.44
CA ARG C 343 6.57 5.44 49.61
C ARG C 343 6.39 6.08 48.24
N GLY C 344 6.64 5.31 47.18
CA GLY C 344 6.44 5.76 45.81
C GLY C 344 7.74 6.15 45.13
N ALA C 345 8.73 6.60 45.92
CA ALA C 345 10.02 7.04 45.38
C ALA C 345 10.85 5.82 44.95
N VAL C 346 11.71 6.01 43.94
CA VAL C 346 12.57 4.92 43.48
C VAL C 346 13.99 5.14 44.04
N GLY C 347 14.55 4.06 44.59
CA GLY C 347 15.90 4.02 45.10
C GLY C 347 16.37 2.59 45.34
N GLU C 348 17.52 2.45 46.02
CA GLU C 348 18.15 1.17 46.28
C GLU C 348 17.40 0.43 47.38
N VAL C 349 17.17 -0.86 47.15
CA VAL C 349 16.51 -1.74 48.08
C VAL C 349 17.56 -2.24 49.07
N TRP C 350 17.34 -1.95 50.35
CA TRP C 350 18.14 -2.45 51.45
C TRP C 350 17.26 -3.34 52.32
N VAL C 351 17.88 -4.38 52.86
CA VAL C 351 17.19 -5.45 53.53
C VAL C 351 17.92 -5.74 54.85
N ARG C 352 17.13 -5.96 55.92
CA ARG C 352 17.60 -6.47 57.20
C ARG C 352 16.67 -7.63 57.58
N SER C 353 17.25 -8.82 57.79
CA SER C 353 16.46 -10.00 58.10
C SER C 353 17.38 -11.08 58.69
N PRO C 354 16.79 -12.05 59.42
CA PRO C 354 17.56 -13.20 59.92
C PRO C 354 18.06 -14.15 58.82
N MET C 355 17.70 -13.89 57.55
CA MET C 355 18.08 -14.77 56.46
C MET C 355 19.29 -14.23 55.69
N THR C 356 19.74 -13.01 55.98
CA THR C 356 20.82 -12.42 55.20
C THR C 356 22.16 -13.10 55.50
N MET C 357 23.05 -13.03 54.50
CA MET C 357 24.39 -13.59 54.49
C MET C 357 25.14 -13.11 55.73
N SER C 358 26.16 -13.87 56.13
CA SER C 358 27.15 -13.44 57.12
C SER C 358 28.14 -12.49 56.48
N GLY C 359 28.42 -12.73 55.20
CA GLY C 359 29.39 -11.93 54.46
C GLY C 359 30.00 -12.75 53.34
N TYR C 360 30.79 -12.08 52.50
CA TYR C 360 31.51 -12.78 51.47
C TYR C 360 32.67 -13.50 52.15
N TRP C 361 32.78 -14.80 51.86
CA TRP C 361 33.75 -15.69 52.45
C TRP C 361 35.17 -15.14 52.22
N ARG C 362 35.87 -14.86 53.33
CA ARG C 362 37.28 -14.45 53.35
C ARG C 362 37.48 -13.22 52.45
N ASP C 363 36.52 -12.28 52.50
CA ASP C 363 36.60 -11.03 51.74
C ASP C 363 35.85 -9.93 52.47
N PRO C 364 36.40 -9.37 53.58
CA PRO C 364 35.74 -8.31 54.35
C PRO C 364 35.71 -6.95 53.62
N GLU C 365 36.69 -6.70 52.74
CA GLU C 365 36.76 -5.44 51.97
C GLU C 365 35.46 -5.33 51.14
N ARG C 366 35.12 -6.40 50.38
CA ARG C 366 33.91 -6.42 49.52
C ARG C 366 32.64 -6.49 50.39
N THR C 367 32.69 -7.25 51.49
CA THR C 367 31.54 -7.40 52.40
C THR C 367 31.10 -6.03 52.92
N ALA C 368 32.05 -5.16 53.25
CA ALA C 368 31.76 -3.88 53.93
C ALA C 368 31.14 -2.84 52.97
N GLN C 369 31.28 -3.09 51.66
CA GLN C 369 30.66 -2.28 50.59
C GLN C 369 29.17 -2.61 50.41
N VAL C 370 28.71 -3.69 51.04
CA VAL C 370 27.43 -4.30 50.76
C VAL C 370 26.61 -4.42 52.07
N LEU C 371 27.28 -4.49 53.22
CA LEU C 371 26.63 -4.50 54.54
C LEU C 371 26.96 -3.22 55.27
N SER C 372 25.99 -2.77 56.08
CA SER C 372 26.15 -1.54 56.85
C SER C 372 25.01 -1.43 57.88
N GLY C 373 25.36 -1.59 59.15
CA GLY C 373 24.44 -1.43 60.26
C GLY C 373 23.47 -2.59 60.33
N GLY C 374 23.88 -3.75 59.78
CA GLY C 374 23.02 -4.93 59.72
C GLY C 374 22.11 -4.95 58.49
N TRP C 375 22.18 -3.89 57.67
CA TRP C 375 21.43 -3.75 56.43
C TRP C 375 22.29 -4.25 55.27
N LEU C 376 21.64 -4.97 54.36
CA LEU C 376 22.25 -5.46 53.13
C LEU C 376 21.74 -4.64 51.93
N ARG C 377 22.68 -4.16 51.11
CA ARG C 377 22.44 -3.54 49.82
C ARG C 377 22.23 -4.67 48.80
N THR C 378 20.96 -4.90 48.43
CA THR C 378 20.58 -6.03 47.59
C THR C 378 21.27 -5.93 46.23
N GLY C 379 21.41 -4.71 45.73
CA GLY C 379 21.88 -4.48 44.37
C GLY C 379 20.72 -4.18 43.43
N ASP C 380 19.49 -4.20 43.94
CA ASP C 380 18.31 -3.88 43.21
C ASP C 380 17.87 -2.47 43.56
N VAL C 381 17.10 -1.91 42.63
CA VAL C 381 16.48 -0.63 42.72
C VAL C 381 14.96 -0.84 42.53
N GLY C 382 14.15 -0.11 43.29
CA GLY C 382 12.71 -0.32 43.27
C GLY C 382 11.94 0.68 44.11
N THR C 383 10.66 0.35 44.33
CA THR C 383 9.78 1.20 45.09
C THR C 383 8.56 0.40 45.56
N PHE C 384 7.93 0.92 46.61
CA PHE C 384 6.70 0.38 47.16
C PHE C 384 5.50 1.16 46.63
N ASP C 385 4.39 0.46 46.47
CA ASP C 385 3.14 1.05 46.03
C ASP C 385 2.33 1.43 47.27
N GLU C 386 1.12 1.96 47.07
CA GLU C 386 0.21 2.42 48.16
C GLU C 386 -0.11 1.27 49.14
N ASP C 387 -0.12 0.01 48.67
CA ASP C 387 -0.56 -1.13 49.48
C ASP C 387 0.64 -1.92 50.05
N GLY C 388 1.87 -1.39 49.87
CA GLY C 388 3.09 -1.98 50.47
C GLY C 388 3.68 -3.18 49.71
N HIS C 389 3.38 -3.32 48.42
CA HIS C 389 4.05 -4.30 47.56
C HIS C 389 5.30 -3.67 46.94
N LEU C 390 6.39 -4.43 46.92
CA LEU C 390 7.62 -3.94 46.36
C LEU C 390 7.60 -4.16 44.85
N HIS C 391 8.05 -3.15 44.11
CA HIS C 391 8.21 -3.20 42.66
C HIS C 391 9.67 -2.95 42.30
N LEU C 392 10.31 -3.87 41.58
CA LEU C 392 11.71 -3.69 41.19
C LEU C 392 11.78 -3.07 39.81
N THR C 393 12.50 -1.96 39.68
CA THR C 393 12.67 -1.25 38.42
C THR C 393 13.98 -1.63 37.71
N ASP C 394 14.96 -2.16 38.44
CA ASP C 394 16.24 -2.54 37.84
C ASP C 394 17.22 -3.12 38.86
N ARG C 395 18.12 -3.95 38.35
CA ARG C 395 19.45 -4.18 38.89
C ARG C 395 20.22 -2.86 38.78
N LEU C 396 20.96 -2.50 39.81
CA LEU C 396 21.65 -1.21 39.90
C LEU C 396 22.64 -1.01 38.74
N GLN C 397 23.30 -2.09 38.31
CA GLN C 397 24.25 -2.08 37.18
C GLN C 397 23.53 -1.87 35.82
N ASP C 398 22.20 -2.01 35.76
CA ASP C 398 21.45 -2.03 34.50
C ASP C 398 20.72 -0.70 34.23
N ILE C 399 20.74 0.22 35.20
CA ILE C 399 20.12 1.51 35.03
C ILE C 399 20.81 2.24 33.87
N ILE C 400 20.02 2.86 33.01
CA ILE C 400 20.52 3.65 31.91
C ILE C 400 20.45 5.13 32.27
N ILE C 401 21.60 5.78 32.38
CA ILE C 401 21.67 7.13 32.93
C ILE C 401 21.86 8.11 31.77
N VAL C 402 20.97 9.11 31.72
CA VAL C 402 21.17 10.25 30.84
C VAL C 402 21.07 11.51 31.70
N GLU C 403 22.19 12.22 31.87
CA GLU C 403 22.25 13.54 32.48
C GLU C 403 21.34 13.61 33.70
N ALA C 404 21.62 12.74 34.67
CA ALA C 404 20.97 12.83 36.00
C ALA C 404 19.49 12.42 35.94
N TYR C 405 19.11 11.67 34.91
CA TYR C 405 17.82 11.01 34.84
C TYR C 405 18.09 9.51 34.67
N ASN C 406 17.29 8.73 35.41
CA ASN C 406 17.37 7.30 35.44
C ASN C 406 16.34 6.73 34.45
N VAL C 407 16.82 5.97 33.48
CA VAL C 407 15.95 5.13 32.66
C VAL C 407 16.07 3.70 33.16
N TYR C 408 14.98 3.17 33.72
CA TYR C 408 15.01 1.85 34.29
C TYR C 408 14.68 0.85 33.21
N SER C 409 15.63 -0.02 32.90
CA SER C 409 15.49 -0.92 31.77
C SER C 409 14.27 -1.83 31.92
N ARG C 410 13.89 -2.21 33.14
CA ARG C 410 12.77 -3.16 33.31
C ARG C 410 11.44 -2.49 32.97
N ARG C 411 11.32 -1.19 33.25
CA ARG C 411 10.13 -0.45 32.86
C ARG C 411 9.99 -0.46 31.33
N VAL C 412 11.09 -0.36 30.60
CA VAL C 412 11.07 -0.35 29.14
C VAL C 412 10.70 -1.74 28.60
N GLU C 413 11.22 -2.79 29.24
CA GLU C 413 10.93 -4.18 28.87
C GLU C 413 9.45 -4.51 29.09
N HIS C 414 8.88 -4.05 30.22
CA HIS C 414 7.47 -4.29 30.55
CA HIS C 414 7.47 -4.29 30.55
C HIS C 414 6.59 -3.78 29.41
N VAL C 415 6.87 -2.55 28.93
CA VAL C 415 6.07 -1.92 27.87
C VAL C 415 6.24 -2.70 26.55
N LEU C 416 7.48 -3.02 26.17
CA LEU C 416 7.73 -3.77 24.97
C LEU C 416 6.98 -5.11 25.01
N THR C 417 7.03 -5.81 26.15
CA THR C 417 6.48 -7.18 26.23
C THR C 417 4.95 -7.17 26.34
N GLU C 418 4.34 -6.02 26.69
CA GLU C 418 2.89 -5.85 26.65
C GLU C 418 2.40 -6.01 25.21
N HIS C 419 3.22 -5.62 24.22
CA HIS C 419 2.85 -5.79 22.82
C HIS C 419 2.57 -7.27 22.59
N PRO C 420 1.46 -7.59 21.89
CA PRO C 420 1.04 -8.98 21.74
C PRO C 420 1.99 -9.85 20.91
N ASP C 421 2.85 -9.21 20.11
CA ASP C 421 3.74 -9.91 19.17
C ASP C 421 5.16 -10.01 19.75
N VAL C 422 5.36 -9.54 20.98
CA VAL C 422 6.62 -9.61 21.69
C VAL C 422 6.44 -10.50 22.92
N ARG C 423 7.39 -11.44 23.08
CA ARG C 423 7.40 -12.45 24.17
CA ARG C 423 7.41 -12.45 24.16
C ARG C 423 8.42 -12.05 25.24
N ALA C 424 9.56 -11.46 24.86
CA ALA C 424 10.63 -11.10 25.81
C ALA C 424 11.44 -9.90 25.32
N ALA C 425 12.14 -9.23 26.23
CA ALA C 425 12.96 -8.11 25.88
C ALA C 425 14.10 -7.91 26.89
N ALA C 426 15.26 -7.51 26.39
CA ALA C 426 16.37 -7.07 27.21
C ALA C 426 16.78 -5.68 26.73
N VAL C 427 16.67 -4.68 27.60
CA VAL C 427 17.01 -3.30 27.28
C VAL C 427 18.29 -2.94 28.04
N VAL C 428 19.25 -2.35 27.31
CA VAL C 428 20.55 -1.99 27.82
C VAL C 428 20.90 -0.59 27.32
N GLY C 429 21.84 0.05 27.99
CA GLY C 429 22.49 1.28 27.51
C GLY C 429 23.90 1.02 27.02
N VAL C 430 24.30 1.73 25.97
CA VAL C 430 25.71 1.81 25.58
C VAL C 430 26.08 3.29 25.53
N PRO C 431 27.34 3.66 25.82
CA PRO C 431 27.68 5.07 26.02
C PRO C 431 27.61 5.81 24.68
N ASP C 432 27.19 7.07 24.75
CA ASP C 432 27.06 7.94 23.55
C ASP C 432 27.23 9.37 24.01
N PRO C 433 28.17 10.15 23.42
CA PRO C 433 28.46 11.50 23.93
C PRO C 433 27.30 12.52 23.74
N ASP C 434 26.43 12.28 22.74
CA ASP C 434 25.40 13.23 22.33
C ASP C 434 24.04 12.90 22.99
N SER C 435 23.86 11.65 23.45
CA SER C 435 22.60 11.19 24.05
C SER C 435 22.77 10.78 25.53
N GLY C 436 24.02 10.81 26.04
CA GLY C 436 24.42 10.29 27.36
C GLY C 436 24.73 8.80 27.29
N GLU C 437 23.66 8.03 27.12
CA GLU C 437 23.70 6.62 26.69
C GLU C 437 22.65 6.43 25.60
N ALA C 438 22.89 5.44 24.74
CA ALA C 438 21.92 5.06 23.72
C ALA C 438 21.18 3.80 24.18
N VAL C 439 19.84 3.90 24.23
CA VAL C 439 18.99 2.82 24.69
C VAL C 439 18.83 1.81 23.56
N CYS C 440 19.08 0.53 23.87
CA CYS C 440 19.00 -0.54 22.90
C CYS C 440 18.11 -1.66 23.43
N ALA C 441 17.41 -2.36 22.54
CA ALA C 441 16.49 -3.39 22.95
C ALA C 441 16.69 -4.60 22.05
N ALA C 442 16.99 -5.73 22.69
CA ALA C 442 16.90 -7.03 22.11
C ALA C 442 15.52 -7.59 22.42
N VAL C 443 14.84 -8.04 21.37
CA VAL C 443 13.44 -8.41 21.45
C VAL C 443 13.28 -9.82 20.91
N VAL C 444 12.57 -10.65 21.67
CA VAL C 444 12.12 -11.94 21.21
C VAL C 444 10.65 -11.82 20.81
N VAL C 445 10.41 -12.26 19.59
CA VAL C 445 9.17 -12.10 18.90
C VAL C 445 8.35 -13.35 19.19
N ALA C 446 7.02 -13.23 19.10
CA ALA C 446 6.11 -14.37 19.30
C ALA C 446 6.17 -15.33 18.10
N ASP C 447 5.93 -16.62 18.33
CA ASP C 447 6.29 -17.75 17.40
C ASP C 447 6.52 -17.34 15.93
N GLY C 448 5.50 -16.88 15.17
CA GLY C 448 5.73 -16.48 13.78
C GLY C 448 5.21 -15.09 13.44
N ALA C 449 5.46 -14.15 14.35
CA ALA C 449 5.02 -12.77 14.24
C ALA C 449 6.13 -11.93 13.60
N ASP C 450 5.76 -10.72 13.18
CA ASP C 450 6.66 -9.79 12.55
C ASP C 450 6.26 -8.38 12.94
N PRO C 451 6.44 -7.97 14.21
CA PRO C 451 6.11 -6.61 14.63
C PRO C 451 7.08 -5.60 14.01
N ASP C 452 6.60 -4.36 13.89
CA ASP C 452 7.35 -3.29 13.30
C ASP C 452 8.18 -2.67 14.41
N PRO C 453 9.53 -2.66 14.32
CA PRO C 453 10.36 -2.02 15.32
C PRO C 453 9.84 -0.62 15.69
N GLU C 454 9.30 0.09 14.69
CA GLU C 454 8.86 1.43 14.87
C GLU C 454 7.59 1.48 15.75
N HIS C 455 6.74 0.45 15.66
CA HIS C 455 5.54 0.38 16.51
C HIS C 455 5.96 0.22 17.97
N LEU C 456 7.02 -0.56 18.19
CA LEU C 456 7.57 -0.82 19.50
C LEU C 456 8.18 0.47 20.06
N ARG C 457 8.97 1.17 19.23
CA ARG C 457 9.51 2.47 19.64
C ARG C 457 8.36 3.38 20.07
N ALA C 458 7.29 3.37 19.28
CA ALA C 458 6.17 4.30 19.44
C ALA C 458 5.39 3.98 20.73
N LEU C 459 5.31 2.69 21.04
CA LEU C 459 4.64 2.20 22.22
C LEU C 459 5.41 2.67 23.47
N VAL C 460 6.75 2.56 23.44
CA VAL C 460 7.57 3.00 24.55
C VAL C 460 7.39 4.50 24.69
N ARG C 461 7.40 5.21 23.55
CA ARG C 461 7.33 6.66 23.59
C ARG C 461 6.02 7.13 24.22
N ASP C 462 4.91 6.42 23.97
CA ASP C 462 3.58 6.82 24.46
C ASP C 462 3.49 6.62 25.98
N HIS C 463 4.04 5.52 26.48
CA HIS C 463 3.88 5.11 27.87
C HIS C 463 4.93 5.74 28.78
N LEU C 464 6.20 5.77 28.33
CA LEU C 464 7.30 6.22 29.16
C LEU C 464 7.85 7.60 28.80
N GLY C 465 7.91 7.96 27.53
CA GLY C 465 8.46 9.29 27.16
C GLY C 465 9.71 9.13 26.31
N ASP C 466 10.31 10.25 25.87
CA ASP C 466 11.29 10.22 24.79
C ASP C 466 12.57 9.50 25.22
N LEU C 467 13.01 9.68 26.48
CA LEU C 467 14.32 9.21 26.92
C LEU C 467 14.38 7.68 26.90
N HIS C 468 13.23 7.04 27.12
CA HIS C 468 13.10 5.59 27.29
C HIS C 468 13.08 4.85 25.96
N VAL C 469 12.86 5.58 24.85
CA VAL C 469 12.68 4.95 23.56
C VAL C 469 14.01 4.37 23.10
N PRO C 470 14.03 3.07 22.74
CA PRO C 470 15.23 2.46 22.18
C PRO C 470 15.53 3.00 20.76
N ARG C 471 16.77 3.43 20.53
CA ARG C 471 17.28 3.81 19.22
C ARG C 471 17.38 2.54 18.35
N ARG C 472 17.98 1.48 18.89
CA ARG C 472 18.22 0.25 18.15
C ARG C 472 17.31 -0.83 18.73
N VAL C 473 16.71 -1.61 17.81
CA VAL C 473 15.93 -2.78 18.13
C VAL C 473 16.50 -3.97 17.34
N GLU C 474 16.95 -5.00 18.03
CA GLU C 474 17.43 -6.23 17.40
C GLU C 474 16.51 -7.40 17.77
N PHE C 475 16.03 -8.12 16.77
CA PHE C 475 15.24 -9.30 16.97
C PHE C 475 16.16 -10.52 17.10
N VAL C 476 15.95 -11.31 18.14
CA VAL C 476 16.82 -12.40 18.54
C VAL C 476 15.96 -13.62 18.88
N ARG C 477 16.55 -14.81 18.80
CA ARG C 477 15.83 -16.07 18.96
C ARG C 477 15.42 -16.23 20.43
N SER C 478 16.32 -15.83 21.35
CA SER C 478 16.07 -15.85 22.79
C SER C 478 17.03 -14.89 23.50
N ILE C 479 16.73 -14.58 24.76
CA ILE C 479 17.56 -13.73 25.58
C ILE C 479 18.61 -14.61 26.24
N PRO C 480 19.91 -14.30 26.09
CA PRO C 480 20.96 -15.14 26.67
C PRO C 480 20.88 -15.09 28.19
N VAL C 481 21.14 -16.24 28.83
CA VAL C 481 21.09 -16.33 30.28
C VAL C 481 22.49 -16.67 30.79
N THR C 482 22.79 -16.21 32.02
CA THR C 482 23.96 -16.61 32.79
C THR C 482 23.79 -18.07 33.19
N PRO C 483 24.84 -18.77 33.67
CA PRO C 483 24.68 -20.13 34.17
C PRO C 483 23.61 -20.21 35.29
N ALA C 484 23.48 -19.14 36.08
CA ALA C 484 22.47 -19.09 37.18
C ALA C 484 21.05 -18.91 36.66
N GLY C 485 20.90 -18.60 35.36
CA GLY C 485 19.59 -18.52 34.68
C GLY C 485 19.02 -17.12 34.66
N LYS C 486 19.87 -16.12 34.85
CA LYS C 486 19.46 -14.71 34.82
C LYS C 486 19.77 -14.14 33.44
N PRO C 487 19.05 -13.07 33.01
CA PRO C 487 19.33 -12.44 31.73
C PRO C 487 20.75 -11.87 31.68
N ASP C 488 21.51 -12.31 30.68
CA ASP C 488 22.90 -11.94 30.57
C ASP C 488 22.97 -10.59 29.86
N LYS C 489 22.77 -9.51 30.63
CA LYS C 489 22.71 -8.21 30.04
C LYS C 489 24.11 -7.66 29.73
N VAL C 490 25.20 -8.30 30.17
CA VAL C 490 26.50 -7.83 29.70
C VAL C 490 26.69 -8.36 28.27
N LYS C 491 26.21 -9.57 27.99
CA LYS C 491 26.28 -10.12 26.64
C LYS C 491 25.45 -9.25 25.68
N VAL C 492 24.21 -8.94 26.05
CA VAL C 492 23.31 -8.14 25.22
C VAL C 492 23.98 -6.80 24.93
N ARG C 493 24.64 -6.22 25.94
CA ARG C 493 25.32 -4.94 25.81
C ARG C 493 26.39 -5.01 24.71
N THR C 494 27.08 -6.16 24.56
CA THR C 494 28.18 -6.31 23.57
C THR C 494 27.63 -6.31 22.14
N TRP C 495 26.38 -6.75 21.97
CA TRP C 495 25.74 -6.82 20.66
C TRP C 495 25.57 -5.43 20.05
N PHE C 496 25.59 -4.38 20.88
CA PHE C 496 25.21 -3.03 20.48
C PHE C 496 26.37 -2.04 20.61
N THR C 497 27.60 -2.54 20.76
CA THR C 497 28.82 -1.81 20.41
C THR C 497 29.15 -2.27 18.98
N ASP C 498 28.80 -1.41 18.00
CA ASP C 498 28.80 -1.76 16.57
C ASP C 498 29.40 -0.57 15.79
N GLY D 1 -32.46 29.23 -56.33
CA GLY D 1 -31.75 29.78 -57.53
C GLY D 1 -31.00 28.70 -58.32
N PRO D 2 -30.26 29.11 -59.38
CA PRO D 2 -29.37 28.20 -60.13
C PRO D 2 -28.07 27.82 -59.40
N ALA D 3 -27.62 26.56 -59.59
CA ALA D 3 -26.55 25.88 -58.82
C ALA D 3 -25.17 26.54 -58.97
N MET D 4 -24.94 27.25 -60.08
CA MET D 4 -23.69 27.99 -60.34
C MET D 4 -23.56 29.18 -59.36
N GLY D 5 -24.62 29.48 -58.60
CA GLY D 5 -24.65 30.61 -57.71
C GLY D 5 -23.57 30.55 -56.63
N TYR D 6 -23.27 29.33 -56.16
CA TYR D 6 -22.30 29.13 -55.06
C TYR D 6 -20.88 29.47 -55.54
N ALA D 7 -20.42 28.75 -56.57
CA ALA D 7 -19.09 28.99 -57.13
C ALA D 7 -18.91 30.47 -57.42
N ARG D 8 -19.94 31.12 -57.98
CA ARG D 8 -19.88 32.55 -58.32
C ARG D 8 -19.75 33.36 -57.04
N ARG D 9 -20.47 32.97 -55.97
CA ARG D 9 -20.41 33.68 -54.69
C ARG D 9 -18.98 33.72 -54.16
N VAL D 10 -18.29 32.57 -54.29
CA VAL D 10 -16.95 32.43 -53.80
C VAL D 10 -16.02 33.29 -54.65
N MET D 11 -16.07 33.09 -55.97
CA MET D 11 -15.31 33.88 -56.93
C MET D 11 -15.49 35.37 -56.67
N ASP D 12 -16.75 35.76 -56.47
CA ASP D 12 -17.15 37.16 -56.34
C ASP D 12 -16.47 37.78 -55.12
N GLY D 13 -16.26 36.99 -54.08
CA GLY D 13 -15.76 37.46 -52.77
C GLY D 13 -14.26 37.71 -52.76
N ILE D 14 -13.52 37.00 -53.61
CA ILE D 14 -12.04 36.93 -53.55
C ILE D 14 -11.44 38.35 -53.53
N GLY D 15 -10.60 38.63 -52.53
CA GLY D 15 -10.03 39.96 -52.29
C GLY D 15 -8.65 40.15 -52.90
N GLU D 16 -7.92 41.17 -52.43
CA GLU D 16 -6.61 41.56 -52.99
C GLU D 16 -5.65 40.38 -52.91
N VAL D 17 -5.50 39.79 -51.71
CA VAL D 17 -4.61 38.65 -51.47
C VAL D 17 -5.44 37.43 -51.02
N ALA D 18 -5.29 36.32 -51.76
CA ALA D 18 -6.17 35.17 -51.61
C ALA D 18 -5.52 34.10 -50.72
N VAL D 19 -4.23 33.79 -50.96
CA VAL D 19 -3.53 32.72 -50.24
C VAL D 19 -2.13 33.19 -49.83
N THR D 20 -1.68 32.73 -48.65
CA THR D 20 -0.28 32.87 -48.19
C THR D 20 0.19 31.53 -47.64
N GLY D 21 1.50 31.26 -47.74
CA GLY D 21 2.07 29.99 -47.35
C GLY D 21 3.58 30.03 -47.20
N ALA D 22 4.20 28.85 -47.36
CA ALA D 22 5.65 28.69 -47.46
C ALA D 22 6.17 29.52 -48.64
N GLY D 23 5.66 29.24 -49.85
CA GLY D 23 6.11 29.78 -51.13
C GLY D 23 5.86 31.28 -51.29
N GLY D 24 5.03 31.87 -50.41
CA GLY D 24 4.71 33.32 -50.42
C GLY D 24 3.23 33.57 -50.68
N SER D 25 2.92 34.75 -51.24
CA SER D 25 1.55 35.22 -51.50
C SER D 25 1.04 34.86 -52.91
N VAL D 26 -0.28 34.70 -53.01
CA VAL D 26 -1.00 34.55 -54.25
C VAL D 26 -2.14 35.57 -54.27
N THR D 27 -2.10 36.51 -55.21
CA THR D 27 -3.10 37.56 -55.31
C THR D 27 -4.44 36.97 -55.74
N GLY D 28 -5.51 37.70 -55.40
CA GLY D 28 -6.84 37.38 -55.90
C GLY D 28 -6.84 37.22 -57.41
N ALA D 29 -6.22 38.19 -58.08
CA ALA D 29 -6.05 38.18 -59.53
C ALA D 29 -5.50 36.82 -59.97
N ARG D 30 -4.42 36.40 -59.35
CA ARG D 30 -3.71 35.23 -59.82
C ARG D 30 -4.53 33.95 -59.57
N LEU D 31 -5.28 33.93 -58.46
CA LEU D 31 -6.09 32.76 -58.13
C LEU D 31 -7.28 32.69 -59.09
N ARG D 32 -7.93 33.84 -59.32
CA ARG D 32 -9.05 33.95 -60.26
C ARG D 32 -8.60 33.40 -61.63
N HIS D 33 -7.43 33.84 -62.07
CA HIS D 33 -6.81 33.40 -63.32
C HIS D 33 -6.69 31.86 -63.34
N GLN D 34 -6.25 31.27 -62.23
CA GLN D 34 -6.03 29.81 -62.17
C GLN D 34 -7.36 29.06 -62.25
N VAL D 35 -8.42 29.64 -61.70
CA VAL D 35 -9.72 29.00 -61.75
C VAL D 35 -10.17 28.95 -63.22
N ARG D 36 -10.00 30.08 -63.92
CA ARG D 36 -10.39 30.21 -65.32
C ARG D 36 -9.65 29.16 -66.15
N LEU D 37 -8.33 29.11 -65.93
CA LEU D 37 -7.44 28.20 -66.61
C LEU D 37 -7.89 26.75 -66.42
N LEU D 38 -8.03 26.34 -65.17
CA LEU D 38 -8.38 24.96 -64.83
C LEU D 38 -9.79 24.63 -65.33
N ALA D 39 -10.70 25.61 -65.23
CA ALA D 39 -12.06 25.46 -65.69
C ALA D 39 -12.06 25.12 -67.18
N HIS D 40 -11.39 25.96 -67.96
CA HIS D 40 -11.26 25.78 -69.41
C HIS D 40 -10.62 24.40 -69.72
N ALA D 41 -9.52 24.06 -69.07
CA ALA D 41 -8.81 22.81 -69.33
C ALA D 41 -9.70 21.58 -69.08
N LEU D 42 -10.52 21.63 -68.02
CA LEU D 42 -11.41 20.50 -67.64
C LEU D 42 -12.56 20.39 -68.64
N THR D 43 -13.08 21.55 -69.05
CA THR D 43 -14.12 21.65 -70.07
C THR D 43 -13.59 21.00 -71.35
N GLU D 44 -12.42 21.47 -71.83
CA GLU D 44 -11.77 21.02 -73.07
C GLU D 44 -11.49 19.52 -73.03
N ALA D 45 -11.26 18.95 -71.85
CA ALA D 45 -10.90 17.54 -71.73
C ALA D 45 -12.13 16.63 -71.89
N GLY D 46 -13.31 17.21 -72.06
CA GLY D 46 -14.55 16.47 -72.25
C GLY D 46 -15.48 16.74 -71.08
N ILE D 47 -15.05 16.30 -69.91
CA ILE D 47 -15.78 16.21 -68.63
C ILE D 47 -17.16 16.89 -68.68
N PRO D 48 -18.26 16.11 -68.69
CA PRO D 48 -19.62 16.67 -68.76
C PRO D 48 -20.20 17.05 -67.40
N PRO D 49 -21.13 18.04 -67.35
CA PRO D 49 -21.72 18.53 -66.09
C PRO D 49 -22.20 17.57 -64.98
N GLY D 50 -22.87 16.49 -65.31
CA GLY D 50 -23.50 15.70 -64.24
C GLY D 50 -22.52 14.94 -63.34
N ARG D 51 -21.24 14.89 -63.71
CA ARG D 51 -20.33 13.83 -63.22
C ARG D 51 -19.32 14.43 -62.22
N GLY D 52 -18.62 13.53 -61.51
CA GLY D 52 -17.66 13.93 -60.49
C GLY D 52 -16.26 14.12 -61.04
N VAL D 53 -15.48 15.00 -60.40
CA VAL D 53 -14.04 15.11 -60.63
C VAL D 53 -13.30 14.73 -59.35
N ALA D 54 -12.67 13.56 -59.36
CA ALA D 54 -11.89 13.07 -58.22
C ALA D 54 -10.57 13.84 -58.16
N CYS D 55 -10.22 14.35 -56.99
CA CYS D 55 -9.08 15.21 -56.85
C CYS D 55 -8.18 14.73 -55.71
N LEU D 56 -6.90 14.53 -56.05
CA LEU D 56 -5.87 13.99 -55.15
C LEU D 56 -4.76 15.02 -55.04
N HIS D 57 -4.63 15.67 -53.87
CA HIS D 57 -3.71 16.80 -53.74
C HIS D 57 -3.29 16.98 -52.28
N ALA D 58 -2.28 17.81 -52.08
CA ALA D 58 -1.84 18.25 -50.79
C ALA D 58 -2.56 19.57 -50.45
N ASN D 59 -2.14 20.24 -49.37
CA ASN D 59 -2.67 21.54 -49.02
C ASN D 59 -1.91 22.63 -49.79
N THR D 60 -2.27 22.80 -51.07
CA THR D 60 -1.64 23.75 -51.98
C THR D 60 -2.66 24.78 -52.48
N TRP D 61 -2.19 25.95 -52.88
CA TRP D 61 -3.09 26.99 -53.29
C TRP D 61 -3.81 26.62 -54.59
N ARG D 62 -3.16 25.82 -55.42
CA ARG D 62 -3.76 25.40 -56.68
C ARG D 62 -4.94 24.48 -56.41
N ALA D 63 -4.89 23.73 -55.31
CA ALA D 63 -5.97 22.79 -54.99
C ALA D 63 -7.25 23.54 -54.60
N ILE D 64 -7.07 24.77 -54.08
CA ILE D 64 -8.17 25.66 -53.74
C ILE D 64 -8.90 26.06 -55.05
N ALA D 65 -8.10 26.46 -56.05
CA ALA D 65 -8.56 26.82 -57.40
C ALA D 65 -9.25 25.63 -58.06
N LEU D 66 -8.71 24.42 -57.87
CA LEU D 66 -9.21 23.25 -58.57
C LEU D 66 -10.66 22.99 -58.13
N ARG D 67 -10.91 23.06 -56.83
CA ARG D 67 -12.24 22.74 -56.29
C ARG D 67 -13.26 23.71 -56.88
N LEU D 68 -12.88 24.98 -56.88
CA LEU D 68 -13.71 26.07 -57.33
C LEU D 68 -13.99 25.91 -58.83
N ALA D 69 -12.97 25.49 -59.59
CA ALA D 69 -13.10 25.26 -61.01
C ALA D 69 -14.06 24.09 -61.27
N VAL D 70 -13.86 22.96 -60.58
CA VAL D 70 -14.71 21.80 -60.74
C VAL D 70 -16.18 22.19 -60.48
N GLN D 71 -16.42 23.07 -59.51
CA GLN D 71 -17.78 23.45 -59.12
C GLN D 71 -18.36 24.43 -60.13
N ALA D 72 -17.53 25.41 -60.54
CA ALA D 72 -17.90 26.41 -61.55
C ALA D 72 -18.40 25.74 -62.83
N ILE D 73 -17.74 24.67 -63.27
CA ILE D 73 -18.06 23.99 -64.55
C ILE D 73 -19.16 22.94 -64.31
N GLY D 74 -19.94 23.10 -63.26
CA GLY D 74 -21.13 22.29 -63.06
C GLY D 74 -20.85 20.83 -62.71
N CYS D 75 -19.64 20.55 -62.23
CA CYS D 75 -19.29 19.20 -61.74
C CYS D 75 -19.30 19.17 -60.21
N HIS D 76 -19.27 17.95 -59.64
CA HIS D 76 -19.18 17.80 -58.20
C HIS D 76 -17.78 17.32 -57.80
N TYR D 77 -17.17 18.07 -56.88
CA TYR D 77 -15.86 17.79 -56.33
C TYR D 77 -15.89 16.55 -55.43
N VAL D 78 -14.94 15.65 -55.66
CA VAL D 78 -14.72 14.47 -54.82
C VAL D 78 -13.28 14.50 -54.32
N GLY D 79 -13.07 15.10 -53.14
CA GLY D 79 -11.76 15.21 -52.51
C GLY D 79 -11.30 13.89 -51.92
N LEU D 80 -10.23 13.34 -52.49
CA LEU D 80 -9.65 12.09 -52.02
C LEU D 80 -8.72 12.40 -50.83
N ARG D 81 -9.14 11.90 -49.67
CA ARG D 81 -8.52 12.10 -48.36
C ARG D 81 -7.09 11.55 -48.39
N PRO D 82 -6.07 12.32 -47.96
CA PRO D 82 -4.69 11.84 -48.00
C PRO D 82 -4.36 10.68 -47.04
N THR D 83 -5.02 10.66 -45.87
CA THR D 83 -4.82 9.63 -44.84
C THR D 83 -5.51 8.31 -45.19
N ALA D 84 -6.43 8.31 -46.18
CA ALA D 84 -7.23 7.13 -46.49
C ALA D 84 -6.38 6.10 -47.24
N ALA D 85 -6.76 4.84 -47.07
CA ALA D 85 -6.13 3.71 -47.76
C ALA D 85 -6.49 3.76 -49.25
N VAL D 86 -5.64 3.13 -50.07
CA VAL D 86 -5.77 3.10 -51.52
C VAL D 86 -7.10 2.44 -51.90
N THR D 87 -7.53 1.42 -51.17
CA THR D 87 -8.73 0.63 -51.52
C THR D 87 -9.98 1.50 -51.25
N GLU D 88 -9.99 2.25 -50.13
CA GLU D 88 -11.09 3.19 -49.78
C GLU D 88 -11.18 4.33 -50.81
N GLN D 89 -10.03 4.94 -51.13
CA GLN D 89 -9.94 6.02 -52.14
C GLN D 89 -10.50 5.53 -53.48
N ALA D 90 -10.12 4.31 -53.88
CA ALA D 90 -10.45 3.73 -55.17
C ALA D 90 -11.96 3.45 -55.27
N ARG D 91 -12.55 2.89 -54.20
CA ARG D 91 -14.01 2.64 -54.13
C ARG D 91 -14.75 3.98 -54.30
N ALA D 92 -14.20 5.05 -53.70
CA ALA D 92 -14.79 6.37 -53.74
C ALA D 92 -14.84 6.89 -55.18
N ILE D 93 -13.77 6.67 -55.94
CA ILE D 93 -13.69 7.18 -57.31
C ILE D 93 -14.84 6.56 -58.12
N ALA D 94 -15.04 5.24 -57.96
CA ALA D 94 -16.01 4.47 -58.73
C ALA D 94 -17.43 4.92 -58.40
N ALA D 95 -17.71 4.96 -57.09
CA ALA D 95 -19.06 5.18 -56.58
C ALA D 95 -19.55 6.60 -56.88
N ALA D 96 -18.62 7.55 -57.06
CA ALA D 96 -18.96 8.96 -57.21
C ALA D 96 -19.23 9.33 -58.68
N ASP D 97 -19.10 8.35 -59.58
CA ASP D 97 -19.28 8.52 -61.04
C ASP D 97 -18.28 9.56 -61.55
N SER D 98 -16.99 9.29 -61.28
CA SER D 98 -15.90 10.23 -61.57
C SER D 98 -15.56 10.19 -63.07
N ALA D 99 -15.62 11.35 -63.73
CA ALA D 99 -15.31 11.46 -65.15
C ALA D 99 -13.84 11.86 -65.36
N ALA D 100 -13.12 12.08 -64.26
CA ALA D 100 -11.73 12.50 -64.28
C ALA D 100 -11.08 12.21 -62.93
N LEU D 101 -9.77 12.02 -62.95
CA LEU D 101 -8.92 12.07 -61.77
C LEU D 101 -7.86 13.15 -62.01
N VAL D 102 -7.91 14.24 -61.24
CA VAL D 102 -6.90 15.26 -61.26
C VAL D 102 -6.01 15.03 -60.05
N PHE D 103 -4.69 15.01 -60.25
CA PHE D 103 -3.76 14.77 -59.14
C PHE D 103 -2.54 15.68 -59.26
N GLU D 104 -1.82 15.82 -58.14
CA GLU D 104 -0.61 16.63 -58.07
C GLU D 104 0.60 15.72 -58.20
N PRO D 105 1.74 16.22 -58.76
CA PRO D 105 2.97 15.45 -58.89
C PRO D 105 3.36 14.71 -57.60
N SER D 106 3.29 15.42 -56.47
CA SER D 106 3.75 14.92 -55.17
C SER D 106 3.10 13.59 -54.78
N VAL D 107 1.98 13.22 -55.41
CA VAL D 107 1.22 12.02 -55.03
C VAL D 107 0.97 11.11 -56.25
N GLU D 108 1.85 11.22 -57.26
CA GLU D 108 1.78 10.42 -58.51
C GLU D 108 1.80 8.92 -58.18
N ALA D 109 2.64 8.54 -57.21
CA ALA D 109 2.75 7.16 -56.77
C ALA D 109 1.34 6.62 -56.45
N ARG D 110 0.61 7.36 -55.61
CA ARG D 110 -0.72 6.96 -55.16
C ARG D 110 -1.71 7.01 -56.35
N ALA D 111 -1.54 7.99 -57.24
CA ALA D 111 -2.43 8.13 -58.39
C ALA D 111 -2.34 6.88 -59.27
N ALA D 112 -1.11 6.43 -59.51
CA ALA D 112 -0.83 5.25 -60.33
C ALA D 112 -1.49 4.02 -59.66
N ASP D 113 -1.16 3.84 -58.38
CA ASP D 113 -1.75 2.80 -57.53
C ASP D 113 -3.27 2.75 -57.72
N LEU D 114 -3.92 3.92 -57.66
CA LEU D 114 -5.39 4.06 -57.77
C LEU D 114 -5.86 3.59 -59.15
N LEU D 115 -5.10 3.95 -60.19
CA LEU D 115 -5.52 3.75 -61.58
C LEU D 115 -5.35 2.27 -62.00
N GLU D 116 -4.53 1.52 -61.28
CA GLU D 116 -4.47 0.05 -61.43
C GLU D 116 -5.81 -0.54 -60.97
N ARG D 117 -6.46 0.07 -59.97
CA ARG D 117 -7.63 -0.49 -59.28
C ARG D 117 -8.96 -0.04 -59.93
N VAL D 118 -8.98 1.13 -60.56
CA VAL D 118 -10.22 1.66 -61.13
C VAL D 118 -9.88 2.40 -62.43
N SER D 119 -10.78 2.27 -63.42
CA SER D 119 -10.63 2.94 -64.71
C SER D 119 -11.39 4.27 -64.64
N VAL D 120 -10.93 5.23 -65.46
CA VAL D 120 -11.46 6.59 -65.49
C VAL D 120 -11.23 7.19 -66.87
N PRO D 121 -12.25 7.82 -67.49
CA PRO D 121 -12.10 8.42 -68.81
C PRO D 121 -10.87 9.32 -69.02
N VAL D 122 -10.67 10.28 -68.12
CA VAL D 122 -9.68 11.34 -68.29
C VAL D 122 -8.77 11.37 -67.06
N VAL D 123 -7.45 11.48 -67.27
CA VAL D 123 -6.49 11.51 -66.18
C VAL D 123 -5.59 12.73 -66.40
N LEU D 124 -5.69 13.70 -65.49
CA LEU D 124 -5.05 15.01 -65.61
C LEU D 124 -4.20 15.27 -64.36
N SER D 125 -3.19 16.15 -64.51
CA SER D 125 -2.27 16.43 -63.44
C SER D 125 -1.99 17.93 -63.36
N LEU D 126 -1.78 18.41 -62.13
CA LEU D 126 -1.43 19.79 -61.88
C LEU D 126 0.09 19.94 -61.99
N GLY D 127 0.56 20.07 -63.23
CA GLY D 127 1.98 20.13 -63.53
C GLY D 127 2.47 18.86 -64.20
N PRO D 128 3.69 18.86 -64.78
CA PRO D 128 4.16 17.77 -65.63
C PRO D 128 4.29 16.46 -64.85
N THR D 129 3.85 15.36 -65.46
CA THR D 129 3.85 14.06 -64.81
C THR D 129 3.79 12.93 -65.86
N SER D 130 4.18 11.74 -65.40
CA SER D 130 4.29 10.54 -66.24
C SER D 130 2.89 9.96 -66.52
N ARG D 131 2.10 9.72 -65.47
CA ARG D 131 0.85 8.93 -65.55
C ARG D 131 -0.34 9.74 -66.11
N GLY D 132 -0.21 11.07 -66.34
CA GLY D 132 -1.36 11.94 -66.74
C GLY D 132 -0.97 13.20 -67.52
N ARG D 133 -1.98 13.84 -68.13
CA ARG D 133 -1.84 15.02 -69.02
C ARG D 133 -1.83 16.32 -68.18
N ASP D 134 -0.81 17.17 -68.41
CA ASP D 134 -0.56 18.34 -67.57
C ASP D 134 -1.52 19.48 -67.97
N ILE D 135 -2.54 19.73 -67.14
CA ILE D 135 -3.50 20.82 -67.35
C ILE D 135 -2.82 22.20 -67.45
N LEU D 136 -1.73 22.43 -66.72
CA LEU D 136 -1.12 23.77 -66.60
C LEU D 136 -0.41 24.20 -67.89
N ALA D 137 -0.01 23.27 -68.78
CA ALA D 137 0.76 23.61 -70.01
C ALA D 137 -0.21 23.82 -71.16
N THR D 144 -10.02 35.06 -71.86
CA THR D 144 -10.92 33.90 -71.62
C THR D 144 -11.61 34.06 -70.26
N PRO D 145 -12.97 34.13 -70.21
CA PRO D 145 -13.69 34.36 -68.95
C PRO D 145 -14.08 33.00 -68.32
N LEU D 146 -14.52 33.00 -67.06
CA LEU D 146 -14.96 31.77 -66.44
C LEU D 146 -16.32 31.38 -67.04
N ARG D 147 -16.39 30.16 -67.59
CA ARG D 147 -17.56 29.67 -68.30
C ARG D 147 -18.25 28.67 -67.37
N TYR D 148 -19.30 29.13 -66.66
CA TYR D 148 -20.07 28.29 -65.72
C TYR D 148 -21.02 27.36 -66.49
N ARG D 149 -21.19 26.13 -66.00
CA ARG D 149 -22.21 25.18 -66.44
C ARG D 149 -22.96 24.73 -65.17
N GLU D 150 -24.17 24.19 -65.33
CA GLU D 150 -25.05 23.81 -64.23
C GLU D 150 -24.99 22.30 -64.03
N HIS D 151 -24.75 21.87 -62.79
CA HIS D 151 -24.92 20.47 -62.42
C HIS D 151 -26.42 20.15 -62.54
N PRO D 152 -26.82 19.13 -63.33
CA PRO D 152 -28.22 18.75 -63.46
C PRO D 152 -28.97 18.59 -62.12
N GLU D 153 -28.28 18.10 -61.07
CA GLU D 153 -28.93 17.84 -59.77
C GLU D 153 -28.35 18.74 -58.67
N GLY D 154 -27.64 19.81 -59.05
CA GLY D 154 -27.27 20.93 -58.16
C GLY D 154 -26.23 20.56 -57.08
N ILE D 155 -25.44 19.51 -57.34
CA ILE D 155 -24.48 19.00 -56.39
C ILE D 155 -23.12 19.70 -56.58
N ALA D 156 -22.55 20.16 -55.46
CA ALA D 156 -21.28 20.86 -55.41
C ALA D 156 -20.17 19.89 -54.97
N VAL D 157 -20.50 18.98 -54.02
CA VAL D 157 -19.53 18.11 -53.39
C VAL D 157 -20.15 16.72 -53.16
N VAL D 158 -19.35 15.67 -53.37
CA VAL D 158 -19.62 14.37 -52.79
C VAL D 158 -18.40 13.94 -51.98
N ALA D 159 -18.65 13.58 -50.73
CA ALA D 159 -17.62 13.23 -49.76
C ALA D 159 -18.02 11.93 -49.08
N PHE D 160 -17.07 11.00 -48.96
CA PHE D 160 -17.40 9.64 -48.49
C PHE D 160 -17.13 9.54 -47.00
N THR D 161 -18.08 8.90 -46.29
CA THR D 161 -17.98 8.58 -44.86
C THR D 161 -16.83 7.55 -44.68
N SER D 162 -16.46 7.24 -43.43
CA SER D 162 -15.26 6.40 -43.13
C SER D 162 -15.58 4.90 -43.21
N THR D 167 -18.92 0.37 -45.36
CA THR D 167 -18.72 0.56 -46.80
C THR D 167 -18.99 2.02 -47.19
N PRO D 168 -18.19 2.58 -48.13
CA PRO D 168 -18.40 3.89 -48.77
C PRO D 168 -19.46 4.87 -48.22
N LYS D 169 -20.63 4.96 -48.89
CA LYS D 169 -21.64 6.03 -48.65
C LYS D 169 -21.13 7.46 -48.99
N GLY D 170 -21.58 7.97 -50.15
CA GLY D 170 -21.17 9.26 -50.65
C GLY D 170 -22.18 10.33 -50.32
N VAL D 171 -21.82 11.24 -49.40
CA VAL D 171 -22.68 12.32 -49.00
C VAL D 171 -22.67 13.40 -50.10
N ALA D 172 -23.84 13.66 -50.70
CA ALA D 172 -23.98 14.69 -51.71
C ALA D 172 -24.51 15.99 -51.09
N HIS D 173 -23.75 17.06 -51.28
CA HIS D 173 -24.09 18.41 -50.76
C HIS D 173 -24.48 19.32 -51.92
N SER D 174 -25.58 20.02 -51.79
CA SER D 174 -26.06 20.91 -52.81
C SER D 174 -25.22 22.18 -52.84
N SER D 175 -25.24 22.88 -53.97
CA SER D 175 -24.65 24.19 -54.09
C SER D 175 -25.31 25.16 -53.09
N THR D 176 -26.61 24.96 -52.84
CA THR D 176 -27.35 25.81 -51.91
C THR D 176 -26.85 25.60 -50.48
N ALA D 177 -26.68 24.33 -50.13
CA ALA D 177 -26.21 23.95 -48.79
C ALA D 177 -24.82 24.54 -48.53
N MET D 178 -23.92 24.51 -49.51
CA MET D 178 -22.56 25.02 -49.33
C MET D 178 -22.60 26.55 -49.19
N SER D 179 -23.55 27.19 -49.88
CA SER D 179 -23.75 28.63 -49.73
C SER D 179 -24.20 28.95 -48.30
N ALA D 180 -25.05 28.10 -47.75
CA ALA D 180 -25.57 28.31 -46.39
C ALA D 180 -24.42 28.16 -45.39
N CYS D 181 -23.43 27.37 -45.72
CA CYS D 181 -22.27 27.15 -44.84
C CYS D 181 -21.45 28.42 -44.74
N VAL D 182 -21.45 29.24 -45.78
CA VAL D 182 -20.72 30.50 -45.71
C VAL D 182 -21.40 31.40 -44.66
N ASP D 183 -22.74 31.42 -44.66
CA ASP D 183 -23.51 32.27 -43.74
C ASP D 183 -23.31 31.80 -42.30
N ALA D 184 -23.28 30.49 -42.14
CA ALA D 184 -23.02 29.85 -40.85
C ALA D 184 -21.60 30.23 -40.39
N ALA D 185 -20.62 30.09 -41.28
CA ALA D 185 -19.23 30.45 -40.96
C ALA D 185 -19.14 31.91 -40.48
N VAL D 186 -19.83 32.81 -41.16
CA VAL D 186 -19.84 34.25 -40.80
C VAL D 186 -20.45 34.40 -39.40
N SER D 187 -21.50 33.65 -39.14
CA SER D 187 -22.22 33.77 -37.90
C SER D 187 -21.32 33.32 -36.73
N MET D 188 -20.48 32.30 -36.96
CA MET D 188 -19.58 31.76 -35.93
C MET D 188 -18.31 32.61 -35.79
N TYR D 189 -17.72 33.03 -36.93
CA TYR D 189 -16.32 33.44 -36.99
C TYR D 189 -16.16 34.96 -37.01
N GLY D 190 -17.25 35.71 -37.19
CA GLY D 190 -17.19 37.17 -37.32
C GLY D 190 -17.26 37.61 -38.78
N ARG D 191 -17.14 38.92 -39.00
CA ARG D 191 -17.62 39.58 -40.22
C ARG D 191 -16.67 39.32 -41.39
N GLY D 192 -15.36 39.40 -41.12
CA GLY D 192 -14.38 39.24 -42.18
C GLY D 192 -13.98 40.61 -42.72
N PRO D 193 -12.85 40.68 -43.42
CA PRO D 193 -12.01 39.56 -43.78
C PRO D 193 -11.24 38.87 -42.63
N TRP D 194 -11.05 37.56 -42.79
CA TRP D 194 -10.28 36.69 -41.94
C TRP D 194 -8.91 36.44 -42.58
N ARG D 195 -7.88 36.30 -41.73
CA ARG D 195 -6.65 35.60 -42.11
C ARG D 195 -6.73 34.22 -41.44
N PHE D 196 -7.17 33.24 -42.22
CA PHE D 196 -7.58 31.94 -41.69
C PHE D 196 -6.52 30.87 -41.98
N LEU D 197 -5.93 30.35 -40.91
CA LEU D 197 -4.89 29.35 -40.96
C LEU D 197 -5.56 27.97 -41.09
N ILE D 198 -5.21 27.23 -42.14
CA ILE D 198 -5.85 25.96 -42.39
C ILE D 198 -4.80 24.88 -42.52
N PRO D 199 -4.53 24.15 -41.43
CA PRO D 199 -3.62 23.01 -41.45
C PRO D 199 -4.33 21.65 -41.56
N ILE D 200 -5.65 21.65 -41.64
CA ILE D 200 -6.38 20.41 -41.89
C ILE D 200 -6.49 20.20 -43.39
N PRO D 201 -6.70 18.95 -43.88
CA PRO D 201 -6.62 18.70 -45.32
C PRO D 201 -7.69 19.47 -46.11
N LEU D 202 -7.28 20.01 -47.27
CA LEU D 202 -8.17 20.72 -48.21
C LEU D 202 -9.20 19.78 -48.85
N SER D 203 -9.02 18.47 -48.69
CA SER D 203 -9.91 17.48 -49.29
C SER D 203 -11.29 17.45 -48.62
N ASP D 204 -11.39 17.89 -47.35
CA ASP D 204 -12.68 17.86 -46.60
C ASP D 204 -12.97 19.24 -45.99
N LEU D 205 -13.25 19.30 -44.68
CA LEU D 205 -13.71 20.53 -44.07
C LEU D 205 -12.75 21.69 -44.41
N GLY D 206 -11.44 21.40 -44.40
CA GLY D 206 -10.42 22.42 -44.71
C GLY D 206 -10.72 23.19 -45.99
N GLY D 207 -11.13 22.45 -47.02
CA GLY D 207 -11.41 23.02 -48.33
C GLY D 207 -12.65 23.90 -48.35
N GLU D 208 -13.67 23.54 -47.54
CA GLU D 208 -14.88 24.34 -47.40
C GLU D 208 -14.54 25.62 -46.62
N LEU D 209 -13.70 25.51 -45.59
CA LEU D 209 -13.32 26.69 -44.81
C LEU D 209 -12.53 27.66 -45.68
N ALA D 210 -11.72 27.13 -46.60
CA ALA D 210 -10.96 27.97 -47.52
C ALA D 210 -11.96 28.76 -48.39
N GLN D 211 -13.01 28.07 -48.85
CA GLN D 211 -14.03 28.71 -49.68
C GLN D 211 -14.78 29.78 -48.89
N CYS D 212 -15.15 29.48 -47.63
CA CYS D 212 -15.76 30.45 -46.74
C CYS D 212 -14.86 31.67 -46.60
N THR D 213 -13.56 31.42 -46.42
CA THR D 213 -12.58 32.48 -46.24
C THR D 213 -12.53 33.35 -47.48
N LEU D 214 -12.44 32.72 -48.64
CA LEU D 214 -12.33 33.48 -49.90
C LEU D 214 -13.61 34.30 -50.13
N ALA D 215 -14.77 33.67 -49.93
CA ALA D 215 -16.07 34.27 -50.27
C ALA D 215 -16.36 35.54 -49.45
N THR D 216 -15.73 35.62 -48.29
CA THR D 216 -15.95 36.62 -47.28
C THR D 216 -14.86 37.71 -47.39
N GLY D 217 -13.97 37.58 -48.40
CA GLY D 217 -13.03 38.61 -48.75
C GLY D 217 -11.69 38.47 -48.04
N GLY D 218 -11.47 37.30 -47.42
CA GLY D 218 -10.29 37.07 -46.61
C GLY D 218 -9.16 36.39 -47.36
N THR D 219 -8.13 36.03 -46.58
CA THR D 219 -6.94 35.36 -47.05
C THR D 219 -6.81 33.99 -46.35
N VAL D 220 -6.68 32.92 -47.14
CA VAL D 220 -6.36 31.60 -46.63
C VAL D 220 -4.84 31.55 -46.39
N VAL D 221 -4.45 31.00 -45.24
CA VAL D 221 -3.04 30.74 -44.88
C VAL D 221 -2.88 29.23 -44.76
N LEU D 222 -2.06 28.61 -45.63
CA LEU D 222 -1.99 27.15 -45.77
C LEU D 222 -0.78 26.61 -45.03
N LEU D 223 -0.99 25.51 -44.31
CA LEU D 223 0.09 24.64 -43.87
C LEU D 223 -0.19 23.23 -44.38
N GLU D 224 0.90 22.49 -44.65
CA GLU D 224 0.81 21.13 -45.19
C GLU D 224 0.33 20.16 -44.11
N GLU D 225 0.82 20.35 -42.87
CA GLU D 225 0.46 19.52 -41.72
C GLU D 225 0.55 20.37 -40.45
N PHE D 226 0.20 19.77 -39.31
CA PHE D 226 0.21 20.45 -38.04
C PHE D 226 1.53 20.17 -37.31
N GLN D 227 2.27 21.23 -36.98
CA GLN D 227 3.34 21.20 -35.95
C GLN D 227 3.15 22.43 -35.06
N PRO D 228 3.18 22.30 -33.73
CA PRO D 228 2.86 23.43 -32.85
C PRO D 228 3.75 24.67 -33.07
N ASP D 229 5.05 24.44 -33.25
CA ASP D 229 6.03 25.52 -33.45
C ASP D 229 5.63 26.31 -34.70
N ALA D 230 5.34 25.58 -35.78
CA ALA D 230 5.06 26.16 -37.10
C ALA D 230 3.78 26.99 -37.08
N VAL D 231 2.73 26.46 -36.42
CA VAL D 231 1.43 27.12 -36.30
C VAL D 231 1.61 28.43 -35.52
N LEU D 232 2.32 28.34 -34.39
CA LEU D 232 2.65 29.52 -33.59
C LEU D 232 3.33 30.57 -34.47
N GLU D 233 4.35 30.15 -35.22
CA GLU D 233 5.16 31.05 -36.03
C GLU D 233 4.26 31.68 -37.09
N ALA D 234 3.44 30.87 -37.75
CA ALA D 234 2.55 31.32 -38.81
C ALA D 234 1.54 32.35 -38.27
N ILE D 235 0.98 32.08 -37.09
CA ILE D 235 0.00 32.97 -36.51
C ILE D 235 0.62 34.36 -36.32
N GLU D 236 1.85 34.41 -35.81
CA GLU D 236 2.51 35.67 -35.45
C GLU D 236 2.96 36.38 -36.73
N ARG D 237 3.61 35.63 -37.63
CA ARG D 237 4.19 36.15 -38.89
C ARG D 237 3.09 36.73 -39.80
N GLU D 238 1.98 35.99 -40.00
CA GLU D 238 0.90 36.41 -40.92
C GLU D 238 -0.21 37.15 -40.16
N ARG D 239 -0.05 37.32 -38.85
CA ARG D 239 -1.07 37.94 -38.01
C ARG D 239 -2.44 37.27 -38.29
N ALA D 240 -2.47 35.93 -38.25
CA ALA D 240 -3.68 35.15 -38.51
C ALA D 240 -4.75 35.47 -37.46
N THR D 241 -6.00 35.52 -37.91
CA THR D 241 -7.12 35.87 -37.05
C THR D 241 -7.89 34.60 -36.66
N HIS D 242 -7.82 33.57 -37.52
CA HIS D 242 -8.56 32.36 -37.32
C HIS D 242 -7.63 31.19 -37.61
N VAL D 243 -7.93 30.05 -36.98
CA VAL D 243 -7.29 28.79 -37.24
C VAL D 243 -8.26 27.69 -36.87
N PHE D 244 -8.18 26.57 -37.59
CA PHE D 244 -8.92 25.39 -37.27
C PHE D 244 -7.97 24.25 -36.96
N LEU D 245 -8.21 23.59 -35.80
CA LEU D 245 -7.40 22.52 -35.27
C LEU D 245 -8.28 21.32 -34.93
N ALA D 246 -7.72 20.14 -35.11
CA ALA D 246 -8.25 18.92 -34.44
C ALA D 246 -8.03 19.10 -32.94
N PRO D 247 -8.91 18.55 -32.09
CA PRO D 247 -8.77 18.70 -30.64
C PRO D 247 -7.37 18.41 -30.10
N ASN D 248 -6.75 17.31 -30.54
CA ASN D 248 -5.43 16.94 -30.03
C ASN D 248 -4.42 18.06 -30.30
N TRP D 249 -4.59 18.71 -31.46
CA TRP D 249 -3.71 19.78 -31.90
C TRP D 249 -3.89 21.00 -31.00
N LEU D 250 -5.13 21.27 -30.59
CA LEU D 250 -5.40 22.31 -29.66
C LEU D 250 -4.55 22.09 -28.42
N TYR D 251 -4.64 20.88 -27.85
CA TYR D 251 -3.96 20.60 -26.61
C TYR D 251 -2.44 20.81 -26.82
N GLN D 252 -1.89 20.29 -27.91
CA GLN D 252 -0.46 20.41 -28.19
C GLN D 252 -0.04 21.88 -28.33
N LEU D 253 -0.88 22.70 -28.97
CA LEU D 253 -0.56 24.10 -29.17
C LEU D 253 -0.60 24.82 -27.82
N ALA D 254 -1.68 24.60 -27.05
CA ALA D 254 -1.91 25.29 -25.78
C ALA D 254 -0.83 24.96 -24.75
N GLU D 255 -0.28 23.74 -24.79
CA GLU D 255 0.68 23.23 -23.80
C GLU D 255 2.13 23.54 -24.24
N HIS D 256 2.34 24.01 -25.47
CA HIS D 256 3.69 24.21 -26.01
C HIS D 256 4.41 25.33 -25.26
N PRO D 257 5.72 25.13 -24.93
CA PRO D 257 6.50 26.09 -24.16
C PRO D 257 6.65 27.51 -24.75
N ALA D 258 6.63 27.59 -26.08
CA ALA D 258 6.82 28.86 -26.78
C ALA D 258 5.55 29.73 -26.75
N LEU D 259 4.42 29.21 -26.28
CA LEU D 259 3.14 29.92 -26.43
C LEU D 259 3.22 31.31 -25.80
N PRO D 260 3.59 31.44 -24.51
CA PRO D 260 3.58 32.76 -23.87
C PRO D 260 4.61 33.74 -24.48
N ARG D 261 5.71 33.19 -25.02
CA ARG D 261 6.73 33.93 -25.80
C ARG D 261 6.10 34.57 -27.04
N SER D 262 5.15 33.87 -27.69
CA SER D 262 4.53 34.27 -28.99
C SER D 262 3.50 35.40 -28.80
N ASP D 263 3.40 36.23 -29.85
CA ASP D 263 2.42 37.32 -29.96
C ASP D 263 1.26 36.84 -30.84
N LEU D 264 0.13 36.56 -30.18
CA LEU D 264 -1.04 36.03 -30.78
C LEU D 264 -2.17 37.04 -30.64
N SER D 265 -1.83 38.33 -30.58
CA SER D 265 -2.84 39.39 -30.39
C SER D 265 -3.80 39.44 -31.59
N SER D 266 -3.37 38.92 -32.74
CA SER D 266 -4.21 38.87 -33.96
C SER D 266 -5.37 37.88 -33.84
N LEU D 267 -5.23 36.84 -32.99
CA LEU D 267 -6.23 35.75 -32.96
C LEU D 267 -7.56 36.29 -32.45
N ARG D 268 -8.63 36.03 -33.22
CA ARG D 268 -9.96 36.26 -32.73
C ARG D 268 -10.65 34.91 -32.50
N ARG D 269 -10.19 33.84 -33.16
CA ARG D 269 -10.84 32.53 -33.05
C ARG D 269 -9.85 31.39 -33.27
N VAL D 270 -9.71 30.56 -32.24
CA VAL D 270 -9.05 29.29 -32.33
C VAL D 270 -10.14 28.22 -32.34
N VAL D 271 -10.39 27.69 -33.53
CA VAL D 271 -11.53 26.82 -33.77
C VAL D 271 -11.04 25.38 -33.74
N TYR D 272 -11.78 24.53 -33.04
CA TYR D 272 -11.42 23.12 -32.96
C TYR D 272 -12.71 22.31 -33.00
N GLY D 273 -12.59 21.06 -33.45
CA GLY D 273 -13.73 20.18 -33.66
C GLY D 273 -13.34 18.99 -34.51
N GLY D 274 -14.30 18.11 -34.77
CA GLY D 274 -14.11 16.98 -35.64
C GLY D 274 -13.96 15.68 -34.89
N ALA D 275 -13.85 15.78 -33.56
CA ALA D 275 -13.71 14.63 -32.66
C ALA D 275 -14.10 15.06 -31.25
N PRO D 276 -14.51 14.14 -30.35
CA PRO D 276 -14.96 14.52 -29.01
C PRO D 276 -13.78 15.12 -28.25
N ALA D 277 -14.06 16.19 -27.50
CA ALA D 277 -13.06 16.94 -26.79
C ALA D 277 -12.96 16.41 -25.37
N VAL D 278 -11.74 16.45 -24.82
CA VAL D 278 -11.50 16.05 -23.46
C VAL D 278 -11.69 17.28 -22.58
N PRO D 279 -12.79 17.36 -21.80
CA PRO D 279 -13.15 18.55 -21.05
C PRO D 279 -12.01 19.20 -20.24
N SER D 280 -11.22 18.37 -19.57
CA SER D 280 -10.15 18.84 -18.68
C SER D 280 -9.03 19.47 -19.52
N ARG D 281 -8.83 18.95 -20.73
CA ARG D 281 -7.75 19.41 -21.59
C ARG D 281 -8.18 20.73 -22.27
N VAL D 282 -9.48 20.84 -22.53
CA VAL D 282 -10.09 22.03 -23.07
C VAL D 282 -10.01 23.15 -22.03
N ALA D 283 -10.39 22.83 -20.79
CA ALA D 283 -10.31 23.79 -19.69
C ALA D 283 -8.88 24.34 -19.60
N ALA D 284 -7.89 23.46 -19.73
CA ALA D 284 -6.49 23.84 -19.66
C ALA D 284 -6.15 24.78 -20.82
N ALA D 285 -6.62 24.43 -22.02
CA ALA D 285 -6.41 25.25 -23.20
C ALA D 285 -7.09 26.61 -23.04
N ARG D 286 -8.28 26.62 -22.46
CA ARG D 286 -9.03 27.87 -22.28
C ARG D 286 -8.27 28.85 -21.36
N GLU D 287 -7.62 28.31 -20.32
CA GLU D 287 -6.79 29.10 -19.39
C GLU D 287 -5.58 29.65 -20.13
N ARG D 288 -4.86 28.79 -20.86
CA ARG D 288 -3.54 29.12 -21.44
C ARG D 288 -3.71 30.06 -22.65
N MET D 289 -4.78 29.87 -23.44
CA MET D 289 -5.02 30.61 -24.70
C MET D 289 -5.92 31.84 -24.57
N GLY D 290 -6.70 31.97 -23.51
CA GLY D 290 -7.52 33.15 -23.39
C GLY D 290 -8.83 33.00 -24.13
N ALA D 291 -9.55 34.10 -24.28
CA ALA D 291 -10.94 34.07 -24.73
C ALA D 291 -11.01 34.10 -26.26
N VAL D 292 -10.38 33.11 -26.90
CA VAL D 292 -10.43 32.95 -28.36
C VAL D 292 -10.88 31.54 -28.76
N LEU D 293 -11.14 30.68 -27.79
CA LEU D 293 -11.44 29.28 -28.04
C LEU D 293 -12.89 29.14 -28.49
N MET D 294 -13.08 28.45 -29.61
CA MET D 294 -14.40 28.10 -30.12
C MET D 294 -14.39 26.65 -30.62
N GLN D 295 -15.38 25.88 -30.19
CA GLN D 295 -15.60 24.53 -30.66
C GLN D 295 -16.68 24.58 -31.76
N ASN D 296 -16.55 23.66 -32.72
CA ASN D 296 -17.49 23.46 -33.80
C ASN D 296 -17.94 21.99 -33.79
N TYR D 297 -19.22 21.76 -34.03
CA TYR D 297 -19.78 20.44 -34.19
C TYR D 297 -20.51 20.39 -35.52
N GLY D 298 -20.20 19.36 -36.32
CA GLY D 298 -20.93 19.00 -37.52
C GLY D 298 -20.78 17.52 -37.80
N THR D 299 -21.47 17.07 -38.85
CA THR D 299 -21.29 15.73 -39.39
C THR D 299 -21.17 15.85 -40.91
N GLN D 300 -20.76 14.76 -41.56
CA GLN D 300 -20.63 14.74 -43.01
C GLN D 300 -22.00 14.96 -43.61
N GLU D 301 -23.03 14.35 -43.03
CA GLU D 301 -24.39 14.46 -43.51
C GLU D 301 -24.98 15.86 -43.19
N ALA D 302 -24.70 16.38 -42.00
CA ALA D 302 -25.40 17.60 -41.57
C ALA D 302 -24.67 18.90 -41.86
N ALA D 303 -23.37 18.84 -42.08
CA ALA D 303 -22.44 19.98 -42.17
C ALA D 303 -22.42 20.68 -40.81
N PHE D 304 -22.40 22.00 -40.75
CA PHE D 304 -22.33 22.72 -39.46
C PHE D 304 -23.63 22.57 -38.64
N ILE D 305 -23.50 22.26 -37.37
CA ILE D 305 -24.66 22.17 -36.48
C ILE D 305 -24.58 23.18 -35.34
N ALA D 306 -23.47 23.21 -34.60
CA ALA D 306 -23.40 24.02 -33.37
C ALA D 306 -21.98 24.51 -33.10
N ALA D 307 -21.88 25.52 -32.24
CA ALA D 307 -20.60 26.06 -31.81
C ALA D 307 -20.64 26.45 -30.33
N LEU D 308 -19.49 26.32 -29.67
CA LEU D 308 -19.27 26.68 -28.28
C LEU D 308 -18.32 27.87 -28.27
N THR D 309 -18.80 29.00 -27.75
CA THR D 309 -18.11 30.30 -27.87
C THR D 309 -16.99 30.38 -26.85
N PRO D 310 -16.06 31.35 -26.98
CA PRO D 310 -15.04 31.57 -25.97
C PRO D 310 -15.61 31.88 -24.58
N ASP D 311 -16.76 32.56 -24.52
CA ASP D 311 -17.40 32.87 -23.25
C ASP D 311 -18.04 31.61 -22.66
N ASP D 312 -18.58 30.73 -23.53
CA ASP D 312 -19.14 29.44 -23.11
C ASP D 312 -18.04 28.60 -22.43
N HIS D 313 -16.79 28.71 -22.92
CA HIS D 313 -15.64 27.92 -22.42
C HIS D 313 -15.22 28.34 -21.00
N ALA D 314 -15.80 29.41 -20.48
CA ALA D 314 -15.49 29.90 -19.14
C ALA D 314 -16.48 29.34 -18.11
N ARG D 315 -17.38 28.43 -18.51
CA ARG D 315 -18.27 27.73 -17.59
C ARG D 315 -17.94 26.23 -17.58
N ARG D 316 -17.48 25.68 -16.45
CA ARG D 316 -17.06 24.25 -16.34
C ARG D 316 -18.18 23.37 -16.94
N GLU D 317 -19.44 23.71 -16.63
CA GLU D 317 -20.61 22.89 -16.96
C GLU D 317 -20.75 22.71 -18.48
N LEU D 318 -20.23 23.64 -19.28
CA LEU D 318 -20.36 23.62 -20.72
C LEU D 318 -19.17 22.96 -21.42
N LEU D 319 -18.18 22.51 -20.68
CA LEU D 319 -17.01 21.89 -21.31
C LEU D 319 -17.39 20.51 -21.87
N THR D 320 -18.58 19.98 -21.54
CA THR D 320 -19.04 18.74 -22.12
C THR D 320 -20.04 19.00 -23.25
N ALA D 321 -20.17 20.26 -23.66
CA ALA D 321 -21.15 20.68 -24.64
C ALA D 321 -20.50 21.02 -25.98
N VAL D 322 -21.31 20.95 -27.03
CA VAL D 322 -20.94 21.34 -28.39
C VAL D 322 -21.41 22.79 -28.63
N GLY D 323 -22.40 23.22 -27.83
CA GLY D 323 -22.82 24.60 -27.77
C GLY D 323 -24.27 24.77 -28.21
N ARG D 324 -24.64 26.02 -28.50
CA ARG D 324 -25.96 26.32 -29.04
C ARG D 324 -25.96 25.99 -30.54
N PRO D 325 -27.07 25.47 -31.10
CA PRO D 325 -27.19 25.30 -32.54
C PRO D 325 -26.97 26.63 -33.26
N LEU D 326 -26.43 26.55 -34.47
CA LEU D 326 -26.22 27.73 -35.28
C LEU D 326 -27.55 28.27 -35.77
N PRO D 327 -27.59 29.54 -36.25
CA PRO D 327 -28.79 30.10 -36.86
C PRO D 327 -29.26 29.22 -38.02
N HIS D 328 -30.55 28.92 -38.02
CA HIS D 328 -31.28 28.19 -39.08
C HIS D 328 -31.10 26.68 -38.89
N VAL D 329 -30.48 26.29 -37.79
CA VAL D 329 -30.30 24.86 -37.46
C VAL D 329 -31.31 24.49 -36.38
N GLU D 330 -32.29 23.72 -36.77
CA GLU D 330 -33.29 23.16 -35.89
C GLU D 330 -32.78 21.82 -35.37
N VAL D 331 -32.87 21.60 -34.06
CA VAL D 331 -32.42 20.34 -33.45
C VAL D 331 -33.55 19.83 -32.56
N GLU D 332 -33.84 18.53 -32.70
CA GLU D 332 -34.75 17.85 -31.81
C GLU D 332 -34.01 16.66 -31.18
N ILE D 333 -34.42 16.32 -29.95
CA ILE D 333 -34.02 15.09 -29.29
C ILE D 333 -35.21 14.14 -29.31
N ARG D 334 -35.00 12.91 -29.79
CA ARG D 334 -36.09 11.98 -30.06
C ARG D 334 -35.81 10.60 -29.49
N ASP D 335 -36.89 9.89 -29.14
CA ASP D 335 -36.84 8.53 -28.62
C ASP D 335 -36.80 7.53 -29.79
N ASP D 336 -36.71 6.24 -29.43
CA ASP D 336 -36.74 5.07 -30.31
C ASP D 336 -37.99 5.12 -31.21
N SER D 337 -39.12 5.56 -30.63
CA SER D 337 -40.40 5.74 -31.35
C SER D 337 -40.23 6.79 -32.46
N GLY D 338 -39.84 8.01 -32.07
CA GLY D 338 -39.71 9.15 -33.00
C GLY D 338 -40.26 10.44 -32.44
N GLY D 339 -40.78 10.40 -31.20
CA GLY D 339 -41.41 11.56 -30.58
C GLY D 339 -40.40 12.47 -29.90
N THR D 340 -40.74 13.77 -29.87
CA THR D 340 -39.89 14.79 -29.28
C THR D 340 -39.87 14.64 -27.76
N LEU D 341 -38.66 14.73 -27.17
CA LEU D 341 -38.40 14.63 -25.73
C LEU D 341 -38.19 16.03 -25.13
N PRO D 342 -38.41 16.20 -23.81
CA PRO D 342 -38.12 17.47 -23.14
C PRO D 342 -36.63 17.76 -22.89
N ARG D 343 -36.33 19.03 -22.60
CA ARG D 343 -34.99 19.48 -22.20
C ARG D 343 -34.54 18.59 -21.02
N GLY D 344 -33.32 18.10 -21.09
CA GLY D 344 -32.70 17.30 -20.05
C GLY D 344 -32.68 15.82 -20.40
N ALA D 345 -33.69 15.37 -21.17
CA ALA D 345 -33.81 13.96 -21.55
C ALA D 345 -32.76 13.60 -22.61
N VAL D 346 -32.32 12.34 -22.63
CA VAL D 346 -31.31 11.92 -23.60
C VAL D 346 -31.99 11.09 -24.69
N GLY D 347 -31.67 11.42 -25.95
CA GLY D 347 -32.17 10.73 -27.13
C GLY D 347 -31.35 11.06 -28.37
N GLU D 348 -31.82 10.61 -29.54
CA GLU D 348 -31.13 10.80 -30.82
C GLU D 348 -31.27 12.26 -31.26
N VAL D 349 -30.15 12.83 -31.73
CA VAL D 349 -30.09 14.18 -32.22
C VAL D 349 -30.53 14.16 -33.70
N TRP D 350 -31.61 14.90 -33.99
CA TRP D 350 -32.10 15.11 -35.34
C TRP D 350 -31.97 16.59 -35.68
N VAL D 351 -31.67 16.86 -36.96
CA VAL D 351 -31.31 18.16 -37.41
C VAL D 351 -32.10 18.46 -38.71
N ARG D 352 -32.60 19.70 -38.81
CA ARG D 352 -33.18 20.27 -40.03
C ARG D 352 -32.51 21.63 -40.24
N SER D 353 -31.83 21.81 -41.36
CA SER D 353 -31.14 23.09 -41.64
C SER D 353 -30.93 23.22 -43.13
N PRO D 354 -30.56 24.39 -43.67
CA PRO D 354 -30.28 24.51 -45.08
C PRO D 354 -28.88 24.04 -45.50
N MET D 355 -28.09 23.51 -44.57
CA MET D 355 -26.73 22.99 -44.76
C MET D 355 -26.75 21.47 -44.85
N THR D 356 -27.87 20.82 -44.57
CA THR D 356 -27.89 19.34 -44.63
C THR D 356 -27.76 18.82 -46.05
N MET D 357 -27.30 17.58 -46.15
CA MET D 357 -27.05 16.81 -47.38
C MET D 357 -28.33 16.60 -48.18
N SER D 358 -28.18 16.52 -49.49
CA SER D 358 -29.28 16.16 -50.37
C SER D 358 -29.62 14.68 -50.19
N GLY D 359 -28.60 13.88 -49.93
CA GLY D 359 -28.76 12.44 -49.76
C GLY D 359 -27.47 11.73 -50.11
N TYR D 360 -27.44 10.43 -49.85
CA TYR D 360 -26.32 9.63 -50.27
C TYR D 360 -26.42 9.45 -51.78
N TRP D 361 -25.31 9.75 -52.46
CA TRP D 361 -25.20 9.73 -53.90
C TRP D 361 -25.61 8.35 -54.44
N ARG D 362 -26.66 8.35 -55.28
CA ARG D 362 -27.15 7.18 -56.01
C ARG D 362 -27.43 6.03 -55.03
N ASP D 363 -28.00 6.35 -53.85
CA ASP D 363 -28.36 5.34 -52.84
C ASP D 363 -29.56 5.83 -52.04
N PRO D 364 -30.78 5.80 -52.62
CA PRO D 364 -31.98 6.25 -51.90
C PRO D 364 -32.43 5.32 -50.76
N GLU D 365 -32.09 4.02 -50.88
CA GLU D 365 -32.45 3.03 -49.84
C GLU D 365 -31.80 3.47 -48.52
N ARG D 366 -30.48 3.74 -48.55
CA ARG D 366 -29.71 4.17 -47.35
C ARG D 366 -30.12 5.60 -46.94
N THR D 367 -30.36 6.48 -47.91
CA THR D 367 -30.74 7.87 -47.64
C THR D 367 -32.03 7.90 -46.80
N ALA D 368 -32.99 7.02 -47.09
CA ALA D 368 -34.33 7.07 -46.49
C ALA D 368 -34.34 6.57 -45.05
N GLN D 369 -33.25 5.87 -44.65
CA GLN D 369 -33.03 5.40 -43.28
C GLN D 369 -32.49 6.52 -42.37
N VAL D 370 -32.13 7.66 -42.98
CA VAL D 370 -31.35 8.69 -42.34
C VAL D 370 -32.07 10.05 -42.46
N LEU D 371 -32.91 10.21 -43.51
CA LEU D 371 -33.76 11.40 -43.68
C LEU D 371 -35.22 11.02 -43.51
N SER D 372 -36.00 11.98 -43.01
CA SER D 372 -37.43 11.78 -42.81
C SER D 372 -38.08 13.13 -42.48
N GLY D 373 -38.89 13.63 -43.42
CA GLY D 373 -39.65 14.83 -43.25
C GLY D 373 -38.77 16.06 -43.27
N GLY D 374 -37.60 15.94 -43.87
CA GLY D 374 -36.65 17.05 -43.94
C GLY D 374 -35.66 16.99 -42.80
N TRP D 375 -35.86 16.07 -41.87
CA TRP D 375 -35.01 15.92 -40.69
C TRP D 375 -33.94 14.86 -40.96
N LEU D 376 -32.73 15.13 -40.51
CA LEU D 376 -31.58 14.24 -40.62
C LEU D 376 -31.27 13.65 -39.24
N ARG D 377 -31.13 12.32 -39.21
CA ARG D 377 -30.65 11.53 -38.08
C ARG D 377 -29.12 11.62 -38.10
N THR D 378 -28.56 12.44 -37.20
CA THR D 378 -27.13 12.73 -37.18
C THR D 378 -26.33 11.45 -36.94
N GLY D 379 -26.87 10.56 -36.11
CA GLY D 379 -26.16 9.39 -35.65
C GLY D 379 -25.57 9.59 -34.26
N ASP D 380 -25.77 10.78 -33.67
CA ASP D 380 -25.37 11.12 -32.35
C ASP D 380 -26.58 11.06 -31.43
N VAL D 381 -26.27 10.92 -30.14
CA VAL D 381 -27.22 10.87 -29.07
C VAL D 381 -26.79 11.93 -28.04
N GLY D 382 -27.76 12.63 -27.44
CA GLY D 382 -27.42 13.80 -26.62
C GLY D 382 -28.63 14.43 -25.95
N THR D 383 -28.41 15.61 -25.38
CA THR D 383 -29.48 16.31 -24.63
C THR D 383 -29.16 17.79 -24.50
N PHE D 384 -30.18 18.58 -24.22
CA PHE D 384 -29.96 20.04 -24.02
C PHE D 384 -29.97 20.33 -22.54
N ASP D 385 -29.22 21.34 -22.13
CA ASP D 385 -29.22 21.75 -20.71
C ASP D 385 -30.27 22.87 -20.50
N GLU D 386 -30.33 23.40 -19.29
CA GLU D 386 -31.28 24.49 -18.93
C GLU D 386 -31.12 25.71 -19.84
N ASP D 387 -29.90 25.98 -20.34
CA ASP D 387 -29.62 27.20 -21.09
C ASP D 387 -29.61 26.96 -22.62
N GLY D 388 -29.98 25.74 -23.06
CA GLY D 388 -30.15 25.42 -24.48
C GLY D 388 -28.86 25.08 -25.22
N HIS D 389 -27.81 24.66 -24.49
CA HIS D 389 -26.60 24.12 -25.10
C HIS D 389 -26.76 22.61 -25.28
N LEU D 390 -26.34 22.10 -26.45
CA LEU D 390 -26.43 20.70 -26.74
C LEU D 390 -25.22 19.99 -26.13
N HIS D 391 -25.47 18.84 -25.50
CA HIS D 391 -24.46 17.96 -24.94
C HIS D 391 -24.56 16.60 -25.62
N LEU D 392 -23.46 16.15 -26.22
CA LEU D 392 -23.45 14.83 -26.87
C LEU D 392 -22.95 13.79 -25.88
N THR D 393 -23.73 12.73 -25.69
CA THR D 393 -23.36 11.65 -24.78
C THR D 393 -22.74 10.47 -25.53
N ASP D 394 -22.97 10.36 -26.84
CA ASP D 394 -22.43 9.25 -27.62
C ASP D 394 -22.82 9.31 -29.09
N ARG D 395 -21.96 8.73 -29.92
CA ARG D 395 -22.33 8.12 -31.19
C ARG D 395 -23.29 6.95 -30.90
N LEU D 396 -24.35 6.81 -31.68
CA LEU D 396 -25.39 5.80 -31.50
C LEU D 396 -24.78 4.38 -31.49
N GLN D 397 -23.78 4.13 -32.33
CA GLN D 397 -23.13 2.81 -32.41
C GLN D 397 -22.23 2.54 -31.18
N ASP D 398 -21.96 3.54 -30.34
CA ASP D 398 -21.01 3.43 -29.23
C ASP D 398 -21.71 3.26 -27.87
N ILE D 399 -23.03 3.39 -27.83
CA ILE D 399 -23.80 3.22 -26.63
C ILE D 399 -23.60 1.80 -26.13
N ILE D 400 -23.37 1.65 -24.83
CA ILE D 400 -23.23 0.35 -24.22
C ILE D 400 -24.55 0.00 -23.53
N ILE D 401 -25.18 -1.08 -24.01
CA ILE D 401 -26.50 -1.44 -23.54
C ILE D 401 -26.36 -2.59 -22.53
N VAL D 402 -26.94 -2.38 -21.35
CA VAL D 402 -27.11 -3.45 -20.39
C VAL D 402 -28.60 -3.49 -20.03
N GLU D 403 -29.27 -4.57 -20.44
CA GLU D 403 -30.64 -4.87 -20.07
C GLU D 403 -31.50 -3.61 -20.10
N ALA D 404 -31.54 -2.96 -21.27
CA ALA D 404 -32.48 -1.85 -21.52
C ALA D 404 -32.10 -0.59 -20.72
N TYR D 405 -30.82 -0.48 -20.33
CA TYR D 405 -30.26 0.74 -19.80
C TYR D 405 -29.07 1.12 -20.67
N ASN D 406 -28.96 2.44 -20.91
CA ASN D 406 -27.96 3.02 -21.77
C ASN D 406 -26.81 3.49 -20.91
N VAL D 407 -25.62 2.94 -21.16
CA VAL D 407 -24.38 3.48 -20.62
C VAL D 407 -23.70 4.26 -21.75
N TYR D 408 -23.58 5.58 -21.59
CA TYR D 408 -23.03 6.40 -22.62
C TYR D 408 -21.53 6.45 -22.43
N SER D 409 -20.78 5.96 -23.41
CA SER D 409 -19.35 5.80 -23.26
C SER D 409 -18.67 7.16 -23.02
N ARG D 410 -19.20 8.26 -23.57
CA ARG D 410 -18.51 9.55 -23.42
C ARG D 410 -18.65 10.05 -21.98
N ARG D 411 -19.77 9.77 -21.32
CA ARG D 411 -19.93 10.13 -19.91
C ARG D 411 -18.86 9.42 -19.08
N VAL D 412 -18.55 8.16 -19.39
CA VAL D 412 -17.56 7.39 -18.64
C VAL D 412 -16.14 7.95 -18.90
N GLU D 413 -15.86 8.32 -20.15
CA GLU D 413 -14.56 8.89 -20.56
C GLU D 413 -14.32 10.23 -19.86
N HIS D 414 -15.37 11.07 -19.77
CA HIS D 414 -15.28 12.39 -19.12
C HIS D 414 -14.78 12.23 -17.69
N VAL D 415 -15.37 11.28 -16.96
CA VAL D 415 -15.03 10.99 -15.56
C VAL D 415 -13.58 10.48 -15.47
N LEU D 416 -13.21 9.50 -16.30
CA LEU D 416 -11.86 8.96 -16.29
C LEU D 416 -10.85 10.06 -16.55
N THR D 417 -11.11 10.93 -17.54
CA THR D 417 -10.13 11.94 -17.99
C THR D 417 -10.03 13.11 -16.99
N GLU D 418 -11.03 13.27 -16.12
CA GLU D 418 -10.97 14.25 -15.04
C GLU D 418 -9.83 13.92 -14.09
N HIS D 419 -9.52 12.62 -13.94
CA HIS D 419 -8.40 12.21 -13.09
C HIS D 419 -7.13 12.89 -13.59
N PRO D 420 -6.32 13.47 -12.68
CA PRO D 420 -5.14 14.22 -13.09
C PRO D 420 -4.05 13.41 -13.78
N ASP D 421 -4.06 12.08 -13.60
CA ASP D 421 -3.01 11.19 -14.12
C ASP D 421 -3.49 10.50 -15.42
N VAL D 422 -4.68 10.85 -15.88
CA VAL D 422 -5.26 10.33 -17.12
C VAL D 422 -5.42 11.49 -18.12
N ARG D 423 -4.95 11.28 -19.36
CA ARG D 423 -4.96 12.24 -20.44
C ARG D 423 -6.09 11.92 -21.45
N ALA D 424 -6.39 10.64 -21.67
CA ALA D 424 -7.39 10.22 -22.68
C ALA D 424 -8.01 8.89 -22.31
N ALA D 425 -9.18 8.59 -22.86
CA ALA D 425 -9.86 7.34 -22.58
C ALA D 425 -10.83 6.98 -23.70
N ALA D 426 -10.90 5.69 -24.01
CA ALA D 426 -11.85 5.15 -24.96
C ALA D 426 -12.60 4.02 -24.27
N VAL D 427 -13.91 4.18 -24.07
CA VAL D 427 -14.75 3.21 -23.39
C VAL D 427 -15.66 2.53 -24.42
N VAL D 428 -15.68 1.20 -24.38
CA VAL D 428 -16.38 0.35 -25.34
C VAL D 428 -17.09 -0.75 -24.57
N GLY D 429 -18.10 -1.34 -25.20
CA GLY D 429 -18.75 -2.55 -24.71
C GLY D 429 -18.36 -3.77 -25.54
N VAL D 430 -18.24 -4.92 -24.88
CA VAL D 430 -18.16 -6.21 -25.57
C VAL D 430 -19.25 -7.10 -24.98
N PRO D 431 -19.78 -8.08 -25.74
CA PRO D 431 -20.98 -8.78 -25.29
C PRO D 431 -20.64 -9.70 -24.11
N ASP D 432 -21.59 -9.87 -23.18
CA ASP D 432 -21.41 -10.71 -22.00
C ASP D 432 -22.77 -11.23 -21.54
N PRO D 433 -22.95 -12.56 -21.39
CA PRO D 433 -24.26 -13.12 -21.04
C PRO D 433 -24.80 -12.74 -19.64
N ASP D 434 -23.90 -12.45 -18.70
CA ASP D 434 -24.23 -12.23 -17.28
C ASP D 434 -24.39 -10.73 -16.96
N SER D 435 -23.82 -9.85 -17.80
CA SER D 435 -23.81 -8.39 -17.56
C SER D 435 -24.52 -7.62 -18.69
N GLY D 436 -24.97 -8.33 -19.75
CA GLY D 436 -25.51 -7.75 -21.00
C GLY D 436 -24.40 -7.42 -21.99
N GLU D 437 -23.61 -6.40 -21.61
CA GLU D 437 -22.31 -6.08 -22.20
C GLU D 437 -21.35 -5.75 -21.04
N ALA D 438 -20.06 -5.98 -21.29
CA ALA D 438 -19.03 -5.66 -20.33
C ALA D 438 -18.35 -4.36 -20.75
N VAL D 439 -18.29 -3.40 -19.82
CA VAL D 439 -17.72 -2.09 -20.05
C VAL D 439 -16.20 -2.20 -19.96
N CYS D 440 -15.50 -1.71 -20.98
CA CYS D 440 -14.04 -1.76 -21.04
C CYS D 440 -13.49 -0.37 -21.29
N ALA D 441 -12.33 -0.07 -20.72
CA ALA D 441 -11.76 1.25 -20.86
C ALA D 441 -10.27 1.10 -21.21
N ALA D 442 -9.90 1.67 -22.37
CA ALA D 442 -8.55 1.93 -22.71
C ALA D 442 -8.20 3.34 -22.25
N VAL D 443 -7.10 3.47 -21.52
CA VAL D 443 -6.75 4.70 -20.86
C VAL D 443 -5.32 5.09 -21.23
N VAL D 444 -5.13 6.35 -21.59
CA VAL D 444 -3.83 6.94 -21.78
C VAL D 444 -3.47 7.74 -20.52
N VAL D 445 -2.32 7.38 -19.98
CA VAL D 445 -1.83 7.81 -18.74
C VAL D 445 -0.94 9.01 -19.00
N ALA D 446 -0.79 9.89 -17.99
CA ALA D 446 0.02 11.10 -18.12
C ALA D 446 1.52 10.77 -18.13
N ASP D 447 2.29 11.59 -18.87
CA ASP D 447 3.74 11.90 -18.63
C ASP D 447 4.49 10.70 -18.06
N GLY D 448 4.61 10.63 -16.73
CA GLY D 448 5.32 9.52 -16.08
C GLY D 448 4.53 8.92 -14.92
N ALA D 449 3.22 8.83 -15.07
CA ALA D 449 2.31 8.50 -13.98
C ALA D 449 2.04 7.00 -13.98
N ASP D 450 1.49 6.49 -12.89
CA ASP D 450 1.13 5.09 -12.75
C ASP D 450 -0.10 4.98 -11.86
N PRO D 451 -1.27 5.49 -12.28
CA PRO D 451 -2.47 5.48 -11.44
C PRO D 451 -3.02 4.06 -11.27
N ASP D 452 -3.82 3.89 -10.23
CA ASP D 452 -4.36 2.61 -9.86
C ASP D 452 -5.65 2.40 -10.63
N PRO D 453 -5.74 1.36 -11.48
CA PRO D 453 -6.99 1.04 -12.18
C PRO D 453 -8.21 1.08 -11.23
N GLU D 454 -7.99 0.65 -9.99
CA GLU D 454 -9.04 0.55 -9.02
C GLU D 454 -9.51 1.94 -8.58
N HIS D 455 -8.61 2.92 -8.54
CA HIS D 455 -9.00 4.31 -8.22
C HIS D 455 -9.94 4.83 -9.30
N LEU D 456 -9.62 4.50 -10.56
CA LEU D 456 -10.39 4.91 -11.72
C LEU D 456 -11.76 4.23 -11.69
N ARG D 457 -11.81 2.92 -11.42
CA ARG D 457 -13.08 2.23 -11.28
C ARG D 457 -13.91 2.94 -10.20
N ALA D 458 -13.27 3.30 -9.10
CA ALA D 458 -13.95 3.86 -7.93
C ALA D 458 -14.50 5.26 -8.23
N LEU D 459 -13.75 6.00 -9.07
CA LEU D 459 -14.11 7.32 -9.49
C LEU D 459 -15.38 7.25 -10.37
N VAL D 460 -15.41 6.28 -11.29
CA VAL D 460 -16.56 6.10 -12.15
C VAL D 460 -17.75 5.72 -11.27
N ARG D 461 -17.51 4.83 -10.30
CA ARG D 461 -18.60 4.32 -9.47
C ARG D 461 -19.23 5.44 -8.67
N ASP D 462 -18.43 6.42 -8.19
CA ASP D 462 -18.94 7.51 -7.34
C ASP D 462 -19.80 8.46 -8.16
N HIS D 463 -19.37 8.76 -9.39
CA HIS D 463 -19.95 9.82 -10.21
C HIS D 463 -21.14 9.29 -11.00
N LEU D 464 -20.98 8.12 -11.62
CA LEU D 464 -21.98 7.46 -12.46
C LEU D 464 -22.31 6.19 -11.66
N GLY D 465 -23.39 5.46 -11.94
CA GLY D 465 -23.63 4.27 -11.10
C GLY D 465 -22.58 3.14 -11.16
N ASP D 466 -23.01 2.01 -10.60
CA ASP D 466 -22.37 0.71 -10.73
C ASP D 466 -22.29 0.27 -12.20
N LEU D 467 -23.32 0.52 -13.01
CA LEU D 467 -23.39 -0.04 -14.37
C LEU D 467 -22.27 0.49 -15.26
N HIS D 468 -21.86 1.74 -14.99
CA HIS D 468 -20.90 2.49 -15.78
C HIS D 468 -19.46 2.08 -15.51
N VAL D 469 -19.21 1.39 -14.39
CA VAL D 469 -17.85 1.05 -13.98
C VAL D 469 -17.26 0.04 -14.96
N PRO D 470 -16.09 0.35 -15.55
CA PRO D 470 -15.41 -0.58 -16.44
C PRO D 470 -14.85 -1.78 -15.67
N ARG D 471 -15.15 -2.98 -16.16
CA ARG D 471 -14.64 -4.21 -15.60
C ARG D 471 -13.16 -4.34 -15.95
N ARG D 472 -12.80 -4.10 -17.20
CA ARG D 472 -11.42 -4.14 -17.68
C ARG D 472 -10.93 -2.72 -17.93
N VAL D 473 -9.71 -2.43 -17.45
CA VAL D 473 -9.02 -1.19 -17.67
C VAL D 473 -7.63 -1.53 -18.23
N GLU D 474 -7.33 -1.09 -19.46
CA GLU D 474 -6.06 -1.32 -20.11
C GLU D 474 -5.36 0.02 -20.34
N PHE D 475 -4.08 0.10 -19.94
CA PHE D 475 -3.29 1.30 -20.19
C PHE D 475 -2.58 1.14 -21.54
N VAL D 476 -2.69 2.18 -22.38
CA VAL D 476 -2.24 2.14 -23.77
C VAL D 476 -1.45 3.41 -24.05
N ARG D 477 -0.58 3.35 -25.07
CA ARG D 477 0.33 4.46 -25.38
C ARG D 477 -0.47 5.63 -25.95
N SER D 478 -1.47 5.31 -26.78
CA SER D 478 -2.38 6.31 -27.36
C SER D 478 -3.66 5.62 -27.84
N ILE D 479 -4.70 6.43 -28.08
CA ILE D 479 -5.96 5.94 -28.61
C ILE D 479 -5.84 5.97 -30.13
N PRO D 480 -6.10 4.84 -30.82
CA PRO D 480 -6.02 4.80 -32.28
C PRO D 480 -7.08 5.71 -32.90
N VAL D 481 -6.73 6.38 -33.99
CA VAL D 481 -7.65 7.23 -34.72
C VAL D 481 -7.93 6.62 -36.10
N THR D 482 -9.15 6.88 -36.61
CA THR D 482 -9.54 6.59 -38.00
C THR D 482 -8.75 7.53 -38.91
N PRO D 483 -8.74 7.30 -40.25
CA PRO D 483 -8.13 8.25 -41.17
C PRO D 483 -8.67 9.68 -40.99
N ALA D 484 -9.95 9.80 -40.64
CA ALA D 484 -10.62 11.12 -40.45
C ALA D 484 -10.18 11.78 -39.13
N GLY D 485 -9.48 11.04 -38.27
CA GLY D 485 -8.93 11.58 -37.02
C GLY D 485 -9.85 11.42 -35.82
N LYS D 486 -10.84 10.52 -35.93
CA LYS D 486 -11.74 10.21 -34.84
C LYS D 486 -11.24 8.99 -34.07
N PRO D 487 -11.67 8.80 -32.80
CA PRO D 487 -11.31 7.62 -32.03
C PRO D 487 -11.80 6.34 -32.70
N ASP D 488 -10.87 5.43 -32.97
CA ASP D 488 -11.20 4.21 -33.67
C ASP D 488 -11.73 3.21 -32.65
N LYS D 489 -13.00 3.32 -32.31
CA LYS D 489 -13.54 2.50 -31.25
C LYS D 489 -13.90 1.10 -31.75
N VAL D 490 -13.82 0.82 -33.05
CA VAL D 490 -13.98 -0.56 -33.49
C VAL D 490 -12.65 -1.29 -33.20
N LYS D 491 -11.52 -0.59 -33.39
CA LYS D 491 -10.22 -1.16 -33.09
C LYS D 491 -10.12 -1.46 -31.58
N VAL D 492 -10.48 -0.47 -30.75
CA VAL D 492 -10.43 -0.59 -29.29
C VAL D 492 -11.28 -1.80 -28.87
N ARG D 493 -12.44 -1.96 -29.50
CA ARG D 493 -13.37 -3.05 -29.20
C ARG D 493 -12.67 -4.40 -29.41
N THR D 494 -11.79 -4.51 -30.43
CA THR D 494 -11.12 -5.79 -30.75
C THR D 494 -10.11 -6.18 -29.66
N TRP D 495 -9.56 -5.17 -28.97
CA TRP D 495 -8.57 -5.37 -27.93
C TRP D 495 -9.15 -6.16 -26.74
N PHE D 496 -10.49 -6.17 -26.60
CA PHE D 496 -11.15 -6.67 -25.40
C PHE D 496 -12.05 -7.88 -25.71
N THR D 497 -11.88 -8.51 -26.89
CA THR D 497 -12.76 -9.66 -27.30
C THR D 497 -12.06 -11.02 -27.06
N MET E 4 -3.68 -24.23 -5.62
CA MET E 4 -2.21 -23.94 -5.34
C MET E 4 -1.74 -22.81 -6.28
N GLY E 5 -1.15 -21.76 -5.71
CA GLY E 5 -0.45 -20.74 -6.49
C GLY E 5 0.88 -21.27 -7.02
N TYR E 6 1.43 -20.53 -8.01
CA TYR E 6 2.63 -20.94 -8.76
C TYR E 6 3.85 -20.90 -7.83
N ALA E 7 4.14 -19.72 -7.28
CA ALA E 7 5.28 -19.55 -6.40
C ALA E 7 5.24 -20.60 -5.29
N ARG E 8 4.06 -20.86 -4.73
CA ARG E 8 3.91 -21.83 -3.64
C ARG E 8 4.20 -23.23 -4.16
N ARG E 9 3.77 -23.54 -5.41
CA ARG E 9 4.03 -24.85 -6.02
C ARG E 9 5.54 -25.12 -6.06
N VAL E 10 6.31 -24.07 -6.42
CA VAL E 10 7.72 -24.17 -6.58
C VAL E 10 8.34 -24.36 -5.19
N MET E 11 8.04 -23.45 -4.27
CA MET E 11 8.49 -23.50 -2.88
C MET E 11 8.22 -24.90 -2.28
N ASP E 12 7.01 -25.41 -2.53
CA ASP E 12 6.55 -26.66 -1.92
C ASP E 12 7.42 -27.82 -2.38
N GLY E 13 7.90 -27.75 -3.62
CA GLY E 13 8.64 -28.84 -4.28
C GLY E 13 10.07 -28.97 -3.80
N ILE E 14 10.67 -27.85 -3.36
CA ILE E 14 12.12 -27.76 -3.07
C ILE E 14 12.54 -28.89 -2.11
N GLY E 15 13.56 -29.67 -2.52
CA GLY E 15 14.00 -30.89 -1.83
C GLY E 15 15.15 -30.64 -0.88
N GLU E 16 15.86 -31.72 -0.48
CA GLU E 16 16.95 -31.65 0.52
C GLU E 16 18.04 -30.69 0.03
N VAL E 17 18.52 -30.91 -1.22
CA VAL E 17 19.55 -30.05 -1.83
C VAL E 17 18.98 -29.32 -3.05
N ALA E 18 19.05 -27.98 -3.01
CA ALA E 18 18.39 -27.15 -4.01
C ALA E 18 19.34 -26.74 -5.14
N VAL E 19 20.55 -26.27 -4.79
CA VAL E 19 21.51 -25.77 -5.76
C VAL E 19 22.90 -26.31 -5.44
N THR E 20 23.70 -26.59 -6.48
CA THR E 20 25.13 -26.93 -6.36
C THR E 20 25.92 -26.16 -7.43
N GLY E 21 27.18 -25.86 -7.15
CA GLY E 21 28.15 -25.58 -8.22
C GLY E 21 29.49 -25.11 -7.68
N ALA E 22 30.39 -26.08 -7.42
CA ALA E 22 31.82 -25.86 -7.20
C ALA E 22 32.05 -25.00 -5.95
N GLY E 23 31.47 -23.79 -5.93
CA GLY E 23 31.35 -22.90 -4.76
C GLY E 23 30.55 -23.52 -3.59
N GLY E 24 29.84 -24.62 -3.85
CA GLY E 24 29.29 -25.48 -2.84
C GLY E 24 27.82 -25.76 -3.07
N SER E 25 27.24 -26.49 -2.11
CA SER E 25 25.81 -26.87 -2.02
C SER E 25 25.00 -25.84 -1.23
N VAL E 26 23.72 -25.74 -1.58
CA VAL E 26 22.75 -24.91 -0.89
C VAL E 26 21.52 -25.79 -0.60
N THR E 27 21.23 -25.99 0.69
CA THR E 27 20.13 -26.85 1.10
C THR E 27 18.80 -26.20 0.72
N GLY E 28 17.77 -27.05 0.58
CA GLY E 28 16.41 -26.59 0.44
C GLY E 28 16.05 -25.58 1.52
N ALA E 29 16.39 -25.96 2.77
CA ALA E 29 16.18 -25.13 3.95
C ALA E 29 16.73 -23.74 3.69
N ARG E 30 18.00 -23.68 3.26
CA ARG E 30 18.70 -22.42 3.17
C ARG E 30 18.12 -21.56 2.05
N LEU E 31 17.67 -22.19 0.96
CA LEU E 31 17.10 -21.45 -0.17
C LEU E 31 15.72 -20.90 0.23
N ARG E 32 14.91 -21.76 0.86
CA ARG E 32 13.58 -21.37 1.34
C ARG E 32 13.72 -20.13 2.23
N HIS E 33 14.68 -20.20 3.16
CA HIS E 33 15.00 -19.11 4.07
C HIS E 33 15.29 -17.83 3.30
N GLN E 34 16.08 -17.92 2.22
CA GLN E 34 16.50 -16.74 1.43
C GLN E 34 15.29 -16.12 0.72
N VAL E 35 14.34 -16.96 0.28
CA VAL E 35 13.14 -16.47 -0.38
C VAL E 35 12.34 -15.63 0.62
N ARG E 36 12.20 -16.17 1.84
CA ARG E 36 11.43 -15.52 2.89
C ARG E 36 12.06 -14.16 3.21
N LEU E 37 13.37 -14.18 3.38
CA LEU E 37 14.18 -13.00 3.68
C LEU E 37 13.99 -11.93 2.61
N LEU E 38 14.20 -12.30 1.34
CA LEU E 38 14.13 -11.36 0.23
C LEU E 38 12.69 -10.86 0.05
N ALA E 39 11.74 -11.77 0.24
CA ALA E 39 10.32 -11.45 0.12
C ALA E 39 9.96 -10.37 1.14
N HIS E 40 10.32 -10.62 2.40
CA HIS E 40 10.08 -9.68 3.50
C HIS E 40 10.73 -8.32 3.21
N ALA E 41 12.01 -8.34 2.82
CA ALA E 41 12.75 -7.10 2.56
C ALA E 41 12.08 -6.26 1.47
N LEU E 42 11.59 -6.91 0.40
CA LEU E 42 10.94 -6.24 -0.76
C LEU E 42 9.58 -5.67 -0.32
N THR E 43 8.85 -6.46 0.46
CA THR E 43 7.56 -6.07 1.04
C THR E 43 7.77 -4.80 1.86
N GLU E 44 8.71 -4.87 2.83
CA GLU E 44 9.01 -3.78 3.79
C GLU E 44 9.45 -2.52 3.04
N ALA E 45 10.07 -2.66 1.86
CA ALA E 45 10.58 -1.51 1.12
C ALA E 45 9.46 -0.75 0.39
N GLY E 46 8.22 -1.25 0.50
CA GLY E 46 7.01 -0.57 -0.02
C GLY E 46 6.66 -0.88 -1.48
N ILE E 47 7.19 -1.98 -2.01
CA ILE E 47 6.88 -2.48 -3.34
C ILE E 47 5.48 -3.09 -3.34
N PRO E 48 4.52 -2.49 -4.07
CA PRO E 48 3.14 -3.01 -4.12
C PRO E 48 2.94 -4.11 -5.16
N PRO E 49 1.95 -5.02 -4.96
CA PRO E 49 1.67 -6.13 -5.87
C PRO E 49 1.60 -5.91 -7.40
N GLY E 50 1.00 -4.84 -7.89
CA GLY E 50 0.79 -4.76 -9.35
C GLY E 50 2.06 -4.56 -10.18
N ARG E 51 3.21 -4.27 -9.54
CA ARG E 51 4.33 -3.62 -10.24
C ARG E 51 5.49 -4.61 -10.46
N GLY E 52 6.44 -4.21 -11.31
CA GLY E 52 7.57 -5.05 -11.66
C GLY E 52 8.76 -4.84 -10.75
N VAL E 53 9.57 -5.89 -10.57
CA VAL E 53 10.86 -5.80 -9.91
C VAL E 53 11.95 -6.16 -10.92
N ALA E 54 12.71 -5.15 -11.37
CA ALA E 54 13.82 -5.35 -12.29
C ALA E 54 15.00 -5.98 -11.55
N CYS E 55 15.56 -7.05 -12.12
CA CYS E 55 16.58 -7.81 -11.45
C CYS E 55 17.79 -7.99 -12.36
N LEU E 56 18.96 -7.60 -11.83
CA LEU E 56 20.24 -7.60 -12.53
C LEU E 56 21.22 -8.49 -11.74
N HIS E 57 21.54 -9.65 -12.31
CA HIS E 57 22.32 -10.64 -11.59
C HIS E 57 23.05 -11.57 -12.57
N ALA E 58 23.99 -12.34 -12.03
CA ALA E 58 24.65 -13.40 -12.73
C ALA E 58 23.90 -14.71 -12.47
N ASN E 59 24.47 -15.85 -12.87
CA ASN E 59 23.90 -17.16 -12.60
C ASN E 59 24.34 -17.60 -11.20
N THR E 60 23.67 -17.07 -10.17
CA THR E 60 23.95 -17.35 -8.75
C THR E 60 22.70 -17.95 -8.09
N TRP E 61 22.89 -18.70 -7.00
CA TRP E 61 21.78 -19.36 -6.35
C TRP E 61 20.84 -18.32 -5.70
N ARG E 62 21.37 -17.16 -5.31
CA ARG E 62 20.54 -16.13 -4.70
C ARG E 62 19.58 -15.55 -5.74
N ALA E 63 19.98 -15.55 -7.01
CA ALA E 63 19.14 -14.98 -8.06
C ALA E 63 17.92 -15.88 -8.31
N ILE E 64 18.06 -17.18 -8.01
CA ILE E 64 16.98 -18.15 -8.07
C ILE E 64 15.91 -17.78 -7.02
N ALA E 65 16.40 -17.50 -5.80
CA ALA E 65 15.58 -17.06 -4.66
C ALA E 65 14.88 -15.73 -4.98
N LEU E 66 15.60 -14.82 -5.64
CA LEU E 66 15.07 -13.49 -5.86
C LEU E 66 13.82 -13.57 -6.75
N ARG E 67 13.89 -14.38 -7.80
CA ARG E 67 12.78 -14.47 -8.76
C ARG E 67 11.53 -14.99 -8.04
N LEU E 68 11.76 -16.04 -7.24
CA LEU E 68 10.72 -16.73 -6.51
C LEU E 68 10.10 -15.77 -5.49
N ALA E 69 10.94 -14.95 -4.84
CA ALA E 69 10.49 -13.95 -3.88
C ALA E 69 9.63 -12.88 -4.58
N VAL E 70 10.12 -12.35 -5.70
CA VAL E 70 9.38 -11.34 -6.44
C VAL E 70 7.99 -11.86 -6.82
N GLN E 71 7.92 -13.16 -7.17
CA GLN E 71 6.68 -13.75 -7.65
C GLN E 71 5.76 -14.05 -6.45
N ALA E 72 6.34 -14.57 -5.37
CA ALA E 72 5.63 -14.85 -4.12
C ALA E 72 4.88 -13.62 -3.61
N ILE E 73 5.53 -12.44 -3.68
CA ILE E 73 4.94 -11.20 -3.15
C ILE E 73 4.04 -10.54 -4.20
N GLY E 74 3.57 -11.31 -5.17
CA GLY E 74 2.56 -10.83 -6.12
C GLY E 74 3.08 -9.82 -7.12
N CYS E 75 4.41 -9.74 -7.29
CA CYS E 75 5.02 -8.86 -8.31
C CYS E 75 5.42 -9.67 -9.55
N HIS E 76 5.75 -8.96 -10.64
CA HIS E 76 6.22 -9.60 -11.85
C HIS E 76 7.73 -9.35 -12.03
N TYR E 77 8.45 -10.46 -12.19
CA TYR E 77 9.89 -10.48 -12.40
C TYR E 77 10.24 -9.94 -13.78
N VAL E 78 11.21 -9.02 -13.81
CA VAL E 78 11.76 -8.47 -15.04
C VAL E 78 13.28 -8.73 -15.03
N GLY E 79 13.69 -9.86 -15.62
CA GLY E 79 15.09 -10.26 -15.68
C GLY E 79 15.86 -9.45 -16.71
N LEU E 80 16.82 -8.65 -16.25
CA LEU E 80 17.66 -7.88 -17.12
C LEU E 80 18.81 -8.75 -17.66
N ARG E 81 18.74 -8.99 -18.97
CA ARG E 81 19.65 -9.84 -19.74
C ARG E 81 21.08 -9.32 -19.63
N PRO E 82 22.08 -10.19 -19.30
CA PRO E 82 23.49 -9.77 -19.27
C PRO E 82 24.09 -9.29 -20.60
N THR E 83 23.68 -9.89 -21.70
CA THR E 83 24.20 -9.57 -23.06
C THR E 83 23.61 -8.26 -23.59
N ALA E 84 22.54 -7.76 -22.98
CA ALA E 84 21.84 -6.58 -23.49
C ALA E 84 22.65 -5.32 -23.19
N ALA E 85 22.51 -4.32 -24.06
CA ALA E 85 23.13 -3.02 -23.92
C ALA E 85 22.46 -2.26 -22.78
N VAL E 86 23.18 -1.29 -22.20
CA VAL E 86 22.70 -0.51 -21.07
C VAL E 86 21.42 0.25 -21.46
N THR E 87 21.34 0.75 -22.70
CA THR E 87 20.18 1.57 -23.12
C THR E 87 18.95 0.66 -23.29
N GLU E 88 19.11 -0.57 -23.81
CA GLU E 88 18.01 -1.57 -23.93
C GLU E 88 17.53 -2.00 -22.54
N GLN E 89 18.46 -2.32 -21.63
CA GLN E 89 18.13 -2.70 -20.24
C GLN E 89 17.31 -1.57 -19.60
N ALA E 90 17.77 -0.33 -19.78
CA ALA E 90 17.18 0.86 -19.14
C ALA E 90 15.75 1.11 -19.65
N ARG E 91 15.55 0.99 -20.96
CA ARG E 91 14.21 1.12 -21.58
C ARG E 91 13.27 0.05 -20.99
N ALA E 92 13.81 -1.15 -20.75
CA ALA E 92 13.04 -2.28 -20.20
C ALA E 92 12.55 -1.94 -18.79
N ILE E 93 13.41 -1.31 -17.99
CA ILE E 93 13.07 -0.98 -16.61
C ILE E 93 11.86 -0.04 -16.62
N ALA E 94 11.88 0.97 -17.49
CA ALA E 94 10.86 2.01 -17.58
C ALA E 94 9.53 1.39 -18.03
N ALA E 95 9.59 0.64 -19.13
CA ALA E 95 8.42 0.13 -19.81
C ALA E 95 7.69 -0.92 -18.96
N ALA E 96 8.39 -1.57 -18.03
CA ALA E 96 7.84 -2.70 -17.27
C ALA E 96 7.13 -2.21 -15.99
N ASP E 97 7.18 -0.89 -15.74
CA ASP E 97 6.59 -0.25 -14.55
C ASP E 97 7.26 -0.82 -13.29
N SER E 98 8.59 -0.68 -13.28
CA SER E 98 9.44 -1.25 -12.23
C SER E 98 9.33 -0.39 -10.95
N ALA E 99 9.02 -1.04 -9.83
CA ALA E 99 8.97 -0.39 -8.52
C ALA E 99 10.30 -0.52 -7.78
N ALA E 100 11.26 -1.24 -8.38
CA ALA E 100 12.54 -1.51 -7.75
C ALA E 100 13.55 -2.01 -8.79
N LEU E 101 14.83 -1.79 -8.52
CA LEU E 101 15.94 -2.46 -9.16
C LEU E 101 16.75 -3.18 -8.09
N VAL E 102 16.75 -4.50 -8.13
CA VAL E 102 17.59 -5.32 -7.26
C VAL E 102 18.77 -5.78 -8.11
N PHE E 103 19.99 -5.64 -7.59
CA PHE E 103 21.19 -6.02 -8.32
C PHE E 103 22.20 -6.69 -7.39
N GLU E 104 23.17 -7.39 -7.98
CA GLU E 104 24.24 -8.07 -7.28
C GLU E 104 25.49 -7.19 -7.27
N PRO E 105 26.37 -7.33 -6.25
CA PRO E 105 27.63 -6.58 -6.20
C PRO E 105 28.43 -6.63 -7.51
N SER E 106 28.56 -7.84 -8.06
CA SER E 106 29.40 -8.12 -9.21
C SER E 106 29.03 -7.24 -10.42
N VAL E 107 27.84 -6.62 -10.43
CA VAL E 107 27.36 -5.84 -11.59
C VAL E 107 26.95 -4.43 -11.16
N GLU E 108 27.52 -3.93 -10.06
CA GLU E 108 27.27 -2.57 -9.52
C GLU E 108 27.58 -1.50 -10.58
N ALA E 109 28.67 -1.70 -11.31
CA ALA E 109 29.06 -0.75 -12.35
C ALA E 109 27.90 -0.56 -13.33
N ARG E 110 27.31 -1.67 -13.79
CA ARG E 110 26.20 -1.61 -14.75
C ARG E 110 24.96 -1.01 -14.08
N ALA E 111 24.75 -1.34 -12.80
CA ALA E 111 23.58 -0.85 -12.07
C ALA E 111 23.63 0.70 -12.01
N ALA E 112 24.81 1.23 -11.72
CA ALA E 112 25.03 2.67 -11.64
C ALA E 112 24.75 3.31 -13.00
N ASP E 113 25.41 2.75 -14.03
CA ASP E 113 25.22 3.12 -15.43
C ASP E 113 23.70 3.24 -15.74
N LEU E 114 22.94 2.21 -15.35
CA LEU E 114 21.49 2.12 -15.59
C LEU E 114 20.76 3.28 -14.92
N LEU E 115 21.16 3.57 -13.67
CA LEU E 115 20.42 4.48 -12.80
C LEU E 115 20.67 5.94 -13.20
N GLU E 116 21.75 6.21 -13.93
CA GLU E 116 21.97 7.52 -14.56
C GLU E 116 20.88 7.74 -15.63
N ARG E 117 20.45 6.65 -16.29
CA ARG E 117 19.59 6.72 -17.49
C ARG E 117 18.10 6.66 -17.13
N VAL E 118 17.74 6.01 -16.01
CA VAL E 118 16.33 5.79 -15.68
C VAL E 118 16.17 5.82 -14.14
N SER E 119 15.02 6.34 -13.68
CA SER E 119 14.71 6.45 -12.28
C SER E 119 13.92 5.21 -11.83
N VAL E 120 14.00 4.93 -10.52
CA VAL E 120 13.29 3.84 -9.87
C VAL E 120 13.09 4.22 -8.40
N PRO E 121 11.86 4.08 -7.83
CA PRO E 121 11.61 4.33 -6.41
C PRO E 121 12.62 3.73 -5.42
N VAL E 122 12.91 2.43 -5.58
CA VAL E 122 13.68 1.68 -4.60
C VAL E 122 14.86 1.00 -5.33
N VAL E 123 16.05 1.08 -4.74
CA VAL E 123 17.25 0.48 -5.29
C VAL E 123 17.89 -0.36 -4.20
N LEU E 124 17.90 -1.68 -4.41
CA LEU E 124 18.35 -2.68 -3.44
C LEU E 124 19.46 -3.53 -4.05
N SER E 125 20.29 -4.12 -3.18
CA SER E 125 21.42 -4.93 -3.61
C SER E 125 21.53 -6.20 -2.76
N LEU E 126 21.99 -7.28 -3.39
CA LEU E 126 22.19 -8.56 -2.73
C LEU E 126 23.58 -8.56 -2.10
N GLY E 127 23.71 -7.92 -0.94
CA GLY E 127 24.99 -7.75 -0.26
C GLY E 127 25.45 -6.29 -0.30
N PRO E 128 26.46 -5.91 0.51
CA PRO E 128 26.83 -4.50 0.70
C PRO E 128 27.32 -3.86 -0.61
N THR E 129 26.89 -2.63 -0.85
CA THR E 129 27.21 -1.92 -2.08
C THR E 129 27.02 -0.41 -1.89
N SER E 130 27.65 0.35 -2.79
CA SER E 130 27.72 1.80 -2.76
C SER E 130 26.38 2.41 -3.22
N ARG E 131 25.88 2.00 -4.40
CA ARG E 131 24.76 2.67 -5.09
C ARG E 131 23.39 2.25 -4.54
N GLY E 132 23.30 1.27 -3.62
CA GLY E 132 21.98 0.71 -3.16
C GLY E 132 21.99 0.11 -1.76
N ARG E 133 20.78 -0.12 -1.21
CA ARG E 133 20.54 -0.62 0.18
C ARG E 133 20.62 -2.15 0.19
N ASP E 134 21.41 -2.70 1.12
CA ASP E 134 21.72 -4.14 1.18
C ASP E 134 20.57 -4.90 1.84
N ILE E 135 19.77 -5.62 1.04
CA ILE E 135 18.71 -6.52 1.54
C ILE E 135 19.34 -7.61 2.42
N ALA E 137 20.95 -6.84 5.02
CA ALA E 137 20.41 -7.56 6.17
C ALA E 137 20.03 -6.62 7.32
N ALA E 138 18.90 -5.90 7.21
CA ALA E 138 18.26 -5.20 8.38
C ALA E 138 17.45 -6.20 9.24
N SER E 139 17.34 -5.91 10.54
CA SER E 139 16.97 -6.96 11.57
C SER E 139 15.54 -7.46 11.38
N VAL E 140 15.40 -8.79 11.21
CA VAL E 140 14.15 -9.44 10.82
C VAL E 140 14.07 -10.79 11.52
N PRO E 141 12.93 -11.15 12.15
CA PRO E 141 12.80 -12.41 12.89
C PRO E 141 13.07 -13.69 12.06
N GLU E 142 13.72 -14.68 12.69
CA GLU E 142 14.11 -15.95 12.06
C GLU E 142 12.86 -16.71 11.56
N GLY E 143 11.74 -16.63 12.30
CA GLY E 143 10.61 -17.57 12.12
C GLY E 143 9.44 -17.00 11.31
N THR E 144 9.57 -15.77 10.81
CA THR E 144 8.53 -15.17 9.92
C THR E 144 8.23 -16.14 8.77
N PRO E 145 6.96 -16.56 8.56
CA PRO E 145 6.60 -17.37 7.40
C PRO E 145 6.29 -16.48 6.18
N LEU E 146 6.30 -17.07 4.99
CA LEU E 146 6.24 -16.29 3.78
C LEU E 146 4.80 -15.78 3.59
N ARG E 147 4.65 -14.45 3.45
CA ARG E 147 3.35 -13.82 3.28
C ARG E 147 3.17 -13.49 1.78
N TYR E 148 2.44 -14.38 1.07
CA TYR E 148 2.17 -14.24 -0.37
C TYR E 148 1.11 -13.17 -0.65
N ARG E 149 1.28 -12.45 -1.75
CA ARG E 149 0.27 -11.52 -2.27
C ARG E 149 -0.02 -11.93 -3.73
N GLU E 150 -1.19 -11.52 -4.24
CA GLU E 150 -1.62 -11.82 -5.61
C GLU E 150 -1.40 -10.61 -6.52
N HIS E 151 -0.76 -10.86 -7.66
CA HIS E 151 -0.69 -9.87 -8.73
C HIS E 151 -2.12 -9.57 -9.22
N PRO E 152 -2.57 -8.30 -9.21
CA PRO E 152 -3.90 -7.95 -9.72
C PRO E 152 -4.25 -8.50 -11.10
N GLU E 153 -3.26 -8.64 -12.00
CA GLU E 153 -3.53 -9.14 -13.38
C GLU E 153 -2.83 -10.48 -13.63
N GLY E 154 -2.36 -11.14 -12.56
CA GLY E 154 -1.93 -12.55 -12.61
C GLY E 154 -0.61 -12.78 -13.31
N ILE E 155 0.22 -11.75 -13.46
CA ILE E 155 1.47 -11.81 -14.22
C ILE E 155 2.63 -12.22 -13.30
N ALA E 156 3.42 -13.18 -13.77
CA ALA E 156 4.58 -13.72 -13.05
C ALA E 156 5.87 -13.14 -13.59
N VAL E 157 5.92 -12.91 -14.91
CA VAL E 157 7.13 -12.51 -15.63
C VAL E 157 6.75 -11.52 -16.73
N VAL E 158 7.60 -10.50 -16.92
CA VAL E 158 7.66 -9.75 -18.16
C VAL E 158 9.11 -9.79 -18.66
N ALA E 159 9.28 -10.19 -19.92
CA ALA E 159 10.58 -10.38 -20.55
C ALA E 159 10.53 -9.67 -21.91
N PHE E 160 11.57 -8.87 -22.19
CA PHE E 160 11.56 -7.99 -23.35
C PHE E 160 12.30 -8.64 -24.53
N THR E 161 11.72 -8.49 -25.73
CA THR E 161 12.17 -9.18 -26.94
C THR E 161 12.23 -8.13 -28.06
N SER E 162 13.18 -7.20 -27.97
CA SER E 162 13.40 -6.16 -29.01
C SER E 162 13.12 -6.74 -30.41
N GLY E 163 12.53 -5.89 -31.27
CA GLY E 163 11.99 -6.27 -32.59
C GLY E 163 12.48 -5.34 -33.69
N THR E 164 11.59 -4.98 -34.65
CA THR E 164 11.95 -4.17 -35.81
C THR E 164 12.01 -2.69 -35.41
N THR E 165 11.03 -2.25 -34.60
CA THR E 165 10.72 -0.82 -34.35
C THR E 165 11.76 -0.21 -33.40
N GLY E 166 12.27 -1.04 -32.47
CA GLY E 166 13.05 -0.55 -31.33
C GLY E 166 12.16 -0.08 -30.18
N THR E 167 10.85 -0.31 -30.31
CA THR E 167 9.84 -0.02 -29.26
C THR E 167 9.75 -1.25 -28.35
N PRO E 168 9.85 -1.10 -27.00
CA PRO E 168 10.10 -2.20 -26.07
C PRO E 168 9.56 -3.61 -26.40
N LYS E 169 8.27 -3.90 -26.24
CA LYS E 169 7.69 -5.23 -26.46
C LYS E 169 8.07 -6.16 -25.28
N GLY E 170 7.27 -6.02 -24.22
CA GLY E 170 7.40 -6.84 -23.03
C GLY E 170 6.42 -7.99 -23.06
N VAL E 171 6.93 -9.22 -23.22
CA VAL E 171 6.09 -10.42 -23.17
C VAL E 171 5.67 -10.70 -21.73
N ALA E 172 4.37 -10.66 -21.47
CA ALA E 172 3.82 -10.88 -20.13
C ALA E 172 3.28 -12.30 -20.04
N HIS E 173 3.82 -13.08 -19.10
CA HIS E 173 3.41 -14.46 -18.86
C HIS E 173 2.68 -14.59 -17.51
N SER E 174 1.53 -15.25 -17.54
CA SER E 174 0.69 -15.41 -16.37
C SER E 174 1.34 -16.42 -15.41
N SER E 175 0.93 -16.35 -14.14
CA SER E 175 1.30 -17.33 -13.14
C SER E 175 0.76 -18.71 -13.56
N THR E 176 -0.38 -18.73 -14.24
CA THR E 176 -0.98 -19.99 -14.71
C THR E 176 -0.11 -20.63 -15.80
N ALA E 177 0.35 -19.78 -16.73
CA ALA E 177 1.16 -20.19 -17.83
C ALA E 177 2.47 -20.80 -17.32
N MET E 178 3.09 -20.17 -16.30
CA MET E 178 4.36 -20.65 -15.74
C MET E 178 4.15 -21.99 -15.04
N SER E 179 2.97 -22.16 -14.43
CA SER E 179 2.60 -23.42 -13.81
C SER E 179 2.51 -24.51 -14.89
N ALA E 180 1.90 -24.19 -16.02
CA ALA E 180 1.73 -25.14 -17.12
C ALA E 180 3.10 -25.60 -17.63
N CYS E 181 4.08 -24.68 -17.64
CA CYS E 181 5.43 -24.96 -18.09
C CYS E 181 6.08 -26.06 -17.22
N VAL E 182 5.73 -26.10 -15.94
CA VAL E 182 6.29 -27.15 -15.08
C VAL E 182 5.75 -28.51 -15.55
N ASP E 183 4.45 -28.55 -15.89
CA ASP E 183 3.79 -29.79 -16.33
C ASP E 183 4.40 -30.27 -17.65
N ALA E 184 4.63 -29.31 -18.56
CA ALA E 184 5.32 -29.54 -19.81
C ALA E 184 6.72 -30.11 -19.53
N ALA E 185 7.46 -29.43 -18.68
CA ALA E 185 8.82 -29.85 -18.34
C ALA E 185 8.83 -31.31 -17.87
N VAL E 186 7.88 -31.67 -16.99
CA VAL E 186 7.78 -33.04 -16.47
C VAL E 186 7.53 -34.01 -17.63
N SER E 187 6.64 -33.59 -18.53
CA SER E 187 6.23 -34.43 -19.62
C SER E 187 7.43 -34.71 -20.54
N MET E 188 8.31 -33.72 -20.73
CA MET E 188 9.48 -33.82 -21.61
C MET E 188 10.64 -34.54 -20.91
N TYR E 189 10.91 -34.18 -19.65
CA TYR E 189 12.23 -34.40 -19.03
C TYR E 189 12.24 -35.62 -18.11
N GLY E 190 11.07 -36.18 -17.79
CA GLY E 190 10.99 -37.56 -17.31
C GLY E 190 11.20 -37.68 -15.82
N ARG E 191 11.60 -38.87 -15.38
CA ARG E 191 11.62 -39.23 -13.99
C ARG E 191 12.67 -38.38 -13.27
N GLY E 192 12.31 -38.02 -12.03
CA GLY E 192 13.19 -37.28 -11.15
C GLY E 192 14.02 -38.25 -10.32
N PRO E 193 14.81 -37.68 -9.40
CA PRO E 193 15.15 -36.26 -9.39
C PRO E 193 15.94 -35.77 -10.63
N TRP E 194 15.79 -34.48 -10.99
CA TRP E 194 16.72 -33.91 -11.96
C TRP E 194 17.89 -33.25 -11.24
N ARG E 195 19.11 -33.56 -11.67
CA ARG E 195 20.29 -32.75 -11.41
C ARG E 195 20.55 -31.99 -12.71
N PHE E 196 20.05 -30.75 -12.77
CA PHE E 196 19.84 -30.03 -14.00
C PHE E 196 20.90 -28.92 -14.11
N LEU E 197 21.77 -29.07 -15.11
CA LEU E 197 22.86 -28.16 -15.38
C LEU E 197 22.31 -27.00 -16.23
N ILE E 198 22.46 -25.77 -15.73
CA ILE E 198 21.92 -24.63 -16.40
C ILE E 198 23.03 -23.62 -16.66
N PRO E 199 23.59 -23.62 -17.89
CA PRO E 199 24.58 -22.64 -18.31
C PRO E 199 24.01 -21.44 -19.09
N ILE E 200 22.70 -21.41 -19.30
CA ILE E 200 22.07 -20.27 -19.95
C ILE E 200 21.69 -19.28 -18.86
N PRO E 201 21.52 -17.98 -19.17
CA PRO E 201 21.30 -16.98 -18.12
C PRO E 201 20.00 -17.21 -17.36
N LEU E 202 20.04 -17.01 -16.03
CA LEU E 202 18.88 -17.13 -15.13
C LEU E 202 17.85 -16.03 -15.40
N SER E 203 18.23 -15.00 -16.17
CA SER E 203 17.35 -13.90 -16.48
C SER E 203 16.19 -14.30 -17.43
N ASP E 204 16.34 -15.40 -18.19
CA ASP E 204 15.33 -15.85 -19.18
C ASP E 204 15.03 -17.34 -18.99
N LEU E 205 15.12 -18.15 -20.06
CA LEU E 205 14.65 -19.53 -20.00
C LEU E 205 15.33 -20.26 -18.83
N GLY E 206 16.61 -19.95 -18.62
CA GLY E 206 17.40 -20.57 -17.56
C GLY E 206 16.70 -20.52 -16.21
N GLY E 207 16.13 -19.36 -15.89
CA GLY E 207 15.46 -19.12 -14.64
C GLY E 207 14.17 -19.92 -14.49
N GLU E 208 13.44 -20.12 -15.59
CA GLU E 208 12.24 -20.94 -15.58
C GLU E 208 12.61 -22.41 -15.41
N LEU E 209 13.70 -22.85 -16.06
CA LEU E 209 14.12 -24.25 -15.94
C LEU E 209 14.55 -24.54 -14.49
N ALA E 210 15.17 -23.55 -13.84
CA ALA E 210 15.56 -23.70 -12.45
C ALA E 210 14.30 -23.92 -11.60
N GLN E 211 13.25 -23.14 -11.87
CA GLN E 211 11.98 -23.23 -11.13
C GLN E 211 11.34 -24.61 -11.37
N CYS E 212 11.32 -25.06 -12.63
CA CYS E 212 10.81 -26.40 -12.95
C CYS E 212 11.59 -27.47 -12.16
N THR E 213 12.93 -27.30 -12.11
CA THR E 213 13.80 -28.24 -11.44
C THR E 213 13.48 -28.26 -9.93
N LEU E 214 13.34 -27.08 -9.34
CA LEU E 214 13.06 -26.99 -7.91
C LEU E 214 11.70 -27.61 -7.59
N ALA E 215 10.68 -27.28 -8.40
CA ALA E 215 9.30 -27.63 -8.12
C ALA E 215 9.11 -29.15 -8.15
N THR E 216 9.98 -29.85 -8.87
CA THR E 216 9.88 -31.30 -9.07
C THR E 216 10.81 -32.04 -8.11
N GLY E 217 11.47 -31.30 -7.23
CA GLY E 217 12.22 -31.87 -6.11
C GLY E 217 13.66 -32.15 -6.47
N GLY E 218 14.13 -31.54 -7.56
CA GLY E 218 15.48 -31.74 -8.06
C GLY E 218 16.44 -30.69 -7.53
N THR E 219 17.66 -30.76 -8.05
CA THR E 219 18.77 -29.88 -7.74
C THR E 219 19.21 -29.13 -8.99
N VAL E 220 19.26 -27.80 -8.92
CA VAL E 220 19.83 -26.97 -9.96
C VAL E 220 21.37 -26.97 -9.81
N VAL E 221 22.07 -27.13 -10.93
CA VAL E 221 23.54 -27.03 -10.99
C VAL E 221 23.88 -25.84 -11.89
N LEU E 222 24.56 -24.81 -11.35
CA LEU E 222 24.73 -23.52 -12.07
C LEU E 222 26.12 -23.42 -12.70
N LEU E 223 26.17 -22.90 -13.92
CA LEU E 223 27.40 -22.37 -14.51
C LEU E 223 27.15 -20.94 -14.99
N GLU E 224 28.21 -20.12 -15.00
CA GLU E 224 28.12 -18.72 -15.39
C GLU E 224 27.96 -18.58 -16.91
N GLU E 225 28.67 -19.41 -17.67
CA GLU E 225 28.66 -19.38 -19.15
C GLU E 225 28.82 -20.82 -19.68
N PHE E 226 28.75 -20.97 -21.00
CA PHE E 226 29.04 -22.23 -21.64
C PHE E 226 30.52 -22.30 -22.06
N GLN E 227 31.25 -23.28 -21.52
CA GLN E 227 32.55 -23.71 -22.04
C GLN E 227 32.52 -25.23 -22.09
N PRO E 228 32.92 -25.89 -23.20
CA PRO E 228 32.76 -27.34 -23.32
C PRO E 228 33.48 -28.11 -22.20
N ASP E 229 34.70 -27.69 -21.86
CA ASP E 229 35.51 -28.34 -20.84
C ASP E 229 34.73 -28.33 -19.51
N ALA E 230 34.22 -27.14 -19.16
CA ALA E 230 33.57 -26.88 -17.87
C ALA E 230 32.28 -27.70 -17.73
N VAL E 231 31.48 -27.76 -18.82
CA VAL E 231 30.22 -28.48 -18.85
C VAL E 231 30.50 -29.98 -18.68
N LEU E 232 31.48 -30.48 -19.43
CA LEU E 232 31.93 -31.87 -19.30
C LEU E 232 32.29 -32.18 -17.84
N GLU E 233 33.10 -31.29 -17.24
CA GLU E 233 33.60 -31.49 -15.89
C GLU E 233 32.40 -31.49 -14.93
N ALA E 234 31.50 -30.51 -15.10
CA ALA E 234 30.33 -30.36 -14.24
C ALA E 234 29.42 -31.59 -14.32
N ILE E 235 29.23 -32.12 -15.52
CA ILE E 235 28.33 -33.25 -15.70
C ILE E 235 28.89 -34.44 -14.88
N GLU E 236 30.20 -34.67 -14.96
CA GLU E 236 30.83 -35.82 -14.31
C GLU E 236 30.88 -35.62 -12.79
N ARG E 237 31.34 -34.43 -12.37
CA ARG E 237 31.55 -34.08 -10.96
C ARG E 237 30.22 -34.10 -10.18
N GLU E 238 29.14 -33.51 -10.75
CA GLU E 238 27.85 -33.39 -10.05
C GLU E 238 26.89 -34.51 -10.47
N ARG E 239 27.36 -35.40 -11.36
CA ARG E 239 26.54 -36.49 -11.91
C ARG E 239 25.21 -35.91 -12.41
N ALA E 240 25.29 -34.84 -13.22
CA ALA E 240 24.12 -34.15 -13.77
C ALA E 240 23.31 -35.09 -14.66
N THR E 241 21.99 -34.98 -14.57
CA THR E 241 21.05 -35.82 -15.32
C THR E 241 20.50 -35.07 -16.53
N HIS E 242 20.46 -33.74 -16.43
CA HIS E 242 19.87 -32.91 -17.44
C HIS E 242 20.80 -31.72 -17.65
N VAL E 243 20.73 -31.17 -18.87
CA VAL E 243 21.41 -29.94 -19.22
C VAL E 243 20.64 -29.33 -20.39
N PHE E 244 20.65 -27.99 -20.46
CA PHE E 244 20.08 -27.29 -21.60
C PHE E 244 21.18 -26.48 -22.29
N LEU E 245 21.26 -26.65 -23.61
CA LEU E 245 22.29 -26.07 -24.47
C LEU E 245 21.62 -25.40 -25.67
N ALA E 246 22.22 -24.33 -26.19
CA ALA E 246 22.00 -23.89 -27.56
C ALA E 246 22.54 -24.96 -28.51
N PRO E 247 21.93 -25.17 -29.70
CA PRO E 247 22.38 -26.23 -30.59
C PRO E 247 23.89 -26.20 -30.89
N ASN E 248 24.46 -25.02 -31.10
CA ASN E 248 25.87 -24.92 -31.43
C ASN E 248 26.70 -25.39 -30.24
N TRP E 249 26.20 -25.22 -29.02
CA TRP E 249 26.88 -25.69 -27.81
C TRP E 249 26.87 -27.22 -27.77
N LEU E 250 25.76 -27.82 -28.19
CA LEU E 250 25.68 -29.26 -28.30
C LEU E 250 26.85 -29.73 -29.17
N TYR E 251 26.98 -29.14 -30.36
CA TYR E 251 27.97 -29.60 -31.31
C TYR E 251 29.38 -29.42 -30.70
N GLN E 252 29.65 -28.27 -30.07
CA GLN E 252 30.95 -28.01 -29.44
C GLN E 252 31.23 -29.04 -28.35
N LEU E 253 30.21 -29.41 -27.57
CA LEU E 253 30.38 -30.37 -26.48
C LEU E 253 30.66 -31.75 -27.07
N ALA E 254 29.83 -32.17 -28.03
CA ALA E 254 29.89 -33.50 -28.61
C ALA E 254 31.23 -33.74 -29.34
N GLU E 255 31.79 -32.68 -29.94
CA GLU E 255 32.97 -32.77 -30.80
C GLU E 255 34.25 -32.53 -29.98
N HIS E 256 34.13 -32.15 -28.71
CA HIS E 256 35.30 -31.86 -27.88
C HIS E 256 36.14 -33.13 -27.67
N PRO E 257 37.48 -33.02 -27.73
CA PRO E 257 38.37 -34.20 -27.61
C PRO E 257 38.31 -34.96 -26.29
N ALA E 258 37.96 -34.25 -25.19
CA ALA E 258 37.89 -34.87 -23.87
C ALA E 258 36.62 -35.69 -23.66
N LEU E 259 35.68 -35.69 -24.61
CA LEU E 259 34.38 -36.32 -24.40
C LEU E 259 34.53 -37.78 -24.04
N PRO E 260 35.23 -38.62 -24.84
CA PRO E 260 35.35 -40.05 -24.52
C PRO E 260 36.06 -40.34 -23.18
N ARG E 261 37.00 -39.46 -22.80
CA ARG E 261 37.68 -39.46 -21.49
C ARG E 261 36.65 -39.30 -20.34
N SER E 262 35.62 -38.47 -20.56
CA SER E 262 34.63 -38.08 -19.53
C SER E 262 33.59 -39.18 -19.28
N ASP E 263 33.08 -39.22 -18.04
CA ASP E 263 31.99 -40.11 -17.61
C ASP E 263 30.68 -39.31 -17.59
N LEU E 264 29.81 -39.58 -18.57
CA LEU E 264 28.54 -38.90 -18.69
C LEU E 264 27.39 -39.89 -18.49
N SER E 265 27.65 -40.97 -17.75
CA SER E 265 26.66 -42.05 -17.57
C SER E 265 25.41 -41.54 -16.85
N SER E 266 25.55 -40.43 -16.10
CA SER E 266 24.45 -39.81 -15.35
C SER E 266 23.40 -39.16 -16.27
N LEU E 267 23.78 -38.77 -17.49
CA LEU E 267 22.87 -38.00 -18.37
C LEU E 267 21.62 -38.84 -18.73
N ARG E 268 20.45 -38.27 -18.50
CA ARG E 268 19.21 -38.82 -19.00
C ARG E 268 18.64 -37.92 -20.10
N ARG E 269 19.04 -36.64 -20.13
CA ARG E 269 18.55 -35.70 -21.15
C ARG E 269 19.55 -34.58 -21.41
N VAL E 270 20.01 -34.52 -22.66
CA VAL E 270 20.75 -33.40 -23.17
C VAL E 270 19.77 -32.60 -24.03
N VAL E 271 19.33 -31.46 -23.49
CA VAL E 271 18.26 -30.69 -24.08
C VAL E 271 18.89 -29.54 -24.84
N TYR E 272 18.43 -29.33 -26.08
CA TYR E 272 18.96 -28.26 -26.88
C TYR E 272 17.80 -27.65 -27.69
N GLY E 273 17.92 -26.37 -28.00
CA GLY E 273 16.97 -25.67 -28.84
C GLY E 273 17.18 -24.18 -28.76
N GLY E 274 16.34 -23.41 -29.44
CA GLY E 274 16.46 -21.99 -29.51
C GLY E 274 16.95 -21.53 -30.86
N ALA E 275 17.35 -22.49 -31.71
CA ALA E 275 17.82 -22.20 -33.07
C ALA E 275 17.63 -23.42 -33.95
N PRO E 276 17.58 -23.29 -35.30
CA PRO E 276 17.49 -24.45 -36.19
C PRO E 276 18.74 -25.32 -36.00
N ALA E 277 18.52 -26.63 -36.01
CA ALA E 277 19.57 -27.60 -35.83
C ALA E 277 20.15 -28.00 -37.19
N VAL E 278 21.44 -28.29 -37.22
CA VAL E 278 22.10 -28.87 -38.35
C VAL E 278 21.99 -30.39 -38.23
N PRO E 279 21.10 -31.03 -39.03
CA PRO E 279 20.85 -32.48 -38.91
C PRO E 279 22.12 -33.36 -38.85
N SER E 280 23.13 -33.04 -39.67
CA SER E 280 24.34 -33.88 -39.74
C SER E 280 25.14 -33.77 -38.44
N ARG E 281 25.07 -32.60 -37.80
CA ARG E 281 25.85 -32.33 -36.59
C ARG E 281 25.12 -32.96 -35.39
N VAL E 282 23.78 -33.03 -35.47
CA VAL E 282 22.95 -33.69 -34.50
C VAL E 282 23.23 -35.19 -34.56
N ALA E 283 23.20 -35.74 -35.77
CA ALA E 283 23.49 -37.17 -35.97
C ALA E 283 24.85 -37.51 -35.34
N ALA E 284 25.84 -36.63 -35.53
CA ALA E 284 27.17 -36.85 -34.99
C ALA E 284 27.11 -36.83 -33.47
N ALA E 285 26.38 -35.86 -32.91
CA ALA E 285 26.20 -35.76 -31.46
C ALA E 285 25.47 -37.00 -30.94
N ARG E 286 24.47 -37.49 -31.67
CA ARG E 286 23.70 -38.66 -31.24
C ARG E 286 24.61 -39.89 -31.12
N GLU E 287 25.57 -40.05 -32.04
CA GLU E 287 26.55 -41.14 -32.02
C GLU E 287 27.47 -40.99 -30.80
N ARG E 288 28.03 -39.79 -30.62
CA ARG E 288 29.11 -39.54 -29.65
C ARG E 288 28.55 -39.55 -28.22
N MET E 289 27.34 -39.01 -28.03
CA MET E 289 26.55 -39.04 -26.78
C MET E 289 25.60 -40.22 -26.93
N GLY E 290 24.81 -40.56 -25.91
CA GLY E 290 23.96 -41.73 -26.09
C GLY E 290 22.61 -41.39 -26.71
N ALA E 291 21.62 -42.21 -26.32
CA ALA E 291 20.21 -41.95 -26.57
C ALA E 291 19.65 -41.02 -25.49
N VAL E 292 20.19 -39.81 -25.41
CA VAL E 292 19.84 -38.83 -24.37
C VAL E 292 19.42 -37.48 -24.98
N LEU E 293 19.46 -37.39 -26.30
CA LEU E 293 19.30 -36.14 -26.98
C LEU E 293 17.81 -35.81 -27.07
N MET E 294 17.48 -34.57 -26.70
CA MET E 294 16.13 -34.05 -26.84
C MET E 294 16.20 -32.59 -27.32
N GLN E 295 15.43 -32.29 -28.38
CA GLN E 295 15.29 -30.94 -28.88
C GLN E 295 13.99 -30.35 -28.29
N ASN E 296 14.01 -29.05 -28.05
CA ASN E 296 12.91 -28.24 -27.55
C ASN E 296 12.72 -27.08 -28.53
N TYR E 297 11.46 -26.79 -28.89
CA TYR E 297 11.10 -25.65 -29.70
C TYR E 297 10.07 -24.83 -28.92
N GLY E 298 10.37 -23.53 -28.80
CA GLY E 298 9.45 -22.55 -28.24
C GLY E 298 9.76 -21.18 -28.78
N THR E 299 8.95 -20.20 -28.36
CA THR E 299 9.20 -18.79 -28.62
C THR E 299 8.98 -18.03 -27.32
N GLN E 300 9.38 -16.76 -27.27
CA GLN E 300 9.17 -15.92 -26.11
C GLN E 300 7.67 -15.78 -25.85
N GLU E 301 6.90 -15.62 -26.94
CA GLU E 301 5.47 -15.45 -26.86
C GLU E 301 4.79 -16.78 -26.51
N ALA E 302 5.28 -17.91 -27.05
CA ALA E 302 4.55 -19.17 -26.98
C ALA E 302 4.94 -20.01 -25.76
N ALA E 303 6.11 -19.73 -25.20
CA ALA E 303 6.82 -20.69 -24.34
C ALA E 303 7.01 -22.01 -25.12
N PHE E 304 7.00 -23.15 -24.41
CA PHE E 304 7.25 -24.47 -24.98
C PHE E 304 6.16 -24.83 -26.00
N ILE E 305 6.57 -25.37 -27.15
CA ILE E 305 5.64 -25.82 -28.18
C ILE E 305 5.80 -27.33 -28.47
N ALA E 306 7.02 -27.76 -28.77
CA ALA E 306 7.26 -29.13 -29.23
C ALA E 306 8.62 -29.62 -28.78
N ALA E 307 8.75 -30.95 -28.78
CA ALA E 307 10.01 -31.59 -28.45
C ALA E 307 10.23 -32.81 -29.35
N LEU E 308 11.51 -33.07 -29.60
CA LEU E 308 12.00 -34.19 -30.36
C LEU E 308 12.74 -35.09 -29.37
N THR E 309 12.24 -36.31 -29.18
CA THR E 309 12.69 -37.22 -28.13
C THR E 309 13.98 -37.91 -28.54
N PRO E 310 14.71 -38.56 -27.61
CA PRO E 310 15.88 -39.36 -28.01
C PRO E 310 15.53 -40.51 -28.99
N ASP E 311 14.33 -41.07 -28.89
CA ASP E 311 13.91 -42.11 -29.83
C ASP E 311 13.61 -41.49 -31.21
N ASP E 312 13.06 -40.27 -31.24
CA ASP E 312 12.83 -39.53 -32.48
C ASP E 312 14.15 -39.29 -33.21
N HIS E 313 15.24 -39.06 -32.45
CA HIS E 313 16.58 -38.75 -32.98
C HIS E 313 17.23 -39.97 -33.66
N ALA E 314 16.59 -41.13 -33.56
CA ALA E 314 17.09 -42.36 -34.18
C ALA E 314 16.48 -42.56 -35.58
N ARG E 315 15.71 -41.58 -36.08
CA ARG E 315 15.15 -41.61 -37.42
C ARG E 315 15.72 -40.42 -38.20
N ARG E 316 16.51 -40.68 -39.26
CA ARG E 316 17.15 -39.61 -40.07
C ARG E 316 16.09 -38.58 -40.48
N GLU E 317 14.90 -39.06 -40.85
CA GLU E 317 13.82 -38.22 -41.43
C GLU E 317 13.38 -37.13 -40.45
N LEU E 318 13.54 -37.36 -39.14
CA LEU E 318 13.09 -36.45 -38.11
C LEU E 318 14.17 -35.46 -37.67
N LEU E 319 15.40 -35.57 -38.21
CA LEU E 319 16.46 -34.68 -37.81
C LEU E 319 16.21 -33.27 -38.35
N THR E 320 15.22 -33.07 -39.23
CA THR E 320 14.85 -31.74 -39.67
C THR E 320 13.61 -31.22 -38.95
N ALA E 321 13.18 -31.95 -37.91
CA ALA E 321 11.93 -31.69 -37.21
C ALA E 321 12.20 -31.11 -35.82
N VAL E 322 11.17 -30.45 -35.28
CA VAL E 322 11.16 -29.93 -33.91
C VAL E 322 10.44 -30.94 -33.02
N GLY E 323 9.60 -31.78 -33.64
CA GLY E 323 9.00 -32.92 -32.99
C GLY E 323 7.49 -32.79 -32.95
N ARG E 324 6.87 -33.63 -32.12
CA ARG E 324 5.44 -33.59 -31.88
C ARG E 324 5.14 -32.45 -30.93
N PRO E 325 4.02 -31.72 -31.09
CA PRO E 325 3.62 -30.72 -30.09
C PRO E 325 3.47 -31.38 -28.72
N LEU E 326 3.77 -30.61 -27.68
CA LEU E 326 3.65 -31.08 -26.32
C LEU E 326 2.18 -31.27 -25.97
N PRO E 327 1.89 -32.00 -24.87
CA PRO E 327 0.52 -32.10 -24.37
C PRO E 327 -0.07 -30.71 -24.10
N HIS E 328 -1.29 -30.51 -24.62
CA HIS E 328 -2.14 -29.33 -24.44
C HIS E 328 -1.73 -28.24 -25.43
N VAL E 329 -0.79 -28.56 -26.34
CA VAL E 329 -0.37 -27.61 -27.36
C VAL E 329 -1.04 -27.98 -28.68
N GLU E 330 -1.96 -27.11 -29.10
CA GLU E 330 -2.60 -27.19 -30.38
C GLU E 330 -1.78 -26.38 -31.38
N VAL E 331 -1.54 -26.95 -32.57
CA VAL E 331 -0.85 -26.24 -33.64
C VAL E 331 -1.68 -26.32 -34.92
N GLU E 332 -1.79 -25.18 -35.62
CA GLU E 332 -2.37 -25.13 -36.94
C GLU E 332 -1.34 -24.53 -37.91
N ILE E 333 -1.44 -24.93 -39.16
CA ILE E 333 -0.65 -24.36 -40.29
C ILE E 333 -1.65 -23.53 -41.09
N ARG E 334 -1.40 -22.23 -41.25
CA ARG E 334 -2.39 -21.36 -41.91
C ARG E 334 -1.76 -20.55 -43.04
N ASP E 335 -2.59 -20.12 -43.98
CA ASP E 335 -2.15 -19.31 -45.14
C ASP E 335 -2.20 -17.82 -44.81
N ASP E 336 -1.87 -17.01 -45.81
CA ASP E 336 -1.90 -15.53 -45.72
C ASP E 336 -3.30 -15.06 -45.33
N SER E 337 -4.34 -15.73 -45.84
CA SER E 337 -5.75 -15.46 -45.50
C SER E 337 -5.98 -15.67 -44.00
N GLY E 338 -5.74 -16.90 -43.53
CA GLY E 338 -6.00 -17.29 -42.15
C GLY E 338 -6.67 -18.65 -42.03
N GLY E 339 -6.82 -19.30 -43.17
CA GLY E 339 -7.47 -20.61 -43.25
C GLY E 339 -6.51 -21.72 -42.90
N THR E 340 -7.05 -22.80 -42.31
CA THR E 340 -6.27 -23.98 -41.91
C THR E 340 -5.82 -24.73 -43.15
N LEU E 341 -4.56 -25.16 -43.17
CA LEU E 341 -3.97 -25.92 -44.30
C LEU E 341 -3.92 -27.40 -43.92
N PRO E 342 -3.89 -28.35 -44.86
CA PRO E 342 -3.84 -29.76 -44.52
C PRO E 342 -2.41 -30.26 -44.25
N ARG E 343 -2.32 -31.43 -43.62
CA ARG E 343 -1.04 -32.07 -43.27
C ARG E 343 -0.18 -32.16 -44.53
N GLY E 344 0.88 -31.37 -44.59
CA GLY E 344 1.77 -31.45 -45.76
C GLY E 344 1.93 -30.12 -46.46
N ALA E 345 1.03 -29.20 -46.17
CA ALA E 345 1.11 -27.85 -46.75
C ALA E 345 2.06 -27.01 -45.91
N VAL E 346 2.68 -26.00 -46.49
CA VAL E 346 3.63 -25.14 -45.75
C VAL E 346 2.95 -23.80 -45.49
N GLY E 347 3.01 -23.32 -44.25
CA GLY E 347 2.35 -22.05 -43.90
C GLY E 347 2.80 -21.55 -42.55
N GLU E 348 2.09 -20.57 -42.01
CA GLU E 348 2.41 -19.94 -40.72
C GLU E 348 1.96 -20.86 -39.58
N VAL E 349 2.85 -21.04 -38.60
CA VAL E 349 2.60 -21.87 -37.43
C VAL E 349 1.85 -21.03 -36.40
N TRP E 350 0.64 -21.46 -36.05
CA TRP E 350 -0.17 -20.86 -34.99
C TRP E 350 -0.35 -21.88 -33.87
N VAL E 351 -0.37 -21.37 -32.65
CA VAL E 351 -0.30 -22.18 -31.45
C VAL E 351 -1.37 -21.70 -30.47
N ARG E 352 -2.06 -22.66 -29.82
CA ARG E 352 -2.97 -22.40 -28.71
C ARG E 352 -2.61 -23.38 -27.60
N SER E 353 -2.27 -22.85 -26.41
CA SER E 353 -1.83 -23.65 -25.29
C SER E 353 -1.96 -22.85 -23.98
N PRO E 354 -2.01 -23.54 -22.83
CA PRO E 354 -1.99 -22.87 -21.53
C PRO E 354 -0.67 -22.17 -21.20
N MET E 355 0.35 -22.29 -22.08
CA MET E 355 1.67 -21.73 -21.81
C MET E 355 1.87 -20.41 -22.55
N THR E 356 0.94 -20.03 -23.43
CA THR E 356 1.13 -18.83 -24.24
C THR E 356 1.01 -17.58 -23.38
N MET E 357 1.69 -16.51 -23.85
CA MET E 357 1.72 -15.21 -23.22
C MET E 357 0.29 -14.70 -23.04
N SER E 358 0.10 -13.80 -22.06
CA SER E 358 -1.14 -13.07 -21.89
C SER E 358 -1.20 -11.95 -22.92
N GLY E 359 -0.04 -11.40 -23.25
CA GLY E 359 0.07 -10.34 -24.21
C GLY E 359 1.29 -9.48 -23.96
N TYR E 360 1.54 -8.56 -24.89
CA TYR E 360 2.59 -7.59 -24.71
C TYR E 360 2.12 -6.60 -23.63
N TRP E 361 2.98 -6.39 -22.64
CA TRP E 361 2.75 -5.52 -21.51
C TRP E 361 2.34 -4.12 -21.95
N ARG E 362 1.13 -3.71 -21.56
CA ARG E 362 0.62 -2.34 -21.76
C ARG E 362 0.63 -2.01 -23.26
N ASP E 363 0.33 -2.99 -24.13
CA ASP E 363 0.35 -2.78 -25.58
C ASP E 363 -0.64 -3.72 -26.26
N PRO E 364 -1.96 -3.48 -26.17
CA PRO E 364 -2.96 -4.32 -26.82
C PRO E 364 -2.98 -4.18 -28.35
N GLU E 365 -2.57 -3.03 -28.88
CA GLU E 365 -2.52 -2.81 -30.35
C GLU E 365 -1.59 -3.87 -30.97
N ARG E 366 -0.37 -4.01 -30.42
CA ARG E 366 0.66 -4.98 -30.92
C ARG E 366 0.21 -6.41 -30.59
N THR E 367 -0.38 -6.61 -29.41
CA THR E 367 -0.83 -7.93 -28.97
C THR E 367 -1.84 -8.50 -29.95
N ALA E 368 -2.76 -7.66 -30.46
CA ALA E 368 -3.91 -8.09 -31.27
C ALA E 368 -3.50 -8.47 -32.70
N GLN E 369 -2.29 -8.06 -33.09
CA GLN E 369 -1.67 -8.43 -34.39
C GLN E 369 -1.08 -9.86 -34.36
N VAL E 370 -1.00 -10.44 -33.16
CA VAL E 370 -0.23 -11.64 -32.89
C VAL E 370 -1.12 -12.69 -32.21
N LEU E 371 -2.18 -12.26 -31.52
CA LEU E 371 -3.18 -13.16 -30.92
C LEU E 371 -4.53 -12.98 -31.61
N SER E 372 -5.31 -14.06 -31.63
CA SER E 372 -6.66 -14.03 -32.15
C SER E 372 -7.36 -15.35 -31.81
N GLY E 373 -8.38 -15.27 -30.93
CA GLY E 373 -9.21 -16.41 -30.62
C GLY E 373 -8.47 -17.40 -29.74
N GLY E 374 -7.48 -16.91 -29.00
CA GLY E 374 -6.64 -17.76 -28.16
C GLY E 374 -5.42 -18.28 -28.91
N TRP E 375 -5.35 -18.05 -30.23
CA TRP E 375 -4.28 -18.54 -31.08
C TRP E 375 -3.17 -17.49 -31.23
N LEU E 376 -1.91 -17.96 -31.13
CA LEU E 376 -0.73 -17.13 -31.22
C LEU E 376 -0.02 -17.43 -32.55
N ARG E 377 0.30 -16.35 -33.26
CA ARG E 377 1.15 -16.35 -34.45
C ARG E 377 2.62 -16.42 -33.99
N THR E 378 3.24 -17.59 -34.13
CA THR E 378 4.62 -17.80 -33.68
C THR E 378 5.59 -16.89 -34.45
N GLY E 379 5.34 -16.71 -35.74
CA GLY E 379 6.33 -16.02 -36.61
C GLY E 379 7.20 -16.99 -37.39
N ASP E 380 6.96 -18.28 -37.19
CA ASP E 380 7.61 -19.34 -37.92
C ASP E 380 6.66 -19.87 -38.99
N VAL E 381 7.27 -20.52 -39.98
CA VAL E 381 6.62 -21.14 -41.10
C VAL E 381 7.06 -22.59 -41.13
N GLY E 382 6.14 -23.51 -41.42
CA GLY E 382 6.45 -24.94 -41.36
C GLY E 382 5.35 -25.83 -41.88
N THR E 383 5.47 -27.11 -41.57
CA THR E 383 4.52 -28.12 -42.07
C THR E 383 4.65 -29.41 -41.26
N PHE E 384 3.63 -30.26 -41.30
CA PHE E 384 3.68 -31.52 -40.53
C PHE E 384 3.94 -32.68 -41.48
N ASP E 385 4.60 -33.73 -41.01
CA ASP E 385 4.87 -34.90 -41.82
C ASP E 385 3.74 -35.90 -41.58
N GLU E 386 3.83 -37.09 -42.21
CA GLU E 386 2.82 -38.16 -42.12
C GLU E 386 2.57 -38.59 -40.66
N ASP E 387 3.59 -38.50 -39.80
CA ASP E 387 3.52 -39.03 -38.42
C ASP E 387 3.22 -37.91 -37.40
N GLY E 388 2.96 -36.68 -37.87
CA GLY E 388 2.54 -35.55 -37.02
C GLY E 388 3.68 -34.83 -36.31
N HIS E 389 4.92 -34.94 -36.82
CA HIS E 389 6.05 -34.15 -36.35
C HIS E 389 6.11 -32.83 -37.15
N LEU E 390 6.35 -31.72 -36.45
CA LEU E 390 6.39 -30.42 -37.08
C LEU E 390 7.80 -30.19 -37.64
N HIS E 391 7.86 -29.66 -38.86
CA HIS E 391 9.11 -29.26 -39.52
C HIS E 391 9.06 -27.75 -39.84
N LEU E 392 10.03 -26.99 -39.35
CA LEU E 392 10.07 -25.55 -39.60
C LEU E 392 10.94 -25.24 -40.81
N THR E 393 10.38 -24.54 -41.80
CA THR E 393 11.03 -24.26 -43.06
C THR E 393 11.59 -22.83 -43.08
N ASP E 394 11.10 -21.91 -42.23
CA ASP E 394 11.21 -20.46 -42.57
C ASP E 394 10.73 -19.54 -41.46
N ARG E 395 11.22 -18.30 -41.52
CA ARG E 395 10.88 -17.22 -40.61
C ARG E 395 10.05 -16.16 -41.38
N LEU E 396 8.92 -15.74 -40.80
CA LEU E 396 8.12 -14.65 -41.36
C LEU E 396 8.96 -13.36 -41.44
N GLN E 397 9.80 -13.11 -40.42
CA GLN E 397 10.45 -11.80 -40.24
C GLN E 397 11.93 -11.91 -40.64
N ASP E 398 12.60 -10.76 -40.66
CA ASP E 398 13.99 -10.63 -41.13
C ASP E 398 14.91 -10.70 -39.90
N ILE E 399 15.28 -11.94 -39.57
CA ILE E 399 15.91 -12.24 -38.30
C ILE E 399 17.11 -13.14 -38.56
N ILE E 400 18.20 -12.79 -37.94
CA ILE E 400 19.42 -13.55 -37.88
C ILE E 400 19.47 -14.13 -36.46
N ILE E 401 19.57 -15.47 -36.36
CA ILE E 401 19.67 -16.12 -35.05
C ILE E 401 21.14 -16.40 -34.70
N VAL E 402 21.54 -15.93 -33.53
CA VAL E 402 22.89 -15.91 -33.04
C VAL E 402 22.84 -16.43 -31.60
N GLU E 403 23.50 -17.57 -31.38
CA GLU E 403 23.45 -18.31 -30.11
C GLU E 403 22.00 -18.33 -29.58
N ALA E 404 21.05 -18.74 -30.44
CA ALA E 404 19.66 -18.95 -30.07
C ALA E 404 18.93 -17.67 -29.67
N TYR E 405 19.42 -16.50 -30.12
CA TYR E 405 18.78 -15.22 -29.83
C TYR E 405 18.51 -14.51 -31.16
N ASN E 406 17.39 -13.81 -31.26
CA ASN E 406 16.89 -13.26 -32.53
C ASN E 406 17.36 -11.82 -32.72
N VAL E 407 18.16 -11.60 -33.76
CA VAL E 407 18.67 -10.29 -34.09
C VAL E 407 17.87 -9.80 -35.30
N TYR E 408 17.13 -8.70 -35.13
CA TYR E 408 16.42 -8.11 -36.22
C TYR E 408 17.36 -7.21 -37.04
N SER E 409 17.51 -7.57 -38.31
CA SER E 409 18.45 -6.92 -39.20
C SER E 409 18.17 -5.41 -39.32
N ARG E 410 16.89 -5.01 -39.27
CA ARG E 410 16.54 -3.60 -39.50
C ARG E 410 17.01 -2.77 -38.30
N ARG E 411 16.94 -3.33 -37.09
CA ARG E 411 17.42 -2.62 -35.91
C ARG E 411 18.92 -2.34 -36.05
N VAL E 412 19.68 -3.28 -36.61
CA VAL E 412 21.14 -3.12 -36.76
C VAL E 412 21.45 -2.07 -37.83
N GLU E 413 20.67 -2.06 -38.92
CA GLU E 413 20.82 -1.08 -40.01
C GLU E 413 20.52 0.35 -39.51
N HIS E 414 19.45 0.48 -38.70
CA HIS E 414 19.02 1.78 -38.16
C HIS E 414 20.18 2.40 -37.37
N VAL E 415 20.84 1.59 -36.53
CA VAL E 415 21.95 2.05 -35.70
C VAL E 415 23.15 2.46 -36.57
N LEU E 416 23.52 1.60 -37.53
CA LEU E 416 24.63 1.90 -38.42
C LEU E 416 24.35 3.22 -39.17
N THR E 417 23.13 3.40 -39.67
CA THR E 417 22.82 4.55 -40.54
C THR E 417 22.69 5.85 -39.74
N GLU E 418 22.44 5.75 -38.43
CA GLU E 418 22.39 6.93 -37.57
C GLU E 418 23.78 7.59 -37.52
N HIS E 419 24.81 6.76 -37.61
CA HIS E 419 26.18 7.26 -37.55
C HIS E 419 26.37 8.21 -38.73
N PRO E 420 26.99 9.38 -38.50
CA PRO E 420 27.10 10.40 -39.54
C PRO E 420 28.01 10.00 -40.71
N ASP E 421 28.87 8.97 -40.52
CA ASP E 421 29.84 8.57 -41.55
C ASP E 421 29.32 7.38 -42.36
N VAL E 422 28.11 6.88 -42.01
CA VAL E 422 27.47 5.85 -42.84
C VAL E 422 26.18 6.39 -43.46
N ARG E 423 26.10 6.35 -44.80
CA ARG E 423 24.89 6.66 -45.58
C ARG E 423 24.50 5.34 -46.20
N ALA E 424 23.61 4.59 -45.55
CA ALA E 424 23.08 3.23 -45.96
C ALA E 424 23.88 2.03 -45.40
N ALA E 425 23.10 0.98 -45.14
CA ALA E 425 23.60 -0.27 -44.60
C ALA E 425 22.58 -1.38 -44.86
N ALA E 426 23.10 -2.55 -45.25
CA ALA E 426 22.28 -3.73 -45.46
C ALA E 426 22.88 -4.86 -44.63
N VAL E 427 22.12 -5.36 -43.65
CA VAL E 427 22.62 -6.46 -42.82
C VAL E 427 21.83 -7.71 -43.07
N VAL E 428 22.60 -8.77 -43.29
CA VAL E 428 22.08 -10.12 -43.67
C VAL E 428 22.70 -11.14 -42.73
N GLY E 429 22.10 -12.32 -42.68
CA GLY E 429 22.61 -13.41 -41.82
C GLY E 429 23.13 -14.54 -42.69
N VAL E 430 24.34 -14.99 -42.40
CA VAL E 430 24.91 -16.13 -43.17
C VAL E 430 25.19 -17.25 -42.19
N PRO E 431 25.33 -18.51 -42.62
CA PRO E 431 25.64 -19.58 -41.72
C PRO E 431 27.00 -19.39 -41.06
N ASP E 432 27.09 -19.79 -39.81
CA ASP E 432 28.30 -19.78 -39.04
C ASP E 432 28.36 -21.05 -38.20
N PRO E 433 29.48 -21.81 -38.29
CA PRO E 433 29.59 -23.10 -37.60
C PRO E 433 29.52 -23.04 -36.06
N ASP E 434 29.95 -21.93 -35.45
CA ASP E 434 30.09 -21.82 -33.99
C ASP E 434 28.91 -21.05 -33.39
N SER E 435 28.20 -20.23 -34.17
CA SER E 435 27.14 -19.33 -33.64
C SER E 435 25.76 -19.63 -34.25
N GLY E 436 25.69 -20.60 -35.18
CA GLY E 436 24.50 -20.91 -35.99
C GLY E 436 24.43 -20.05 -37.24
N GLU E 437 24.30 -18.73 -37.03
CA GLU E 437 24.28 -17.70 -38.07
C GLU E 437 25.10 -16.51 -37.59
N ALA E 438 25.75 -15.83 -38.54
CA ALA E 438 26.60 -14.70 -38.27
C ALA E 438 25.91 -13.47 -38.89
N VAL E 439 25.88 -12.36 -38.16
CA VAL E 439 25.35 -11.12 -38.76
C VAL E 439 26.48 -10.44 -39.55
N CYS E 440 26.17 -10.07 -40.79
CA CYS E 440 27.11 -9.36 -41.67
C CYS E 440 26.51 -8.02 -42.11
N ALA E 441 27.34 -7.00 -42.22
CA ALA E 441 26.84 -5.67 -42.56
C ALA E 441 27.64 -5.10 -43.73
N ALA E 442 26.92 -4.80 -44.81
CA ALA E 442 27.46 -4.05 -45.93
C ALA E 442 27.09 -2.59 -45.70
N VAL E 443 28.10 -1.72 -45.80
CA VAL E 443 27.94 -0.34 -45.41
C VAL E 443 28.38 0.54 -46.59
N VAL E 444 27.58 1.56 -46.89
CA VAL E 444 28.03 2.64 -47.77
C VAL E 444 28.46 3.84 -46.92
N VAL E 445 29.70 4.28 -47.16
CA VAL E 445 30.35 5.25 -46.36
C VAL E 445 30.03 6.63 -46.94
N ALA E 446 30.03 7.66 -46.08
CA ALA E 446 29.71 9.02 -46.51
C ALA E 446 30.90 9.65 -47.25
N ASP E 447 30.56 10.55 -48.21
CA ASP E 447 31.43 11.55 -48.83
C ASP E 447 32.89 11.06 -48.94
N GLY E 448 33.70 11.45 -47.96
CA GLY E 448 35.13 11.09 -47.94
C GLY E 448 35.55 10.67 -46.55
N ALA E 449 34.70 9.85 -45.91
CA ALA E 449 34.95 9.34 -44.57
C ALA E 449 35.70 8.01 -44.67
N ASP E 450 36.30 7.58 -43.55
CA ASP E 450 37.04 6.33 -43.49
C ASP E 450 36.85 5.70 -42.12
N PRO E 451 35.62 5.32 -41.71
CA PRO E 451 35.38 4.85 -40.35
C PRO E 451 36.00 3.46 -40.15
N ASP E 452 36.24 3.15 -38.88
CA ASP E 452 36.88 1.92 -38.49
C ASP E 452 35.79 0.87 -38.34
N PRO E 453 35.82 -0.24 -39.10
CA PRO E 453 34.85 -1.33 -38.93
C PRO E 453 34.60 -1.66 -37.45
N GLU E 454 35.67 -1.58 -36.66
CA GLU E 454 35.61 -1.93 -35.25
C GLU E 454 34.81 -0.87 -34.46
N HIS E 455 34.87 0.39 -34.86
CA HIS E 455 34.06 1.46 -34.24
C HIS E 455 32.59 1.17 -34.50
N LEU E 456 32.26 0.71 -35.70
CA LEU E 456 30.90 0.36 -36.07
C LEU E 456 30.42 -0.86 -35.27
N ARG E 457 31.25 -1.90 -35.15
CA ARG E 457 30.91 -3.02 -34.28
C ARG E 457 30.61 -2.49 -32.86
N ALA E 458 31.44 -1.57 -32.38
CA ALA E 458 31.38 -1.07 -31.01
C ALA E 458 30.14 -0.22 -30.80
N LEU E 459 29.74 0.50 -31.84
CA LEU E 459 28.56 1.34 -31.86
C LEU E 459 27.31 0.44 -31.74
N VAL E 460 27.28 -0.65 -32.49
CA VAL E 460 26.17 -1.58 -32.42
C VAL E 460 26.15 -2.20 -31.02
N ARG E 461 27.32 -2.55 -30.50
CA ARG E 461 27.39 -3.19 -29.19
C ARG E 461 26.83 -2.26 -28.11
N ASP E 462 27.06 -0.95 -28.21
CA ASP E 462 26.63 0.02 -27.17
C ASP E 462 25.11 0.20 -27.22
N HIS E 463 24.53 0.23 -28.42
CA HIS E 463 23.12 0.58 -28.65
C HIS E 463 22.22 -0.66 -28.51
N LEU E 464 22.65 -1.80 -29.07
CA LEU E 464 21.82 -3.00 -29.13
C LEU E 464 22.27 -4.09 -28.14
N GLY E 465 23.56 -4.34 -28.00
CA GLY E 465 24.01 -5.48 -27.17
C GLY E 465 24.87 -6.43 -27.97
N ASP E 466 25.45 -7.45 -27.33
CA ASP E 466 26.59 -8.20 -27.86
C ASP E 466 26.18 -8.99 -29.12
N LEU E 467 24.99 -9.61 -29.10
CA LEU E 467 24.65 -10.56 -30.14
C LEU E 467 24.35 -9.84 -31.46
N HIS E 468 24.00 -8.55 -31.42
CA HIS E 468 23.65 -7.77 -32.61
C HIS E 468 24.90 -7.29 -33.37
N VAL E 469 26.08 -7.34 -32.72
CA VAL E 469 27.30 -6.81 -33.32
C VAL E 469 27.69 -7.66 -34.54
N PRO E 470 27.83 -7.03 -35.73
CA PRO E 470 28.13 -7.75 -36.97
C PRO E 470 29.56 -8.30 -36.94
N ARG E 471 29.68 -9.59 -37.26
CA ARG E 471 30.96 -10.29 -37.30
C ARG E 471 31.78 -9.76 -38.48
N ARG E 472 31.17 -9.64 -39.66
CA ARG E 472 31.83 -9.07 -40.85
C ARG E 472 31.23 -7.68 -41.11
N VAL E 473 32.09 -6.71 -41.44
CA VAL E 473 31.67 -5.39 -41.89
C VAL E 473 32.40 -5.07 -43.21
N GLU E 474 31.66 -4.89 -44.31
CA GLU E 474 32.25 -4.71 -45.64
C GLU E 474 31.78 -3.36 -46.21
N PHE E 475 32.72 -2.59 -46.74
CA PHE E 475 32.40 -1.29 -47.34
C PHE E 475 32.18 -1.50 -48.84
N VAL E 476 31.07 -0.93 -49.33
CA VAL E 476 30.67 -1.09 -50.73
C VAL E 476 30.30 0.30 -51.29
N ARG E 477 30.35 0.41 -52.63
CA ARG E 477 30.11 1.69 -53.30
C ARG E 477 28.61 2.01 -53.19
N SER E 478 27.75 1.00 -53.31
CA SER E 478 26.30 1.20 -53.16
C SER E 478 25.58 -0.10 -52.80
N ILE E 479 24.35 0.04 -52.31
CA ILE E 479 23.52 -1.11 -52.00
C ILE E 479 22.70 -1.43 -53.24
N PRO E 480 22.77 -2.66 -53.78
CA PRO E 480 22.01 -3.04 -54.97
C PRO E 480 20.52 -3.01 -54.68
N VAL E 481 19.72 -2.63 -55.68
CA VAL E 481 18.26 -2.55 -55.53
C VAL E 481 17.57 -3.61 -56.40
N THR E 482 16.42 -4.11 -55.91
CA THR E 482 15.51 -4.98 -56.66
C THR E 482 14.89 -4.14 -57.77
N PRO E 483 14.22 -4.76 -58.77
CA PRO E 483 13.48 -4.00 -59.76
C PRO E 483 12.48 -3.02 -59.14
N ALA E 484 11.88 -3.40 -58.00
CA ALA E 484 10.87 -2.59 -57.30
C ALA E 484 11.52 -1.41 -56.54
N GLY E 485 12.86 -1.39 -56.47
CA GLY E 485 13.62 -0.24 -55.94
C GLY E 485 13.98 -0.40 -54.47
N LYS E 486 13.85 -1.62 -53.94
CA LYS E 486 14.19 -1.92 -52.55
C LYS E 486 15.59 -2.49 -52.46
N PRO E 487 16.23 -2.53 -51.27
CA PRO E 487 17.51 -3.19 -51.10
C PRO E 487 17.45 -4.68 -51.47
N ASP E 488 18.31 -5.10 -52.40
CA ASP E 488 18.42 -6.47 -52.83
C ASP E 488 19.24 -7.24 -51.81
N LYS E 489 18.57 -7.68 -50.75
CA LYS E 489 19.24 -8.36 -49.62
C LYS E 489 19.66 -9.76 -50.01
N VAL E 490 19.13 -10.31 -51.09
CA VAL E 490 19.62 -11.66 -51.43
C VAL E 490 20.96 -11.49 -52.15
N LYS E 491 21.13 -10.39 -52.88
CA LYS E 491 22.42 -10.15 -53.57
C LYS E 491 23.51 -9.82 -52.55
N VAL E 492 23.19 -9.00 -51.54
CA VAL E 492 24.16 -8.60 -50.48
C VAL E 492 24.62 -9.84 -49.71
N ARG E 493 23.71 -10.78 -49.49
CA ARG E 493 23.98 -12.04 -48.76
C ARG E 493 24.96 -12.91 -49.52
N THR E 494 24.99 -12.84 -50.85
CA THR E 494 25.93 -13.65 -51.66
C THR E 494 27.37 -13.13 -51.54
N TRP E 495 27.56 -11.88 -51.14
CA TRP E 495 28.88 -11.22 -50.97
C TRP E 495 29.61 -11.77 -49.73
N PHE E 496 28.86 -12.41 -48.85
CA PHE E 496 29.41 -12.85 -47.54
C PHE E 496 29.36 -14.37 -47.39
N THR E 497 28.82 -15.07 -48.36
CA THR E 497 28.78 -16.54 -48.26
C THR E 497 29.92 -17.08 -49.13
N ASP E 498 30.60 -18.13 -48.69
CA ASP E 498 31.73 -18.72 -49.45
C ASP E 498 31.25 -19.97 -50.19
#